data_5LW1
#
_entry.id   5LW1
#
_cell.length_a   219.990
_cell.length_b   141.760
_cell.length_c   119.850
_cell.angle_alpha   90.00
_cell.angle_beta   97.83
_cell.angle_gamma   90.00
#
_symmetry.space_group_name_H-M   'C 1 2 1'
#
loop_
_entity.id
_entity.type
_entity.pdbx_description
1 polymer DD_232_11_D12
2 polymer 'Mitogen-activated protein kinase 8'
3 polymer 'C-Jun-amino-terminal kinase-interacting protein 1'
4 polymer Pepstatin
5 non-polymer 'SULFATE ION'
6 non-polymer ADENOSINE
#
loop_
_entity_poly.entity_id
_entity_poly.type
_entity_poly.pdbx_seq_one_letter_code
_entity_poly.pdbx_strand_id
1 'polypeptide(L)'
;MRGSHHHHHHGSDLGKKLLEAARAGQDDEVRILMANGADVNASDQLGITPLHLVAITGHLEIVEVLLKNGADVNAHDFVG
TTPLHLAAFLGHLEIVEVLLKYGADVNAVDRDGLTPLHLAAIHGHLEIVEVLLKHGALVKAKDKFGKTPKDLARDNGNQF
IYELLEKAELLEKLLLEAAREGHRDRVEEFIKRGADVNTADETGFTPLHLAAWEGHLGIVEVLLKNGADVNANDERGHTP
LHLAAYTGHLEIVEVLLKNGAGVNATDVIGTAPLHLAAMWGHLEIVEVLLKHGADVNAQDKFGKTPFDLAIDNGNEDIAE
VLQKAA
;
A,D,G
2 'polypeptide(L)'
;MRGSHHHHHHGSRSKRDNNFYSVEIGDSTFTVLKRYQNLKPIGSGAQGIVCAAYDAILERNVAIKKLSRPFQNQTHAKRA
YRELVLMKCVNHKNIIGLLNVFTPQKSLEEFQDVYIVMELMDANLCQVIQMELDHERMSYLLYQMLCGIKHLHSAGIIHR
DLKPSNIVVKSDCTLKILDFGLARTAGTSFMMTPYVVTRYYRAPEVILGMGYKENVDLWSVGCIMGEMVCHKILFPGRDY
IDQWNKVIEQLGTPCPEFMKKLQPTVRTYVENRPKYAGYSFEKLFPDVLFPADSEHNKLKASQARDLLSKMLVIDASKRI
SVDEALQHPYINVWYDPSEAEAPPPKIPDKQLDEREHTIEEWKELIYKEVMDL
;
B,E,H
3 'polypeptide(L)' RPKRPTTLNLF C,F,I
4 'polypeptide(L)' (IVA)VV(STA)A(STA) L
#
loop_
_chem_comp.id
_chem_comp.type
_chem_comp.name
_chem_comp.formula
ADN non-polymer ADENOSINE 'C10 H13 N5 O4'
IVA non-polymer 'ISOVALERIC ACID' 'C5 H10 O2'
SO4 non-polymer 'SULFATE ION' 'O4 S -2'
STA peptide-like STATINE 'C8 H17 N O3'
#
# COMPACT_ATOMS: atom_id res chain seq x y z
N HIS A 6 6.63 -67.52 -36.91
CA HIS A 6 6.89 -68.92 -36.63
C HIS A 6 6.86 -69.19 -35.13
N HIS A 7 7.57 -68.37 -34.36
CA HIS A 7 7.62 -68.50 -32.91
C HIS A 7 6.54 -67.62 -32.28
N HIS A 8 5.70 -68.23 -31.46
CA HIS A 8 4.57 -67.56 -30.84
C HIS A 8 4.83 -67.45 -29.34
N HIS A 9 5.13 -66.24 -28.87
CA HIS A 9 5.37 -65.99 -27.46
C HIS A 9 4.07 -65.62 -26.76
N HIS A 10 3.96 -66.02 -25.51
CA HIS A 10 2.81 -65.72 -24.67
C HIS A 10 3.29 -65.26 -23.30
N GLY A 11 2.50 -64.40 -22.67
CA GLY A 11 2.85 -63.87 -21.37
C GLY A 11 1.69 -63.99 -20.40
N SER A 12 2.04 -64.09 -19.12
CA SER A 12 1.03 -64.16 -18.08
C SER A 12 0.30 -62.82 -17.94
N ASP A 13 1.03 -61.71 -18.07
CA ASP A 13 0.42 -60.38 -18.18
C ASP A 13 -0.35 -60.01 -16.92
N LEU A 14 0.27 -60.24 -15.76
CA LEU A 14 -0.31 -59.86 -14.48
C LEU A 14 -0.40 -58.35 -14.32
N GLY A 15 0.37 -57.59 -15.10
CA GLY A 15 0.32 -56.14 -14.99
C GLY A 15 -1.05 -55.58 -15.31
N LYS A 16 -1.78 -56.21 -16.24
CA LYS A 16 -3.16 -55.78 -16.50
C LYS A 16 -4.02 -56.03 -15.27
N LYS A 17 -3.78 -57.14 -14.57
CA LYS A 17 -4.50 -57.41 -13.34
C LYS A 17 -4.06 -56.45 -12.23
N LEU A 18 -2.78 -56.09 -12.22
CA LEU A 18 -2.29 -55.12 -11.24
C LEU A 18 -2.83 -53.72 -11.53
N LEU A 19 -2.91 -53.35 -12.80
CA LEU A 19 -3.48 -52.07 -13.17
C LEU A 19 -4.94 -51.97 -12.71
N GLU A 20 -5.70 -53.05 -12.89
CA GLU A 20 -7.10 -53.03 -12.47
C GLU A 20 -7.22 -53.04 -10.96
N ALA A 21 -6.32 -53.75 -10.26
CA ALA A 21 -6.36 -53.77 -8.81
C ALA A 21 -5.96 -52.42 -8.23
N ALA A 22 -5.10 -51.67 -8.91
CA ALA A 22 -4.76 -50.34 -8.46
C ALA A 22 -5.87 -49.36 -8.77
N ARG A 23 -6.51 -49.50 -9.94
CA ARG A 23 -7.61 -48.62 -10.31
C ARG A 23 -8.82 -48.84 -9.40
N ALA A 24 -9.09 -50.08 -9.02
CA ALA A 24 -10.18 -50.39 -8.11
C ALA A 24 -9.83 -50.11 -6.66
N GLY A 25 -8.56 -49.84 -6.35
CA GLY A 25 -8.17 -49.54 -4.99
C GLY A 25 -8.22 -50.73 -4.07
N GLN A 26 -7.92 -51.92 -4.57
CA GLN A 26 -7.86 -53.14 -3.75
C GLN A 26 -6.41 -53.36 -3.38
N ASP A 27 -6.05 -52.95 -2.16
CA ASP A 27 -4.64 -52.98 -1.74
C ASP A 27 -4.16 -54.41 -1.50
N ASP A 28 -5.03 -55.28 -0.99
CA ASP A 28 -4.62 -56.64 -0.69
C ASP A 28 -4.32 -57.41 -1.97
N GLU A 29 -5.08 -57.15 -3.04
CA GLU A 29 -4.78 -57.80 -4.32
C GLU A 29 -3.50 -57.25 -4.93
N VAL A 30 -3.25 -55.94 -4.76
CA VAL A 30 -2.01 -55.35 -5.27
C VAL A 30 -0.81 -55.97 -4.58
N ARG A 31 -0.89 -56.15 -3.26
CA ARG A 31 0.21 -56.80 -2.54
C ARG A 31 0.35 -58.26 -2.96
N ILE A 32 -0.77 -58.94 -3.21
CA ILE A 32 -0.73 -60.32 -3.64
C ILE A 32 -0.13 -60.42 -5.04
N LEU A 33 -0.51 -59.50 -5.94
CA LEU A 33 0.01 -59.54 -7.30
C LEU A 33 1.50 -59.23 -7.33
N MET A 34 1.94 -58.23 -6.58
CA MET A 34 3.37 -57.93 -6.49
C MET A 34 4.13 -59.11 -5.90
N ALA A 35 3.54 -59.78 -4.92
CA ALA A 35 4.18 -60.95 -4.32
C ALA A 35 4.22 -62.14 -5.27
N ASN A 36 3.40 -62.13 -6.33
CA ASN A 36 3.42 -63.19 -7.32
C ASN A 36 4.19 -62.84 -8.59
N GLY A 37 4.83 -61.67 -8.63
CA GLY A 37 5.70 -61.31 -9.73
C GLY A 37 5.22 -60.20 -10.63
N ALA A 38 4.13 -59.52 -10.29
CA ALA A 38 3.62 -58.45 -11.15
C ALA A 38 4.61 -57.30 -11.24
N ASP A 39 4.77 -56.75 -12.44
CA ASP A 39 5.68 -55.64 -12.68
C ASP A 39 5.05 -54.33 -12.20
N VAL A 40 5.72 -53.65 -11.27
CA VAL A 40 5.21 -52.38 -10.76
C VAL A 40 5.22 -51.28 -11.81
N ASN A 41 5.86 -51.51 -12.95
CA ASN A 41 5.90 -50.55 -14.05
C ASN A 41 5.08 -51.02 -15.25
N ALA A 42 3.98 -51.73 -14.99
CA ALA A 42 3.10 -52.17 -16.06
C ALA A 42 2.46 -50.99 -16.77
N SER A 43 2.58 -50.96 -18.09
CA SER A 43 2.09 -49.86 -18.90
C SER A 43 0.81 -50.25 -19.64
N ASP A 44 -0.16 -49.34 -19.64
CA ASP A 44 -1.40 -49.45 -20.38
C ASP A 44 -1.17 -48.94 -21.79
N GLN A 45 -2.17 -49.08 -22.66
CA GLN A 45 -2.05 -48.51 -24.00
C GLN A 45 -1.97 -46.98 -23.94
N LEU A 46 -2.48 -46.39 -22.86
CA LEU A 46 -2.45 -44.95 -22.67
C LEU A 46 -1.24 -44.48 -21.86
N GLY A 47 -0.38 -45.40 -21.44
CA GLY A 47 0.79 -45.05 -20.68
C GLY A 47 0.59 -44.92 -19.19
N ILE A 48 -0.50 -45.48 -18.66
CA ILE A 48 -0.79 -45.37 -17.23
C ILE A 48 -0.11 -46.51 -16.50
N THR A 49 0.70 -46.17 -15.51
CA THR A 49 1.37 -47.11 -14.63
C THR A 49 0.59 -47.26 -13.33
N PRO A 50 0.83 -48.34 -12.56
CA PRO A 50 0.14 -48.46 -11.27
C PRO A 50 0.38 -47.28 -10.35
N LEU A 51 1.54 -46.64 -10.42
CA LEU A 51 1.80 -45.47 -9.58
C LEU A 51 0.84 -44.34 -9.89
N HIS A 52 0.42 -44.20 -11.15
CA HIS A 52 -0.61 -43.23 -11.49
C HIS A 52 -1.91 -43.54 -10.76
N LEU A 53 -2.39 -44.79 -10.87
CA LEU A 53 -3.70 -45.14 -10.35
C LEU A 53 -3.74 -45.10 -8.83
N VAL A 54 -2.65 -45.53 -8.17
CA VAL A 54 -2.63 -45.50 -6.71
C VAL A 54 -2.51 -44.06 -6.22
N ALA A 55 -1.80 -43.21 -6.95
CA ALA A 55 -1.78 -41.78 -6.62
C ALA A 55 -3.16 -41.18 -6.71
N ILE A 56 -4.00 -41.66 -7.63
CA ILE A 56 -5.36 -41.14 -7.75
C ILE A 56 -6.19 -41.57 -6.56
N THR A 57 -6.11 -42.85 -6.19
CA THR A 57 -6.87 -43.34 -5.04
C THR A 57 -6.35 -42.77 -3.73
N GLY A 58 -5.10 -42.32 -3.68
CA GLY A 58 -4.57 -41.71 -2.49
C GLY A 58 -4.17 -42.68 -1.39
N HIS A 59 -3.82 -43.92 -1.75
CA HIS A 59 -3.40 -44.92 -0.76
C HIS A 59 -1.90 -44.78 -0.57
N LEU A 60 -1.51 -44.04 0.48
CA LEU A 60 -0.10 -43.73 0.72
C LEU A 60 0.73 -44.98 0.94
N GLU A 61 0.19 -45.95 1.68
CA GLU A 61 0.95 -47.15 2.01
C GLU A 61 1.43 -47.87 0.75
N ILE A 62 0.54 -48.01 -0.24
CA ILE A 62 0.89 -48.76 -1.44
C ILE A 62 1.66 -47.91 -2.45
N VAL A 63 1.53 -46.59 -2.38
CA VAL A 63 2.40 -45.72 -3.18
C VAL A 63 3.86 -45.95 -2.81
N GLU A 64 4.15 -45.99 -1.51
CA GLU A 64 5.52 -46.19 -1.07
C GLU A 64 6.02 -47.60 -1.38
N VAL A 65 5.13 -48.59 -1.36
CA VAL A 65 5.54 -49.95 -1.72
C VAL A 65 5.89 -50.01 -3.20
N LEU A 66 5.12 -49.30 -4.03
CA LEU A 66 5.46 -49.22 -5.45
C LEU A 66 6.79 -48.51 -5.67
N LEU A 67 7.01 -47.40 -4.98
CA LEU A 67 8.25 -46.66 -5.15
C LEU A 67 9.45 -47.45 -4.65
N LYS A 68 9.29 -48.18 -3.54
CA LYS A 68 10.38 -48.99 -3.02
C LYS A 68 10.74 -50.14 -3.95
N ASN A 69 9.79 -50.59 -4.78
CA ASN A 69 10.02 -51.70 -5.69
C ASN A 69 10.41 -51.24 -7.09
N GLY A 70 10.68 -49.95 -7.27
CA GLY A 70 11.29 -49.46 -8.49
C GLY A 70 10.36 -48.76 -9.46
N ALA A 71 9.16 -48.38 -9.04
CA ALA A 71 8.24 -47.72 -9.96
C ALA A 71 8.79 -46.37 -10.41
N ASP A 72 8.62 -46.08 -11.70
CA ASP A 72 9.07 -44.82 -12.27
C ASP A 72 8.24 -43.69 -11.67
N VAL A 73 8.88 -42.84 -10.87
CA VAL A 73 8.15 -41.76 -10.21
C VAL A 73 7.77 -40.65 -11.19
N ASN A 74 8.41 -40.59 -12.37
CA ASN A 74 8.14 -39.55 -13.34
C ASN A 74 7.57 -40.11 -14.63
N ALA A 75 6.85 -41.23 -14.55
CA ALA A 75 6.19 -41.75 -15.74
C ALA A 75 5.05 -40.83 -16.17
N HIS A 76 4.96 -40.56 -17.46
CA HIS A 76 3.90 -39.75 -18.03
C HIS A 76 3.08 -40.60 -19.00
N ASP A 77 1.77 -40.35 -19.02
CA ASP A 77 0.86 -41.07 -19.91
C ASP A 77 0.82 -40.37 -21.27
N PHE A 78 -0.18 -40.72 -22.09
CA PHE A 78 -0.24 -40.24 -23.46
C PHE A 78 -0.47 -38.73 -23.55
N VAL A 79 -0.99 -38.10 -22.49
CA VAL A 79 -1.11 -36.65 -22.45
C VAL A 79 -0.04 -36.01 -21.56
N GLY A 80 0.94 -36.80 -21.12
CA GLY A 80 2.06 -36.26 -20.36
C GLY A 80 1.80 -36.06 -18.89
N THR A 81 0.83 -36.76 -18.31
CA THR A 81 0.49 -36.59 -16.91
C THR A 81 1.33 -37.51 -16.03
N THR A 82 2.12 -36.92 -15.15
CA THR A 82 2.89 -37.62 -14.13
C THR A 82 2.02 -37.86 -12.89
N PRO A 83 2.37 -38.85 -12.07
CA PRO A 83 1.62 -39.04 -10.81
C PRO A 83 1.58 -37.80 -9.94
N LEU A 84 2.59 -36.94 -10.01
CA LEU A 84 2.58 -35.71 -9.24
C LEU A 84 1.50 -34.75 -9.72
N HIS A 85 1.25 -34.73 -11.03
CA HIS A 85 0.13 -33.94 -11.56
C HIS A 85 -1.18 -34.37 -10.91
N LEU A 86 -1.45 -35.68 -10.91
CA LEU A 86 -2.69 -36.19 -10.34
C LEU A 86 -2.78 -35.88 -8.85
N ALA A 87 -1.68 -36.06 -8.11
CA ALA A 87 -1.69 -35.80 -6.68
C ALA A 87 -1.90 -34.32 -6.40
N ALA A 88 -1.32 -33.45 -7.22
CA ALA A 88 -1.56 -32.01 -7.07
C ALA A 88 -2.98 -31.65 -7.48
N PHE A 89 -3.51 -32.31 -8.50
CA PHE A 89 -4.88 -32.03 -8.94
C PHE A 89 -5.91 -32.44 -7.90
N LEU A 90 -5.73 -33.61 -7.30
CA LEU A 90 -6.70 -34.13 -6.33
C LEU A 90 -6.43 -33.66 -4.90
N GLY A 91 -5.28 -33.04 -4.65
CA GLY A 91 -5.01 -32.51 -3.33
C GLY A 91 -4.50 -33.52 -2.33
N HIS A 92 -3.71 -34.50 -2.76
CA HIS A 92 -3.15 -35.49 -1.85
C HIS A 92 -1.78 -35.00 -1.39
N LEU A 93 -1.79 -34.19 -0.34
CA LEU A 93 -0.53 -33.65 0.20
C LEU A 93 0.39 -34.78 0.64
N GLU A 94 -0.17 -35.83 1.23
CA GLU A 94 0.65 -36.94 1.71
C GLU A 94 1.37 -37.62 0.56
N ILE A 95 0.67 -37.80 -0.57
CA ILE A 95 1.27 -38.45 -1.73
C ILE A 95 2.22 -37.49 -2.45
N VAL A 96 1.94 -36.19 -2.46
CA VAL A 96 2.84 -35.23 -3.07
C VAL A 96 4.21 -35.28 -2.40
N GLU A 97 4.23 -35.32 -1.07
CA GLU A 97 5.49 -35.32 -0.33
C GLU A 97 6.28 -36.60 -0.57
N VAL A 98 5.60 -37.76 -0.54
CA VAL A 98 6.31 -39.02 -0.75
C VAL A 98 6.78 -39.15 -2.20
N LEU A 99 6.04 -38.58 -3.15
CA LEU A 99 6.50 -38.59 -4.54
C LEU A 99 7.76 -37.75 -4.70
N LEU A 100 7.76 -36.54 -4.12
CA LEU A 100 8.96 -35.71 -4.15
C LEU A 100 10.09 -36.34 -3.38
N LYS A 101 9.78 -37.07 -2.31
CA LYS A 101 10.82 -37.75 -1.53
C LYS A 101 11.56 -38.77 -2.39
N TYR A 102 10.84 -39.53 -3.21
CA TYR A 102 11.45 -40.51 -4.10
C TYR A 102 11.86 -39.92 -5.44
N GLY A 103 12.09 -38.62 -5.50
CA GLY A 103 12.72 -38.01 -6.66
C GLY A 103 11.79 -37.68 -7.82
N ALA A 104 10.62 -37.12 -7.54
CA ALA A 104 9.72 -36.71 -8.60
C ALA A 104 10.16 -35.37 -9.20
N ASP A 105 9.81 -35.16 -10.47
CA ASP A 105 10.12 -33.91 -11.15
C ASP A 105 9.09 -32.86 -10.73
N VAL A 106 9.57 -31.81 -10.04
CA VAL A 106 8.67 -30.77 -9.55
C VAL A 106 8.10 -29.98 -10.73
N ASN A 107 8.90 -29.79 -11.78
CA ASN A 107 8.50 -29.01 -12.95
C ASN A 107 8.12 -29.89 -14.13
N ALA A 108 7.69 -31.12 -13.88
CA ALA A 108 7.18 -31.97 -14.94
C ALA A 108 6.05 -31.28 -15.70
N VAL A 109 6.07 -31.40 -17.02
CA VAL A 109 5.18 -30.66 -17.89
C VAL A 109 4.38 -31.65 -18.73
N ASP A 110 3.11 -31.32 -18.96
CA ASP A 110 2.18 -32.17 -19.70
C ASP A 110 1.95 -31.63 -21.12
N ARG A 111 0.91 -32.17 -21.77
CA ARG A 111 0.65 -31.82 -23.17
C ARG A 111 0.40 -30.33 -23.35
N ASP A 112 -0.35 -29.70 -22.43
CA ASP A 112 -0.72 -28.30 -22.54
C ASP A 112 0.21 -27.39 -21.74
N GLY A 113 1.39 -27.88 -21.36
CA GLY A 113 2.36 -27.01 -20.73
C GLY A 113 2.15 -26.77 -19.26
N LEU A 114 1.33 -27.59 -18.60
CA LEU A 114 0.98 -27.38 -17.20
C LEU A 114 1.94 -28.14 -16.29
N THR A 115 2.48 -27.44 -15.31
CA THR A 115 3.28 -28.02 -14.24
C THR A 115 2.40 -28.37 -13.05
N PRO A 116 2.89 -29.20 -12.12
CA PRO A 116 2.09 -29.48 -10.91
C PRO A 116 1.73 -28.24 -10.12
N LEU A 117 2.54 -27.17 -10.20
CA LEU A 117 2.19 -25.93 -9.51
C LEU A 117 0.97 -25.29 -10.13
N HIS A 118 0.80 -25.41 -11.44
CA HIS A 118 -0.43 -24.92 -12.08
C HIS A 118 -1.65 -25.61 -11.49
N LEU A 119 -1.60 -26.94 -11.37
CA LEU A 119 -2.77 -27.68 -10.93
C LEU A 119 -3.09 -27.39 -9.47
N ALA A 120 -2.07 -27.26 -8.63
CA ALA A 120 -2.31 -26.87 -7.24
C ALA A 120 -2.91 -25.47 -7.16
N ALA A 121 -2.49 -24.57 -8.05
CA ALA A 121 -3.04 -23.22 -8.05
C ALA A 121 -4.47 -23.20 -8.61
N ILE A 122 -4.74 -24.02 -9.62
CA ILE A 122 -6.08 -24.04 -10.22
C ILE A 122 -7.12 -24.50 -9.20
N HIS A 123 -6.82 -25.56 -8.45
CA HIS A 123 -7.78 -26.19 -7.58
C HIS A 123 -7.62 -25.80 -6.11
N GLY A 124 -6.82 -24.78 -5.82
CA GLY A 124 -6.77 -24.20 -4.49
C GLY A 124 -6.22 -25.09 -3.40
N HIS A 125 -5.13 -25.80 -3.66
CA HIS A 125 -4.46 -26.63 -2.65
C HIS A 125 -3.26 -25.85 -2.14
N LEU A 126 -3.49 -24.99 -1.15
CA LEU A 126 -2.46 -24.06 -0.69
C LEU A 126 -1.25 -24.79 -0.13
N GLU A 127 -1.46 -25.74 0.78
CA GLU A 127 -0.34 -26.45 1.39
C GLU A 127 0.49 -27.19 0.34
N ILE A 128 -0.13 -27.66 -0.73
CA ILE A 128 0.62 -28.31 -1.80
C ILE A 128 1.44 -27.27 -2.56
N VAL A 129 0.87 -26.08 -2.78
CA VAL A 129 1.64 -25.00 -3.42
C VAL A 129 2.90 -24.71 -2.62
N GLU A 130 2.80 -24.69 -1.30
CA GLU A 130 3.97 -24.44 -0.46
C GLU A 130 5.00 -25.55 -0.62
N VAL A 131 4.56 -26.80 -0.60
CA VAL A 131 5.49 -27.93 -0.72
C VAL A 131 6.13 -27.94 -2.10
N LEU A 132 5.35 -27.65 -3.14
CA LEU A 132 5.91 -27.60 -4.49
C LEU A 132 6.94 -26.48 -4.62
N LEU A 133 6.64 -25.30 -4.06
CA LEU A 133 7.58 -24.19 -4.10
C LEU A 133 8.83 -24.48 -3.27
N LYS A 134 8.65 -25.17 -2.14
CA LYS A 134 9.79 -25.51 -1.29
C LYS A 134 10.77 -26.41 -2.03
N HIS A 135 10.26 -27.31 -2.87
CA HIS A 135 11.09 -28.21 -3.65
C HIS A 135 11.53 -27.62 -4.98
N GLY A 136 11.39 -26.30 -5.15
CA GLY A 136 11.93 -25.61 -6.30
C GLY A 136 11.04 -25.65 -7.53
N ALA A 137 9.77 -25.26 -7.37
CA ALA A 137 8.89 -25.13 -8.52
C ALA A 137 9.09 -23.78 -9.18
N LEU A 138 9.02 -23.76 -10.51
CA LEU A 138 9.16 -22.52 -11.26
C LEU A 138 7.94 -21.65 -11.02
N VAL A 139 8.13 -20.50 -10.37
CA VAL A 139 7.00 -19.68 -9.97
C VAL A 139 6.33 -19.06 -11.18
N LYS A 140 7.11 -18.67 -12.18
CA LYS A 140 6.60 -18.02 -13.38
C LYS A 140 6.51 -18.97 -14.57
N ALA A 141 6.26 -20.25 -14.31
CA ALA A 141 6.16 -21.23 -15.38
C ALA A 141 4.93 -20.95 -16.23
N LYS A 142 5.14 -20.74 -17.53
CA LYS A 142 4.06 -20.47 -18.46
C LYS A 142 3.66 -21.75 -19.18
N ASP A 143 2.39 -21.80 -19.60
CA ASP A 143 1.83 -23.00 -20.21
C ASP A 143 1.60 -22.77 -21.71
N LYS A 144 0.75 -23.62 -22.30
CA LYS A 144 0.42 -23.50 -23.72
C LYS A 144 -0.13 -22.12 -24.05
N PHE A 145 -0.75 -21.46 -23.08
CA PHE A 145 -1.40 -20.17 -23.31
C PHE A 145 -0.67 -19.01 -22.61
N GLY A 146 0.54 -19.24 -22.13
CA GLY A 146 1.31 -18.17 -21.52
C GLY A 146 0.86 -17.76 -20.14
N LYS A 147 0.06 -18.58 -19.47
CA LYS A 147 -0.48 -18.29 -18.15
C LYS A 147 0.40 -18.90 -17.07
N THR A 148 0.80 -18.06 -16.11
CA THR A 148 1.54 -18.50 -14.93
C THR A 148 0.58 -19.10 -13.90
N PRO A 149 1.10 -19.84 -12.93
CA PRO A 149 0.23 -20.35 -11.86
C PRO A 149 -0.52 -19.25 -11.11
N LYS A 150 0.10 -18.07 -10.95
CA LYS A 150 -0.61 -16.95 -10.34
C LYS A 150 -1.80 -16.53 -11.20
N ASP A 151 -1.64 -16.57 -12.53
CA ASP A 151 -2.75 -16.23 -13.41
C ASP A 151 -3.91 -17.21 -13.24
N LEU A 152 -3.60 -18.51 -13.12
CA LEU A 152 -4.66 -19.50 -12.98
C LEU A 152 -5.30 -19.45 -11.60
N ALA A 153 -4.52 -19.13 -10.57
CA ALA A 153 -5.10 -18.92 -9.25
C ALA A 153 -6.08 -17.75 -9.27
N ARG A 154 -5.73 -16.69 -9.99
CA ARG A 154 -6.65 -15.57 -10.17
C ARG A 154 -7.89 -16.00 -10.93
N ASP A 155 -7.71 -16.81 -11.99
CA ASP A 155 -8.84 -17.20 -12.82
C ASP A 155 -9.82 -18.13 -12.10
N ASN A 156 -9.38 -18.84 -11.06
CA ASN A 156 -10.26 -19.73 -10.31
C ASN A 156 -10.62 -19.17 -8.94
N GLY A 157 -10.23 -17.93 -8.65
CA GLY A 157 -10.67 -17.28 -7.43
C GLY A 157 -10.01 -17.78 -6.16
N ASN A 158 -8.77 -18.28 -6.26
CA ASN A 158 -8.01 -18.69 -5.07
C ASN A 158 -7.09 -17.54 -4.70
N GLN A 159 -7.67 -16.56 -3.99
CA GLN A 159 -6.94 -15.32 -3.71
C GLN A 159 -5.74 -15.57 -2.80
N PHE A 160 -5.87 -16.49 -1.84
CA PHE A 160 -4.78 -16.73 -0.91
C PHE A 160 -3.58 -17.35 -1.63
N ILE A 161 -3.82 -18.29 -2.56
CA ILE A 161 -2.74 -18.80 -3.38
C ILE A 161 -2.24 -17.71 -4.33
N TYR A 162 -3.14 -16.85 -4.80
CA TYR A 162 -2.74 -15.73 -5.64
C TYR A 162 -1.78 -14.82 -4.90
N GLU A 163 -2.15 -14.41 -3.69
CA GLU A 163 -1.32 -13.52 -2.89
C GLU A 163 -0.02 -14.19 -2.47
N LEU A 164 -0.03 -15.51 -2.32
CA LEU A 164 1.20 -16.24 -1.98
C LEU A 164 2.18 -16.23 -3.15
N LEU A 165 1.69 -16.54 -4.35
CA LEU A 165 2.56 -16.55 -5.53
C LEU A 165 3.00 -15.14 -5.93
N GLU A 166 2.16 -14.13 -5.68
CA GLU A 166 2.54 -12.76 -6.02
C GLU A 166 3.75 -12.30 -5.22
N LYS A 167 3.78 -12.60 -3.92
CA LYS A 167 4.93 -12.24 -3.11
C LYS A 167 6.17 -13.02 -3.53
N ALA A 168 6.00 -14.24 -4.04
CA ALA A 168 7.16 -15.00 -4.51
C ALA A 168 7.68 -14.42 -5.82
N GLU A 169 6.77 -13.96 -6.69
CA GLU A 169 7.19 -13.29 -7.91
C GLU A 169 7.89 -11.97 -7.60
N LEU A 170 7.42 -11.25 -6.59
CA LEU A 170 8.06 -9.99 -6.20
C LEU A 170 9.47 -10.23 -5.68
N LEU A 171 9.67 -11.29 -4.89
CA LEU A 171 11.01 -11.59 -4.40
C LEU A 171 11.97 -11.88 -5.55
N GLU A 172 11.49 -12.61 -6.56
CA GLU A 172 12.29 -12.84 -7.76
C GLU A 172 12.53 -11.54 -8.52
N LYS A 173 11.53 -10.65 -8.52
CA LYS A 173 11.69 -9.34 -9.16
C LYS A 173 12.76 -8.50 -8.47
N LEU A 174 12.87 -8.62 -7.15
CA LEU A 174 13.89 -7.86 -6.44
C LEU A 174 15.28 -8.43 -6.67
N LEU A 175 15.38 -9.75 -6.78
CA LEU A 175 16.67 -10.37 -7.07
C LEU A 175 17.21 -9.92 -8.42
N LEU A 176 16.31 -9.76 -9.41
CA LEU A 176 16.74 -9.26 -10.72
C LEU A 176 17.32 -7.86 -10.62
N GLU A 177 16.61 -6.95 -9.95
CA GLU A 177 17.10 -5.58 -9.85
C GLU A 177 18.31 -5.48 -8.95
N ALA A 178 18.41 -6.33 -7.94
CA ALA A 178 19.60 -6.35 -7.09
C ALA A 178 20.83 -6.74 -7.89
N ALA A 179 20.69 -7.71 -8.79
CA ALA A 179 21.82 -8.13 -9.62
C ALA A 179 22.18 -7.06 -10.65
N ARG A 180 21.19 -6.35 -11.18
CA ARG A 180 21.48 -5.30 -12.16
C ARG A 180 22.14 -4.09 -11.50
N GLU A 181 21.63 -3.67 -10.35
CA GLU A 181 22.15 -2.48 -9.70
C GLU A 181 23.54 -2.70 -9.10
N GLY A 182 23.89 -3.96 -8.79
CA GLY A 182 25.17 -4.28 -8.19
C GLY A 182 25.22 -4.40 -6.69
N HIS A 183 24.09 -4.69 -6.05
CA HIS A 183 24.02 -4.81 -4.58
C HIS A 183 24.28 -6.26 -4.20
N ARG A 184 25.56 -6.59 -3.94
CA ARG A 184 25.90 -7.98 -3.66
C ARG A 184 25.24 -8.49 -2.39
N ASP A 185 25.18 -7.67 -1.34
CA ASP A 185 24.54 -8.10 -0.10
C ASP A 185 23.06 -8.38 -0.32
N ARG A 186 22.38 -7.56 -1.12
CA ARG A 186 20.98 -7.81 -1.40
C ARG A 186 20.80 -9.09 -2.21
N VAL A 187 21.71 -9.36 -3.15
CA VAL A 187 21.60 -10.56 -3.96
C VAL A 187 21.74 -11.80 -3.08
N GLU A 188 22.76 -11.83 -2.23
CA GLU A 188 22.95 -12.97 -1.34
C GLU A 188 21.81 -13.12 -0.34
N GLU A 189 21.21 -12.00 0.08
CA GLU A 189 20.09 -12.08 1.02
C GLU A 189 18.87 -12.69 0.35
N PHE A 190 18.56 -12.27 -0.87
CA PHE A 190 17.38 -12.78 -1.55
C PHE A 190 17.53 -14.25 -1.91
N ILE A 191 18.76 -14.71 -2.14
CA ILE A 191 18.98 -16.14 -2.39
C ILE A 191 18.67 -16.95 -1.15
N LYS A 192 19.08 -16.46 0.04
CA LYS A 192 18.77 -17.18 1.27
C LYS A 192 17.29 -17.22 1.55
N ARG A 193 16.53 -16.20 1.13
CA ARG A 193 15.08 -16.25 1.33
C ARG A 193 14.39 -17.19 0.34
N GLY A 194 15.12 -17.73 -0.64
CA GLY A 194 14.56 -18.70 -1.56
C GLY A 194 14.27 -18.20 -2.95
N ALA A 195 14.70 -17.01 -3.32
CA ALA A 195 14.45 -16.51 -4.66
C ALA A 195 15.13 -17.40 -5.69
N ASP A 196 14.39 -17.77 -6.73
CA ASP A 196 14.94 -18.61 -7.79
C ASP A 196 16.05 -17.86 -8.52
N VAL A 197 17.26 -18.39 -8.45
CA VAL A 197 18.42 -17.75 -9.06
C VAL A 197 18.35 -17.74 -10.59
N ASN A 198 17.44 -18.51 -11.17
CA ASN A 198 17.26 -18.56 -12.63
C ASN A 198 15.94 -17.94 -13.06
N THR A 199 15.43 -16.99 -12.29
CA THR A 199 14.23 -16.27 -12.69
C THR A 199 14.51 -15.43 -13.92
N ALA A 200 13.45 -15.16 -14.68
CA ALA A 200 13.57 -14.39 -15.92
C ALA A 200 12.52 -13.29 -15.92
N ASP A 201 12.87 -12.17 -16.54
CA ASP A 201 11.95 -11.07 -16.70
C ASP A 201 11.10 -11.30 -17.95
N GLU A 202 10.32 -10.27 -18.35
CA GLU A 202 9.36 -10.44 -19.44
C GLU A 202 10.06 -10.71 -20.77
N THR A 203 11.30 -10.26 -20.93
CA THR A 203 12.04 -10.47 -22.16
C THR A 203 13.13 -11.53 -22.04
N GLY A 204 13.26 -12.18 -20.89
CA GLY A 204 14.11 -13.33 -20.75
C GLY A 204 15.44 -13.13 -20.06
N PHE A 205 15.69 -11.95 -19.49
CA PHE A 205 16.95 -11.71 -18.79
C PHE A 205 16.93 -12.38 -17.42
N THR A 206 18.00 -13.10 -17.11
CA THR A 206 18.21 -13.67 -15.79
C THR A 206 19.03 -12.70 -14.95
N PRO A 207 19.12 -12.93 -13.63
CA PRO A 207 20.05 -12.10 -12.84
C PRO A 207 21.48 -12.15 -13.36
N LEU A 208 21.90 -13.32 -13.89
CA LEU A 208 23.25 -13.43 -14.44
C LEU A 208 23.39 -12.58 -15.70
N HIS A 209 22.32 -12.44 -16.49
CA HIS A 209 22.35 -11.54 -17.65
C HIS A 209 22.64 -10.12 -17.21
N LEU A 210 21.88 -9.61 -16.24
CA LEU A 210 22.02 -8.22 -15.83
C LEU A 210 23.37 -7.97 -15.14
N ALA A 211 23.82 -8.93 -14.33
CA ALA A 211 25.11 -8.77 -13.65
C ALA A 211 26.27 -8.72 -14.65
N ALA A 212 26.23 -9.58 -15.67
CA ALA A 212 27.27 -9.55 -16.69
C ALA A 212 27.18 -8.28 -17.53
N TRP A 213 25.97 -7.83 -17.83
CA TRP A 213 25.81 -6.63 -18.63
C TRP A 213 26.39 -5.40 -17.93
N GLU A 214 26.14 -5.27 -16.64
CA GLU A 214 26.59 -4.12 -15.86
C GLU A 214 27.99 -4.31 -15.28
N GLY A 215 28.62 -5.44 -15.52
CA GLY A 215 29.98 -5.67 -15.08
C GLY A 215 30.15 -5.88 -13.59
N HIS A 216 29.21 -6.60 -12.96
CA HIS A 216 29.29 -6.89 -11.53
C HIS A 216 29.87 -8.29 -11.37
N LEU A 217 31.21 -8.35 -11.42
CA LEU A 217 31.90 -9.64 -11.38
C LEU A 217 31.60 -10.39 -10.09
N GLY A 218 31.62 -9.70 -8.95
CA GLY A 218 31.34 -10.37 -7.69
C GLY A 218 29.97 -11.02 -7.66
N ILE A 219 28.98 -10.36 -8.23
CA ILE A 219 27.63 -10.95 -8.28
C ILE A 219 27.57 -12.06 -9.30
N VAL A 220 28.29 -11.93 -10.42
CA VAL A 220 28.37 -13.02 -11.40
C VAL A 220 28.90 -14.29 -10.73
N GLU A 221 29.94 -14.16 -9.92
CA GLU A 221 30.49 -15.32 -9.22
C GLU A 221 29.51 -15.88 -8.20
N VAL A 222 28.78 -15.01 -7.50
CA VAL A 222 27.83 -15.45 -6.49
C VAL A 222 26.69 -16.22 -7.13
N LEU A 223 26.14 -15.69 -8.23
CA LEU A 223 25.04 -16.37 -8.90
C LEU A 223 25.46 -17.73 -9.44
N LEU A 224 26.65 -17.80 -10.05
CA LEU A 224 27.15 -19.07 -10.56
C LEU A 224 27.38 -20.08 -9.44
N LYS A 225 27.93 -19.62 -8.31
CA LYS A 225 28.12 -20.52 -7.18
C LYS A 225 26.79 -21.07 -6.66
N ASN A 226 25.71 -20.32 -6.81
CA ASN A 226 24.39 -20.76 -6.41
C ASN A 226 23.61 -21.42 -7.55
N GLY A 227 24.31 -21.92 -8.57
CA GLY A 227 23.68 -22.71 -9.61
C GLY A 227 22.85 -21.94 -10.60
N ALA A 228 23.38 -20.84 -11.12
CA ALA A 228 22.71 -20.10 -12.18
C ALA A 228 23.04 -20.70 -13.54
N ASP A 229 22.08 -20.59 -14.46
CA ASP A 229 22.28 -21.11 -15.81
C ASP A 229 23.33 -20.27 -16.53
N VAL A 230 24.45 -20.90 -16.88
CA VAL A 230 25.52 -20.18 -17.55
C VAL A 230 25.11 -19.80 -18.97
N ASN A 231 24.24 -20.59 -19.60
CA ASN A 231 23.83 -20.39 -20.99
C ASN A 231 22.33 -20.17 -21.10
N ALA A 232 21.78 -19.40 -20.16
CA ALA A 232 20.38 -19.01 -20.26
C ALA A 232 20.19 -18.06 -21.43
N ASN A 233 19.07 -18.20 -22.13
CA ASN A 233 18.77 -17.39 -23.30
C ASN A 233 17.67 -16.39 -22.98
N ASP A 234 17.83 -15.16 -23.46
CA ASP A 234 16.72 -14.23 -23.48
C ASP A 234 15.94 -14.45 -24.78
N GLU A 235 14.87 -13.69 -24.96
CA GLU A 235 14.06 -13.84 -26.16
C GLU A 235 14.88 -13.66 -27.43
N ARG A 236 15.84 -12.73 -27.40
CA ARG A 236 16.67 -12.47 -28.57
C ARG A 236 17.67 -13.57 -28.85
N GLY A 237 17.98 -14.41 -27.87
CA GLY A 237 18.95 -15.46 -28.03
C GLY A 237 20.32 -15.17 -27.45
N HIS A 238 20.44 -14.19 -26.57
CA HIS A 238 21.72 -13.79 -26.01
C HIS A 238 21.96 -14.53 -24.70
N THR A 239 23.14 -15.12 -24.57
CA THR A 239 23.59 -15.70 -23.31
C THR A 239 24.36 -14.65 -22.51
N PRO A 240 24.62 -14.91 -21.23
CA PRO A 240 25.49 -13.99 -20.48
C PRO A 240 26.85 -13.78 -21.12
N LEU A 241 27.37 -14.78 -21.84
CA LEU A 241 28.66 -14.60 -22.52
C LEU A 241 28.55 -13.59 -23.65
N HIS A 242 27.38 -13.51 -24.30
CA HIS A 242 27.16 -12.46 -25.31
C HIS A 242 27.34 -11.08 -24.70
N LEU A 243 26.65 -10.81 -23.60
CA LEU A 243 26.69 -9.49 -23.00
C LEU A 243 28.08 -9.19 -22.43
N ALA A 244 28.74 -10.20 -21.87
CA ALA A 244 30.09 -10.01 -21.35
C ALA A 244 31.05 -9.64 -22.47
N ALA A 245 30.99 -10.36 -23.60
CA ALA A 245 31.83 -10.02 -24.74
C ALA A 245 31.52 -8.63 -25.28
N TYR A 246 30.26 -8.21 -25.20
CA TYR A 246 29.88 -6.87 -25.66
C TYR A 246 30.53 -5.79 -24.81
N THR A 247 30.51 -5.96 -23.49
CA THR A 247 31.10 -4.97 -22.59
C THR A 247 32.62 -5.03 -22.56
N GLY A 248 33.22 -6.12 -23.02
CA GLY A 248 34.66 -6.25 -22.99
C GLY A 248 35.24 -6.44 -21.59
N HIS A 249 34.47 -7.04 -20.68
CA HIS A 249 34.92 -7.27 -19.32
C HIS A 249 35.61 -8.62 -19.27
N LEU A 250 36.95 -8.60 -19.29
CA LEU A 250 37.72 -9.84 -19.42
C LEU A 250 37.47 -10.77 -18.25
N GLU A 251 37.49 -10.24 -17.03
CA GLU A 251 37.37 -11.09 -15.84
C GLU A 251 36.05 -11.84 -15.83
N ILE A 252 34.97 -11.21 -16.30
CA ILE A 252 33.68 -11.89 -16.34
C ILE A 252 33.66 -12.94 -17.45
N VAL A 253 34.24 -12.60 -18.61
CA VAL A 253 34.28 -13.55 -19.73
C VAL A 253 35.00 -14.83 -19.31
N GLU A 254 36.14 -14.69 -18.63
CA GLU A 254 36.90 -15.86 -18.20
C GLU A 254 36.15 -16.66 -17.13
N VAL A 255 35.41 -15.98 -16.25
CA VAL A 255 34.65 -16.69 -15.23
C VAL A 255 33.49 -17.45 -15.85
N LEU A 256 32.81 -16.83 -16.82
CA LEU A 256 31.74 -17.53 -17.52
C LEU A 256 32.26 -18.74 -18.25
N LEU A 257 33.40 -18.60 -18.94
CA LEU A 257 33.96 -19.73 -19.67
C LEU A 257 34.37 -20.87 -18.75
N LYS A 258 34.92 -20.54 -17.57
CA LYS A 258 35.29 -21.58 -16.62
C LYS A 258 34.07 -22.38 -16.15
N ASN A 259 32.95 -21.70 -15.94
CA ASN A 259 31.73 -22.36 -15.49
C ASN A 259 30.92 -22.97 -16.62
N GLY A 260 31.50 -23.11 -17.81
CA GLY A 260 30.87 -23.87 -18.87
C GLY A 260 30.01 -23.06 -19.81
N ALA A 261 30.43 -21.84 -20.12
CA ALA A 261 29.67 -21.01 -21.05
C ALA A 261 29.84 -21.52 -22.49
N GLY A 262 28.81 -21.29 -23.30
CA GLY A 262 28.88 -21.66 -24.70
C GLY A 262 29.62 -20.62 -25.52
N VAL A 263 30.85 -20.95 -25.92
CA VAL A 263 31.68 -19.98 -26.63
C VAL A 263 31.16 -19.70 -28.04
N ASN A 264 30.37 -20.61 -28.61
CA ASN A 264 29.88 -20.48 -29.98
C ASN A 264 28.36 -20.43 -30.03
N ALA A 265 27.74 -19.78 -29.07
CA ALA A 265 26.28 -19.62 -29.06
C ALA A 265 25.87 -18.49 -29.98
N THR A 266 24.75 -18.68 -30.68
CA THR A 266 24.26 -17.70 -31.65
C THR A 266 22.85 -17.26 -31.27
N ASP A 267 22.52 -16.03 -31.65
CA ASP A 267 21.19 -15.47 -31.44
C ASP A 267 20.36 -15.64 -32.72
N VAL A 268 19.21 -14.99 -32.78
CA VAL A 268 18.30 -15.19 -33.90
C VAL A 268 18.91 -14.68 -35.20
N ILE A 269 19.82 -13.72 -35.12
CA ILE A 269 20.52 -13.25 -36.30
C ILE A 269 21.68 -14.17 -36.67
N GLY A 270 22.21 -14.90 -35.70
CA GLY A 270 23.40 -15.71 -35.89
C GLY A 270 24.65 -15.12 -35.29
N THR A 271 24.52 -14.09 -34.47
CA THR A 271 25.67 -13.44 -33.85
C THR A 271 26.16 -14.25 -32.66
N ALA A 272 27.46 -14.54 -32.66
CA ALA A 272 28.15 -15.26 -31.61
C ALA A 272 28.95 -14.30 -30.76
N PRO A 273 29.36 -14.70 -29.55
CA PRO A 273 30.20 -13.81 -28.72
C PRO A 273 31.44 -13.31 -29.45
N LEU A 274 31.99 -14.09 -30.38
CA LEU A 274 33.15 -13.63 -31.14
C LEU A 274 32.77 -12.53 -32.11
N HIS A 275 31.56 -12.56 -32.66
CA HIS A 275 31.08 -11.45 -33.49
C HIS A 275 31.05 -10.15 -32.71
N LEU A 276 30.48 -10.19 -31.50
CA LEU A 276 30.35 -8.97 -30.70
C LEU A 276 31.70 -8.42 -30.28
N ALA A 277 32.62 -9.30 -29.86
CA ALA A 277 33.94 -8.85 -29.44
C ALA A 277 34.69 -8.17 -30.58
N ALA A 278 34.58 -8.71 -31.79
CA ALA A 278 35.20 -8.08 -32.95
C ALA A 278 34.41 -6.86 -33.42
N MET A 279 33.10 -6.84 -33.18
CA MET A 279 32.28 -5.71 -33.59
C MET A 279 32.66 -4.44 -32.83
N TRP A 280 32.92 -4.56 -31.53
CA TRP A 280 33.16 -3.41 -30.67
C TRP A 280 34.63 -3.22 -30.34
N GLY A 281 35.52 -3.99 -30.96
CA GLY A 281 36.94 -3.75 -30.83
C GLY A 281 37.55 -4.14 -29.50
N HIS A 282 37.22 -5.34 -29.01
CA HIS A 282 37.78 -5.86 -27.77
C HIS A 282 38.76 -6.97 -28.14
N LEU A 283 39.96 -6.57 -28.57
CA LEU A 283 40.98 -7.52 -28.97
C LEU A 283 41.30 -8.50 -27.86
N GLU A 284 41.35 -8.00 -26.61
CA GLU A 284 41.68 -8.85 -25.47
C GLU A 284 40.64 -9.96 -25.31
N ILE A 285 39.37 -9.65 -25.57
CA ILE A 285 38.31 -10.65 -25.49
C ILE A 285 38.39 -11.63 -26.64
N VAL A 286 38.71 -11.13 -27.85
CA VAL A 286 38.80 -11.99 -29.02
C VAL A 286 39.84 -13.08 -28.81
N GLU A 287 41.00 -12.72 -28.25
CA GLU A 287 42.06 -13.70 -28.02
C GLU A 287 41.61 -14.79 -27.05
N VAL A 288 40.85 -14.41 -26.01
CA VAL A 288 40.40 -15.39 -25.02
C VAL A 288 39.31 -16.28 -25.62
N LEU A 289 38.39 -15.70 -26.40
CA LEU A 289 37.37 -16.51 -27.04
C LEU A 289 38.00 -17.50 -28.01
N LEU A 290 39.00 -17.06 -28.77
CA LEU A 290 39.72 -17.96 -29.65
C LEU A 290 40.45 -19.03 -28.85
N LYS A 291 40.97 -18.66 -27.66
CA LYS A 291 41.66 -19.61 -26.81
C LYS A 291 40.73 -20.75 -26.36
N HIS A 292 39.46 -20.45 -26.14
CA HIS A 292 38.49 -21.46 -25.74
C HIS A 292 37.74 -22.06 -26.92
N GLY A 293 38.25 -21.88 -28.14
CA GLY A 293 37.70 -22.57 -29.30
C GLY A 293 36.50 -21.89 -29.93
N ALA A 294 36.60 -20.58 -30.15
CA ALA A 294 35.54 -19.86 -30.86
C ALA A 294 35.69 -20.09 -32.36
N ASP A 295 34.57 -20.29 -33.03
CA ASP A 295 34.58 -20.57 -34.46
C ASP A 295 34.83 -19.28 -35.23
N VAL A 296 35.94 -19.23 -35.98
CA VAL A 296 36.28 -18.04 -36.74
C VAL A 296 35.42 -17.92 -37.99
N ASN A 297 35.02 -19.04 -38.58
CA ASN A 297 34.25 -19.05 -39.82
C ASN A 297 32.75 -18.92 -39.58
N ALA A 298 32.34 -18.56 -38.36
CA ALA A 298 30.91 -18.42 -38.06
C ALA A 298 30.30 -17.25 -38.83
N GLN A 299 29.24 -17.53 -39.57
CA GLN A 299 28.51 -16.52 -40.33
C GLN A 299 27.17 -16.24 -39.67
N ASP A 300 26.73 -14.99 -39.76
CA ASP A 300 25.42 -14.61 -39.26
C ASP A 300 24.38 -14.87 -40.36
N LYS A 301 23.18 -14.30 -40.22
CA LYS A 301 22.16 -14.45 -41.25
C LYS A 301 22.58 -13.78 -42.57
N PHE A 302 23.52 -12.84 -42.51
CA PHE A 302 23.94 -12.07 -43.68
C PHE A 302 25.25 -12.58 -44.27
N GLY A 303 25.81 -13.66 -43.73
CA GLY A 303 27.07 -14.16 -44.24
C GLY A 303 28.29 -13.44 -43.74
N LYS A 304 28.16 -12.67 -42.65
CA LYS A 304 29.27 -11.92 -42.09
C LYS A 304 29.97 -12.75 -41.03
N THR A 305 31.27 -12.95 -41.19
CA THR A 305 32.11 -13.59 -40.19
C THR A 305 32.65 -12.56 -39.21
N PRO A 306 33.16 -13.00 -38.06
CA PRO A 306 33.79 -12.02 -37.15
C PRO A 306 34.88 -11.21 -37.82
N PHE A 307 35.61 -11.80 -38.77
CA PHE A 307 36.56 -11.03 -39.56
C PHE A 307 35.86 -9.93 -40.36
N ASP A 308 34.71 -10.26 -40.95
CA ASP A 308 33.97 -9.27 -41.74
C ASP A 308 33.54 -8.09 -40.88
N LEU A 309 33.01 -8.37 -39.68
CA LEU A 309 32.56 -7.28 -38.81
C LEU A 309 33.73 -6.45 -38.29
N ALA A 310 34.90 -7.07 -38.11
CA ALA A 310 36.08 -6.30 -37.73
C ALA A 310 36.53 -5.39 -38.85
N ILE A 311 36.44 -5.87 -40.10
CA ILE A 311 36.77 -5.05 -41.25
C ILE A 311 35.75 -3.93 -41.44
N ASP A 312 34.47 -4.24 -41.20
CA ASP A 312 33.43 -3.23 -41.39
C ASP A 312 33.59 -2.08 -40.41
N ASN A 313 33.82 -2.39 -39.14
CA ASN A 313 33.95 -1.38 -38.10
C ASN A 313 35.36 -0.82 -37.97
N GLY A 314 36.30 -1.25 -38.83
CA GLY A 314 37.61 -0.66 -38.86
C GLY A 314 38.56 -1.05 -37.76
N ASN A 315 38.37 -2.23 -37.15
CA ASN A 315 39.29 -2.73 -36.13
C ASN A 315 40.40 -3.52 -36.83
N GLU A 316 41.38 -2.77 -37.35
CA GLU A 316 42.42 -3.35 -38.19
C GLU A 316 43.24 -4.38 -37.43
N ASP A 317 43.49 -4.13 -36.14
CA ASP A 317 44.28 -5.05 -35.34
C ASP A 317 43.56 -6.38 -35.13
N ILE A 318 42.25 -6.33 -34.89
CA ILE A 318 41.48 -7.55 -34.62
C ILE A 318 41.35 -8.38 -35.89
N ALA A 319 41.16 -7.75 -37.04
CA ALA A 319 41.00 -8.48 -38.29
C ALA A 319 42.23 -9.29 -38.64
N GLU A 320 43.41 -8.81 -38.24
CA GLU A 320 44.64 -9.55 -38.51
C GLU A 320 44.70 -10.83 -37.66
N VAL A 321 44.29 -10.75 -36.40
CA VAL A 321 44.25 -11.94 -35.55
C VAL A 321 43.26 -12.95 -36.12
N LEU A 322 42.11 -12.48 -36.59
CA LEU A 322 41.11 -13.37 -37.15
C LEU A 322 41.58 -13.96 -38.48
N GLN A 323 42.40 -13.23 -39.23
CA GLN A 323 42.89 -13.72 -40.51
C GLN A 323 43.86 -14.89 -40.34
N LYS A 324 44.70 -14.86 -39.29
CA LYS A 324 45.63 -15.97 -39.10
C LYS A 324 44.93 -17.24 -38.62
N ALA A 325 43.71 -17.12 -38.10
CA ALA A 325 42.95 -18.28 -37.65
C ALA A 325 41.92 -18.68 -38.70
N ASN B 18 -32.40 8.40 16.90
CA ASN B 18 -32.74 9.04 15.63
C ASN B 18 -33.86 8.30 14.91
N ASN B 19 -33.73 8.15 13.60
CA ASN B 19 -34.71 7.45 12.78
C ASN B 19 -34.39 5.96 12.62
N PHE B 20 -33.47 5.42 13.41
CA PHE B 20 -33.13 4.00 13.40
C PHE B 20 -33.47 3.37 14.74
N TYR B 21 -33.63 2.05 14.72
CA TYR B 21 -33.82 1.29 15.95
C TYR B 21 -33.24 -0.10 15.76
N SER B 22 -32.78 -0.70 16.86
CA SER B 22 -32.13 -2.00 16.85
C SER B 22 -33.06 -3.05 17.45
N VAL B 23 -33.04 -4.25 16.87
CA VAL B 23 -33.81 -5.38 17.38
C VAL B 23 -32.91 -6.61 17.36
N GLU B 24 -32.90 -7.35 18.47
CA GLU B 24 -32.08 -8.55 18.59
C GLU B 24 -32.82 -9.72 17.98
N ILE B 25 -32.30 -10.26 16.88
CA ILE B 25 -32.85 -11.46 16.24
C ILE B 25 -31.87 -12.59 16.49
N GLY B 26 -32.15 -13.40 17.51
CA GLY B 26 -31.23 -14.46 17.88
C GLY B 26 -29.91 -13.86 18.33
N ASP B 27 -28.84 -14.22 17.63
CA ASP B 27 -27.51 -13.67 17.89
C ASP B 27 -27.20 -12.46 17.04
N SER B 28 -27.87 -12.30 15.90
CA SER B 28 -27.67 -11.14 15.05
C SER B 28 -28.42 -9.93 15.60
N THR B 29 -27.85 -8.75 15.37
CA THR B 29 -28.48 -7.50 15.74
C THR B 29 -28.84 -6.76 14.46
N PHE B 30 -30.12 -6.49 14.26
CA PHE B 30 -30.61 -5.78 13.09
C PHE B 30 -30.93 -4.34 13.48
N THR B 31 -30.23 -3.40 12.88
CA THR B 31 -30.47 -1.97 13.08
C THR B 31 -31.16 -1.48 11.80
N VAL B 32 -32.48 -1.57 11.78
CA VAL B 32 -33.26 -1.24 10.59
C VAL B 32 -33.96 0.10 10.81
N LEU B 33 -34.52 0.63 9.73
CA LEU B 33 -35.30 1.85 9.81
C LEU B 33 -36.58 1.61 10.61
N LYS B 34 -37.07 2.68 11.25
CA LYS B 34 -38.25 2.57 12.09
C LYS B 34 -39.50 2.19 11.29
N ARG B 35 -39.46 2.32 9.97
CA ARG B 35 -40.58 1.92 9.12
C ARG B 35 -40.76 0.41 9.06
N TYR B 36 -39.72 -0.36 9.37
CA TYR B 36 -39.75 -1.82 9.32
C TYR B 36 -39.98 -2.36 10.73
N GLN B 37 -41.20 -2.83 10.99
CA GLN B 37 -41.58 -3.28 12.33
C GLN B 37 -41.77 -4.79 12.36
N ASN B 38 -41.63 -5.34 13.56
CA ASN B 38 -41.94 -6.75 13.85
C ASN B 38 -41.09 -7.69 12.99
N LEU B 39 -39.78 -7.60 13.17
CA LEU B 39 -38.87 -8.44 12.40
C LEU B 39 -38.89 -9.87 12.93
N LYS B 40 -39.02 -10.84 12.02
CA LYS B 40 -39.10 -12.27 12.32
C LYS B 40 -38.18 -13.04 11.38
N PRO B 41 -37.41 -13.99 11.90
CA PRO B 41 -36.50 -14.76 11.03
C PRO B 41 -37.27 -15.68 10.10
N ILE B 42 -36.76 -15.84 8.88
CA ILE B 42 -37.42 -16.67 7.88
C ILE B 42 -36.42 -17.65 7.24
N GLY B 43 -35.14 -17.42 7.44
CA GLY B 43 -34.14 -18.28 6.82
C GLY B 43 -32.74 -17.91 7.26
N SER B 44 -31.83 -18.85 7.07
CA SER B 44 -30.42 -18.68 7.34
C SER B 44 -29.64 -18.90 6.05
N GLY B 45 -28.74 -17.98 5.72
CA GLY B 45 -27.93 -18.10 4.53
C GLY B 45 -26.45 -17.97 4.77
N ALA B 46 -25.66 -17.95 3.69
CA ALA B 46 -24.22 -17.81 3.82
C ALA B 46 -23.84 -16.37 4.17
N GLN B 47 -24.63 -15.39 3.73
CA GLN B 47 -24.33 -14.00 4.02
C GLN B 47 -24.81 -13.56 5.40
N GLY B 48 -25.81 -14.24 5.95
CA GLY B 48 -26.32 -13.87 7.27
C GLY B 48 -27.73 -14.39 7.46
N ILE B 49 -28.49 -13.64 8.26
CA ILE B 49 -29.87 -13.98 8.58
C ILE B 49 -30.79 -13.14 7.70
N VAL B 50 -31.91 -13.74 7.28
CA VAL B 50 -32.95 -13.06 6.52
C VAL B 50 -34.17 -12.95 7.42
N CYS B 51 -34.76 -11.77 7.47
CA CYS B 51 -35.92 -11.52 8.31
C CYS B 51 -37.07 -10.99 7.47
N ALA B 52 -38.30 -11.34 7.89
CA ALA B 52 -39.51 -10.77 7.30
C ALA B 52 -40.01 -9.65 8.20
N ALA B 53 -40.42 -8.55 7.58
CA ALA B 53 -40.91 -7.40 8.32
C ALA B 53 -42.15 -6.85 7.64
N TYR B 54 -42.77 -5.88 8.31
CA TYR B 54 -43.91 -5.15 7.77
C TYR B 54 -43.45 -3.71 7.56
N ASP B 55 -43.41 -3.28 6.30
CA ASP B 55 -43.05 -1.90 5.98
C ASP B 55 -44.27 -1.03 6.25
N ALA B 56 -44.23 -0.28 7.36
CA ALA B 56 -45.36 0.55 7.73
C ALA B 56 -45.61 1.67 6.72
N ILE B 57 -44.60 2.05 5.94
CA ILE B 57 -44.78 3.08 4.93
C ILE B 57 -45.49 2.51 3.70
N LEU B 58 -45.02 1.35 3.22
CA LEU B 58 -45.68 0.69 2.10
C LEU B 58 -46.92 -0.08 2.52
N GLU B 59 -47.09 -0.34 3.82
CA GLU B 59 -48.20 -1.16 4.32
C GLU B 59 -48.23 -2.52 3.62
N ARG B 60 -47.06 -3.12 3.47
CA ARG B 60 -46.90 -4.43 2.85
C ARG B 60 -45.77 -5.17 3.55
N ASN B 61 -45.75 -6.49 3.39
CA ASN B 61 -44.74 -7.32 4.01
C ASN B 61 -43.49 -7.38 3.13
N VAL B 62 -42.32 -7.24 3.75
CA VAL B 62 -41.05 -7.19 3.05
C VAL B 62 -40.10 -8.21 3.67
N ALA B 63 -38.93 -8.36 3.04
CA ALA B 63 -37.88 -9.25 3.52
C ALA B 63 -36.58 -8.46 3.62
N ILE B 64 -35.87 -8.63 4.74
CA ILE B 64 -34.64 -7.89 5.00
C ILE B 64 -33.52 -8.90 5.31
N LYS B 65 -32.42 -8.80 4.56
CA LYS B 65 -31.21 -9.54 4.86
C LYS B 65 -30.09 -8.56 5.17
N LYS B 66 -29.19 -8.96 6.06
CA LYS B 66 -28.14 -8.08 6.57
C LYS B 66 -26.78 -8.60 6.15
N LEU B 67 -25.98 -7.73 5.55
CA LEU B 67 -24.61 -8.03 5.17
C LEU B 67 -23.67 -7.31 6.15
N SER B 68 -22.83 -8.09 6.83
CA SER B 68 -21.94 -7.58 7.87
C SER B 68 -20.53 -7.43 7.32
N ARG B 69 -20.07 -6.19 7.21
CA ARG B 69 -18.74 -5.86 6.72
C ARG B 69 -18.38 -6.63 5.43
N PRO B 70 -19.15 -6.43 4.36
CA PRO B 70 -18.88 -7.21 3.14
C PRO B 70 -17.54 -6.89 2.50
N PHE B 71 -17.08 -5.65 2.62
CA PHE B 71 -15.82 -5.24 2.02
C PHE B 71 -14.62 -5.92 2.67
N GLN B 72 -14.73 -6.29 3.95
CA GLN B 72 -13.58 -6.86 4.65
C GLN B 72 -13.11 -8.16 4.00
N ASN B 73 -14.01 -8.88 3.36
CA ASN B 73 -13.66 -10.04 2.55
C ASN B 73 -13.68 -9.63 1.09
N GLN B 74 -12.61 -9.94 0.36
CA GLN B 74 -12.55 -9.52 -1.05
C GLN B 74 -13.64 -10.20 -1.87
N THR B 75 -13.84 -11.50 -1.64
CA THR B 75 -14.85 -12.22 -2.41
C THR B 75 -16.25 -11.74 -2.04
N HIS B 76 -16.50 -11.49 -0.76
CA HIS B 76 -17.81 -10.97 -0.36
C HIS B 76 -18.01 -9.55 -0.87
N ALA B 77 -16.95 -8.74 -0.86
CA ALA B 77 -17.04 -7.40 -1.44
C ALA B 77 -17.41 -7.49 -2.92
N LYS B 78 -16.79 -8.43 -3.64
CA LYS B 78 -17.10 -8.60 -5.05
C LYS B 78 -18.56 -8.99 -5.26
N ARG B 79 -19.05 -9.93 -4.45
CA ARG B 79 -20.44 -10.36 -4.58
C ARG B 79 -21.41 -9.26 -4.14
N ALA B 80 -21.10 -8.59 -3.02
CA ALA B 80 -21.99 -7.57 -2.50
C ALA B 80 -22.20 -6.44 -3.49
N TYR B 81 -21.11 -5.92 -4.07
CA TYR B 81 -21.24 -4.88 -5.09
C TYR B 81 -21.96 -5.41 -6.32
N ARG B 82 -21.56 -6.59 -6.80
CA ARG B 82 -22.19 -7.19 -7.97
C ARG B 82 -23.69 -7.33 -7.78
N GLU B 83 -24.11 -7.87 -6.63
CA GLU B 83 -25.53 -8.09 -6.38
C GLU B 83 -26.28 -6.80 -6.08
N LEU B 84 -25.60 -5.80 -5.52
CA LEU B 84 -26.23 -4.50 -5.35
C LEU B 84 -26.52 -3.85 -6.70
N VAL B 85 -25.57 -3.93 -7.64
CA VAL B 85 -25.78 -3.34 -8.96
C VAL B 85 -26.89 -4.07 -9.70
N LEU B 86 -26.87 -5.40 -9.68
CA LEU B 86 -27.87 -6.16 -10.42
C LEU B 86 -29.25 -6.03 -9.80
N MET B 87 -29.32 -6.03 -8.47
CA MET B 87 -30.61 -5.92 -7.79
C MET B 87 -31.35 -4.66 -8.20
N LYS B 88 -30.63 -3.57 -8.46
CA LYS B 88 -31.26 -2.32 -8.85
C LYS B 88 -31.81 -2.38 -10.27
N CYS B 89 -30.97 -2.71 -11.24
CA CYS B 89 -31.33 -2.58 -12.64
C CYS B 89 -32.11 -3.76 -13.18
N VAL B 90 -32.08 -4.92 -12.52
CA VAL B 90 -32.81 -6.09 -12.98
C VAL B 90 -34.21 -6.05 -12.36
N ASN B 91 -35.21 -5.87 -13.21
CA ASN B 91 -36.62 -5.87 -12.80
C ASN B 91 -37.34 -6.89 -13.67
N HIS B 92 -37.73 -8.01 -13.07
CA HIS B 92 -38.35 -9.09 -13.83
C HIS B 92 -39.29 -9.86 -12.92
N LYS B 93 -40.29 -10.50 -13.54
CA LYS B 93 -41.31 -11.22 -12.79
C LYS B 93 -40.74 -12.40 -12.03
N ASN B 94 -39.65 -12.99 -12.51
CA ASN B 94 -39.12 -14.23 -11.95
C ASN B 94 -37.74 -14.04 -11.30
N ILE B 95 -37.39 -12.80 -10.96
CA ILE B 95 -36.18 -12.50 -10.19
C ILE B 95 -36.60 -11.59 -9.05
N ILE B 96 -36.15 -11.93 -7.83
CA ILE B 96 -36.56 -11.19 -6.65
C ILE B 96 -36.22 -9.71 -6.83
N GLY B 97 -37.09 -8.84 -6.33
CA GLY B 97 -37.05 -7.42 -6.63
C GLY B 97 -36.60 -6.59 -5.44
N LEU B 98 -35.76 -5.60 -5.71
CA LEU B 98 -35.27 -4.70 -4.68
C LEU B 98 -36.33 -3.70 -4.28
N LEU B 99 -36.47 -3.49 -2.97
CA LEU B 99 -37.40 -2.50 -2.44
C LEU B 99 -36.71 -1.35 -1.73
N ASN B 100 -35.59 -1.60 -1.07
CA ASN B 100 -34.84 -0.54 -0.40
C ASN B 100 -33.45 -1.06 -0.08
N VAL B 101 -32.52 -0.12 0.08
CA VAL B 101 -31.15 -0.40 0.51
C VAL B 101 -30.72 0.74 1.43
N PHE B 102 -30.23 0.39 2.62
CA PHE B 102 -29.84 1.41 3.59
C PHE B 102 -28.72 0.86 4.47
N THR B 103 -28.07 1.79 5.19
CA THR B 103 -27.07 1.46 6.18
C THR B 103 -27.28 2.41 7.37
N PRO B 104 -27.23 1.89 8.59
CA PRO B 104 -27.46 2.74 9.77
C PRO B 104 -26.31 3.67 10.11
N GLN B 105 -25.14 3.47 9.52
CA GLN B 105 -23.97 4.27 9.85
C GLN B 105 -23.97 5.58 9.07
N LYS B 106 -23.48 6.64 9.72
CA LYS B 106 -23.65 8.01 9.24
C LYS B 106 -22.60 8.44 8.22
N SER B 107 -21.35 8.00 8.37
CA SER B 107 -20.27 8.46 7.51
C SER B 107 -19.57 7.26 6.86
N LEU B 108 -18.70 7.57 5.91
CA LEU B 108 -17.94 6.52 5.23
C LEU B 108 -17.03 5.79 6.21
N GLU B 109 -16.39 6.51 7.12
CA GLU B 109 -15.49 5.88 8.09
C GLU B 109 -16.24 4.96 9.04
N GLU B 110 -17.44 5.36 9.46
CA GLU B 110 -18.20 4.53 10.39
C GLU B 110 -18.98 3.43 9.67
N PHE B 111 -18.94 3.39 8.34
CA PHE B 111 -19.72 2.42 7.57
C PHE B 111 -19.35 0.99 7.95
N GLN B 112 -20.37 0.16 8.13
CA GLN B 112 -20.18 -1.21 8.60
C GLN B 112 -21.07 -2.21 7.86
N ASP B 113 -22.38 -2.08 8.02
CA ASP B 113 -23.32 -3.10 7.55
C ASP B 113 -24.20 -2.56 6.43
N VAL B 114 -24.76 -3.49 5.66
CA VAL B 114 -25.65 -3.18 4.55
C VAL B 114 -26.90 -4.03 4.71
N TYR B 115 -28.07 -3.39 4.56
CA TYR B 115 -29.35 -4.08 4.63
C TYR B 115 -30.05 -3.97 3.29
N ILE B 116 -30.54 -5.11 2.80
CA ILE B 116 -31.26 -5.18 1.53
C ILE B 116 -32.70 -5.54 1.83
N VAL B 117 -33.62 -4.71 1.35
CA VAL B 117 -35.06 -4.94 1.51
C VAL B 117 -35.59 -5.39 0.16
N MET B 118 -36.19 -6.58 0.12
CA MET B 118 -36.64 -7.18 -1.11
C MET B 118 -38.06 -7.72 -0.94
N GLU B 119 -38.64 -8.15 -2.06
CA GLU B 119 -39.99 -8.72 -2.03
C GLU B 119 -39.99 -9.97 -1.17
N LEU B 120 -41.02 -10.12 -0.34
CA LEU B 120 -41.10 -11.22 0.60
C LEU B 120 -41.90 -12.37 -0.02
N MET B 121 -41.23 -13.51 -0.20
CA MET B 121 -41.88 -14.72 -0.69
C MET B 121 -42.23 -15.64 0.47
N ASP B 122 -42.94 -16.71 0.16
CA ASP B 122 -43.53 -17.57 1.19
C ASP B 122 -42.59 -18.67 1.66
N ALA B 123 -41.85 -19.30 0.74
CA ALA B 123 -40.95 -20.38 1.11
C ALA B 123 -39.97 -20.61 -0.04
N ASN B 124 -39.02 -21.51 0.19
CA ASN B 124 -38.06 -21.91 -0.81
C ASN B 124 -38.47 -23.26 -1.41
N LEU B 125 -37.75 -23.67 -2.46
CA LEU B 125 -38.13 -24.84 -3.22
C LEU B 125 -38.06 -26.14 -2.42
N CYS B 126 -37.40 -26.14 -1.26
CA CYS B 126 -37.32 -27.36 -0.47
C CYS B 126 -38.69 -27.86 -0.03
N GLN B 127 -39.65 -26.95 0.14
CA GLN B 127 -41.01 -27.39 0.46
C GLN B 127 -41.75 -27.88 -0.77
N VAL B 128 -41.49 -27.29 -1.93
CA VAL B 128 -42.17 -27.70 -3.17
C VAL B 128 -41.58 -28.98 -3.73
N ILE B 129 -40.25 -29.14 -3.67
CA ILE B 129 -39.61 -30.34 -4.21
C ILE B 129 -40.08 -31.58 -3.46
N GLN B 130 -40.27 -31.45 -2.15
CA GLN B 130 -40.63 -32.59 -1.31
C GLN B 130 -42.09 -32.98 -1.45
N MET B 131 -42.98 -32.01 -1.67
CA MET B 131 -44.40 -32.32 -1.79
C MET B 131 -44.71 -32.91 -3.17
N GLU B 132 -45.86 -33.57 -3.25
CA GLU B 132 -46.27 -34.23 -4.48
C GLU B 132 -47.06 -33.27 -5.35
N LEU B 133 -46.53 -32.97 -6.54
CA LEU B 133 -47.12 -32.02 -7.47
C LEU B 133 -47.69 -32.73 -8.69
N ASP B 134 -48.60 -32.04 -9.37
CA ASP B 134 -49.11 -32.50 -10.66
C ASP B 134 -48.26 -31.89 -11.79
N HIS B 135 -48.53 -32.36 -13.02
CA HIS B 135 -47.79 -31.87 -14.17
C HIS B 135 -47.99 -30.37 -14.39
N GLU B 136 -49.20 -29.87 -14.10
CA GLU B 136 -49.50 -28.47 -14.37
C GLU B 136 -48.62 -27.53 -13.55
N ARG B 137 -48.43 -27.84 -12.27
CA ARG B 137 -47.58 -26.99 -11.44
C ARG B 137 -46.10 -27.28 -11.64
N MET B 138 -45.75 -28.54 -11.88
CA MET B 138 -44.36 -28.89 -12.12
C MET B 138 -43.81 -28.18 -13.35
N SER B 139 -44.56 -28.21 -14.46
CA SER B 139 -44.09 -27.57 -15.69
C SER B 139 -44.13 -26.05 -15.57
N TYR B 140 -45.14 -25.50 -14.89
CA TYR B 140 -45.24 -24.06 -14.77
C TYR B 140 -44.15 -23.49 -13.86
N LEU B 141 -43.75 -24.25 -12.84
CA LEU B 141 -42.63 -23.81 -12.00
C LEU B 141 -41.32 -23.86 -12.77
N LEU B 142 -41.13 -24.90 -13.59
CA LEU B 142 -39.94 -24.98 -14.43
C LEU B 142 -39.94 -23.88 -15.49
N TYR B 143 -41.11 -23.56 -16.04
CA TYR B 143 -41.21 -22.46 -16.99
C TYR B 143 -40.79 -21.15 -16.33
N GLN B 144 -41.26 -20.89 -15.11
CA GLN B 144 -40.88 -19.67 -14.41
C GLN B 144 -39.38 -19.63 -14.15
N MET B 145 -38.78 -20.79 -13.84
CA MET B 145 -37.33 -20.85 -13.68
C MET B 145 -36.61 -20.46 -14.97
N LEU B 146 -37.01 -21.06 -16.09
CA LEU B 146 -36.33 -20.81 -17.36
C LEU B 146 -36.48 -19.36 -17.80
N CYS B 147 -37.62 -18.74 -17.51
CA CYS B 147 -37.80 -17.33 -17.84
C CYS B 147 -36.81 -16.47 -17.07
N GLY B 148 -36.62 -16.75 -15.78
CA GLY B 148 -35.64 -15.99 -15.00
C GLY B 148 -34.22 -16.23 -15.48
N ILE B 149 -33.90 -17.46 -15.87
CA ILE B 149 -32.56 -17.76 -16.37
C ILE B 149 -32.31 -17.02 -17.69
N LYS B 150 -33.27 -17.09 -18.61
CA LYS B 150 -33.10 -16.44 -19.90
C LYS B 150 -32.95 -14.93 -19.75
N HIS B 151 -33.67 -14.34 -18.80
CA HIS B 151 -33.55 -12.91 -18.56
C HIS B 151 -32.15 -12.57 -18.05
N LEU B 152 -31.62 -13.37 -17.12
CA LEU B 152 -30.26 -13.15 -16.65
C LEU B 152 -29.25 -13.29 -17.78
N HIS B 153 -29.48 -14.23 -18.70
CA HIS B 153 -28.55 -14.44 -19.81
C HIS B 153 -28.57 -13.26 -20.77
N SER B 154 -29.74 -12.65 -20.98
CA SER B 154 -29.83 -11.50 -21.87
C SER B 154 -28.98 -10.34 -21.36
N ALA B 155 -28.74 -10.28 -20.06
CA ALA B 155 -27.87 -9.28 -19.47
C ALA B 155 -26.41 -9.74 -19.40
N GLY B 156 -26.13 -10.98 -19.77
CA GLY B 156 -24.79 -11.51 -19.72
C GLY B 156 -24.41 -12.15 -18.40
N ILE B 157 -25.37 -12.46 -17.54
CA ILE B 157 -25.10 -13.11 -16.25
C ILE B 157 -25.45 -14.58 -16.38
N ILE B 158 -24.47 -15.44 -16.13
CA ILE B 158 -24.70 -16.88 -16.06
C ILE B 158 -24.68 -17.26 -14.59
N HIS B 159 -25.77 -17.86 -14.12
CA HIS B 159 -25.96 -18.05 -12.68
C HIS B 159 -24.96 -19.05 -12.11
N ARG B 160 -24.99 -20.29 -12.61
CA ARG B 160 -24.05 -21.34 -12.25
C ARG B 160 -24.17 -21.75 -10.77
N ASP B 161 -25.24 -21.33 -10.08
CA ASP B 161 -25.38 -21.66 -8.67
C ASP B 161 -26.84 -21.88 -8.28
N LEU B 162 -27.67 -22.32 -9.23
CA LEU B 162 -29.08 -22.55 -8.93
C LEU B 162 -29.25 -23.84 -8.13
N LYS B 163 -29.96 -23.73 -7.00
CA LYS B 163 -30.29 -24.85 -6.14
C LYS B 163 -31.59 -24.51 -5.43
N PRO B 164 -32.28 -25.52 -4.87
CA PRO B 164 -33.56 -25.25 -4.19
C PRO B 164 -33.49 -24.20 -3.11
N SER B 165 -32.29 -23.93 -2.56
CA SER B 165 -32.18 -23.01 -1.45
C SER B 165 -32.27 -21.55 -1.88
N ASN B 166 -31.80 -21.21 -3.08
CA ASN B 166 -31.85 -19.83 -3.56
C ASN B 166 -32.95 -19.62 -4.59
N ILE B 167 -33.98 -20.45 -4.57
CA ILE B 167 -35.16 -20.27 -5.40
C ILE B 167 -36.37 -20.31 -4.47
N VAL B 168 -37.17 -19.25 -4.48
CA VAL B 168 -38.30 -19.11 -3.56
C VAL B 168 -39.59 -19.11 -4.36
N VAL B 169 -40.68 -19.50 -3.69
CA VAL B 169 -41.99 -19.61 -4.30
C VAL B 169 -43.01 -18.94 -3.38
N LYS B 170 -44.19 -18.69 -3.95
CA LYS B 170 -45.29 -18.11 -3.21
C LYS B 170 -46.51 -19.02 -3.34
N SER B 171 -47.45 -18.90 -2.39
CA SER B 171 -48.58 -19.80 -2.35
C SER B 171 -49.50 -19.67 -3.56
N ASP B 172 -49.39 -18.58 -4.32
CA ASP B 172 -50.09 -18.45 -5.58
C ASP B 172 -49.31 -19.07 -6.75
N CYS B 173 -48.28 -19.87 -6.45
CA CYS B 173 -47.52 -20.63 -7.43
C CYS B 173 -46.69 -19.72 -8.35
N THR B 174 -46.10 -18.69 -7.77
CA THR B 174 -45.13 -17.86 -8.47
C THR B 174 -43.73 -18.15 -7.94
N LEU B 175 -42.73 -17.99 -8.80
CA LEU B 175 -41.37 -18.38 -8.49
C LEU B 175 -40.40 -17.25 -8.81
N LYS B 176 -39.39 -17.08 -7.97
CA LYS B 176 -38.40 -16.02 -8.13
C LYS B 176 -37.03 -16.53 -7.72
N ILE B 177 -36.00 -16.06 -8.42
CA ILE B 177 -34.61 -16.40 -8.09
C ILE B 177 -34.07 -15.36 -7.12
N LEU B 178 -33.36 -15.83 -6.09
CA LEU B 178 -32.93 -14.94 -5.02
C LEU B 178 -31.65 -14.20 -5.36
N ASP B 179 -30.62 -14.92 -5.77
CA ASP B 179 -29.30 -14.33 -6.01
C ASP B 179 -28.92 -14.49 -7.48
N PHE B 180 -27.71 -14.04 -7.81
CA PHE B 180 -27.22 -14.04 -9.19
C PHE B 180 -26.03 -14.96 -9.38
N GLY B 181 -25.83 -15.92 -8.46
CA GLY B 181 -24.87 -16.96 -8.67
C GLY B 181 -23.42 -16.49 -8.58
N LEU B 182 -22.55 -17.31 -9.18
CA LEU B 182 -21.11 -17.11 -9.12
C LEU B 182 -20.61 -16.54 -10.44
N ALA B 183 -19.72 -15.56 -10.35
CA ALA B 183 -19.09 -15.03 -11.55
C ALA B 183 -18.07 -16.03 -12.09
N ARG B 184 -17.40 -15.66 -13.18
CA ARG B 184 -16.40 -16.55 -13.76
C ARG B 184 -15.23 -16.74 -12.82
N THR B 185 -14.84 -15.68 -12.10
CA THR B 185 -13.73 -15.71 -11.17
C THR B 185 -14.16 -16.08 -9.75
N ALA B 186 -15.46 -16.29 -9.51
CA ALA B 186 -15.95 -16.48 -8.15
C ALA B 186 -15.43 -17.78 -7.54
N GLY B 187 -15.32 -18.83 -8.33
CA GLY B 187 -14.90 -20.13 -7.85
C GLY B 187 -16.05 -21.13 -7.82
N THR B 188 -15.79 -22.25 -7.16
CA THR B 188 -16.76 -23.35 -7.13
C THR B 188 -17.89 -23.11 -6.14
N SER B 189 -17.63 -22.38 -5.06
CA SER B 189 -18.65 -22.21 -4.03
C SER B 189 -18.42 -20.89 -3.30
N PHE B 190 -19.46 -20.44 -2.61
CA PHE B 190 -19.43 -19.25 -1.78
C PHE B 190 -19.25 -19.67 -0.31
N MET B 191 -19.48 -18.73 0.60
CA MET B 191 -19.29 -18.95 2.03
C MET B 191 -20.14 -20.14 2.53
N MET B 192 -19.81 -20.60 3.73
CA MET B 192 -20.41 -21.80 4.27
C MET B 192 -21.87 -21.58 4.68
N THR B 193 -22.66 -22.66 4.60
CA THR B 193 -24.00 -22.69 5.16
C THR B 193 -24.41 -24.14 5.40
N PRO B 194 -25.08 -24.45 6.52
CA PRO B 194 -25.45 -25.84 6.80
C PRO B 194 -26.74 -26.29 6.13
N TYR B 195 -27.45 -25.40 5.46
CA TYR B 195 -28.73 -25.74 4.83
C TYR B 195 -28.61 -26.06 3.35
N VAL B 196 -27.40 -25.96 2.78
CA VAL B 196 -27.20 -26.19 1.36
C VAL B 196 -25.96 -27.03 1.15
N VAL B 197 -26.00 -27.91 0.16
CA VAL B 197 -24.82 -28.60 -0.36
C VAL B 197 -24.72 -28.26 -1.84
N THR B 198 -23.76 -27.40 -2.18
CA THR B 198 -23.71 -26.86 -3.54
C THR B 198 -23.27 -27.91 -4.56
N ARG B 199 -22.39 -28.83 -4.16
CA ARG B 199 -21.79 -29.75 -5.13
C ARG B 199 -22.83 -30.66 -5.77
N TYR B 200 -23.98 -30.88 -5.12
CA TYR B 200 -25.00 -31.75 -5.70
C TYR B 200 -25.50 -31.24 -7.04
N TYR B 201 -25.55 -29.91 -7.21
CA TYR B 201 -26.08 -29.29 -8.41
C TYR B 201 -25.00 -28.68 -9.28
N ARG B 202 -23.74 -29.01 -9.02
CA ARG B 202 -22.64 -28.51 -9.82
C ARG B 202 -22.58 -29.25 -11.16
N ALA B 203 -22.31 -28.50 -12.23
CA ALA B 203 -22.32 -29.08 -13.56
C ALA B 203 -20.99 -29.76 -13.87
N PRO B 204 -21.01 -30.77 -14.74
CA PRO B 204 -19.75 -31.46 -15.10
C PRO B 204 -18.68 -30.52 -15.65
N GLU B 205 -19.07 -29.49 -16.41
CA GLU B 205 -18.07 -28.55 -16.91
C GLU B 205 -17.32 -27.88 -15.77
N VAL B 206 -18.02 -27.50 -14.71
CA VAL B 206 -17.37 -26.84 -13.58
C VAL B 206 -16.54 -27.84 -12.79
N ILE B 207 -17.06 -29.07 -12.64
CA ILE B 207 -16.33 -30.10 -11.89
C ILE B 207 -14.97 -30.36 -12.53
N LEU B 208 -14.96 -30.62 -13.83
CA LEU B 208 -13.76 -31.03 -14.54
C LEU B 208 -12.91 -29.85 -15.02
N GLY B 209 -13.17 -28.65 -14.51
CA GLY B 209 -12.33 -27.51 -14.85
C GLY B 209 -12.40 -27.07 -16.29
N MET B 210 -13.45 -27.46 -17.01
CA MET B 210 -13.67 -26.96 -18.36
C MET B 210 -14.29 -25.57 -18.30
N GLY B 211 -14.32 -24.90 -19.45
CA GLY B 211 -15.11 -23.70 -19.55
C GLY B 211 -16.59 -24.00 -19.47
N TYR B 212 -17.38 -23.00 -19.09
CA TYR B 212 -18.82 -23.17 -18.98
C TYR B 212 -19.52 -22.19 -19.89
N LYS B 213 -20.61 -22.64 -20.50
CA LYS B 213 -21.39 -21.86 -21.43
C LYS B 213 -22.66 -21.38 -20.73
N GLU B 214 -23.59 -20.79 -21.49
CA GLU B 214 -24.81 -20.29 -20.89
C GLU B 214 -25.74 -21.44 -20.48
N ASN B 215 -25.68 -22.55 -21.20
CA ASN B 215 -26.53 -23.70 -20.89
C ASN B 215 -26.02 -24.50 -19.68
N VAL B 216 -25.02 -23.99 -18.96
CA VAL B 216 -24.62 -24.62 -17.70
C VAL B 216 -25.75 -24.56 -16.70
N ASP B 217 -26.64 -23.57 -16.81
CA ASP B 217 -27.75 -23.43 -15.89
C ASP B 217 -28.80 -24.51 -16.08
N LEU B 218 -28.88 -25.13 -17.26
CA LEU B 218 -29.84 -26.21 -17.46
C LEU B 218 -29.46 -27.48 -16.71
N TRP B 219 -28.18 -27.66 -16.40
CA TRP B 219 -27.80 -28.79 -15.56
C TRP B 219 -28.40 -28.65 -14.17
N SER B 220 -28.32 -27.45 -13.59
CA SER B 220 -28.99 -27.19 -12.32
C SER B 220 -30.48 -27.44 -12.41
N VAL B 221 -31.11 -26.98 -13.50
CA VAL B 221 -32.55 -27.20 -13.69
C VAL B 221 -32.84 -28.69 -13.80
N GLY B 222 -32.00 -29.43 -14.51
CA GLY B 222 -32.19 -30.86 -14.62
C GLY B 222 -32.10 -31.58 -13.29
N CYS B 223 -31.18 -31.14 -12.44
CA CYS B 223 -31.06 -31.72 -11.10
C CYS B 223 -32.27 -31.35 -10.25
N ILE B 224 -32.77 -30.11 -10.38
CA ILE B 224 -33.95 -29.71 -9.61
C ILE B 224 -35.19 -30.42 -10.11
N MET B 225 -35.35 -30.53 -11.43
CA MET B 225 -36.53 -31.20 -11.99
C MET B 225 -36.53 -32.68 -11.63
N GLY B 226 -35.37 -33.34 -11.78
CA GLY B 226 -35.29 -34.74 -11.39
C GLY B 226 -35.53 -34.93 -9.91
N GLU B 227 -35.25 -33.91 -9.10
CA GLU B 227 -35.51 -33.98 -7.67
C GLU B 227 -37.00 -33.86 -7.37
N MET B 228 -37.76 -33.16 -8.21
CA MET B 228 -39.20 -33.11 -8.04
C MET B 228 -39.84 -34.45 -8.32
N VAL B 229 -39.21 -35.28 -9.15
CA VAL B 229 -39.77 -36.58 -9.52
C VAL B 229 -39.31 -37.67 -8.56
N CYS B 230 -38.01 -37.73 -8.28
CA CYS B 230 -37.46 -38.79 -7.43
C CYS B 230 -37.65 -38.52 -5.94
N HIS B 231 -37.85 -37.28 -5.55
CA HIS B 231 -37.94 -36.87 -4.14
C HIS B 231 -36.67 -37.21 -3.36
N LYS B 232 -35.54 -37.32 -4.05
CA LYS B 232 -34.24 -37.49 -3.42
C LYS B 232 -33.18 -36.84 -4.29
N ILE B 233 -32.03 -36.56 -3.68
CA ILE B 233 -30.94 -35.93 -4.40
C ILE B 233 -30.46 -36.86 -5.50
N LEU B 234 -30.34 -36.34 -6.73
CA LEU B 234 -29.94 -37.16 -7.86
C LEU B 234 -28.49 -37.59 -7.75
N PHE B 235 -27.57 -36.62 -7.61
CA PHE B 235 -26.14 -36.88 -7.60
C PHE B 235 -25.56 -36.41 -6.26
N PRO B 236 -25.61 -37.23 -5.22
CA PRO B 236 -25.10 -36.86 -3.89
C PRO B 236 -23.63 -37.22 -3.68
N GLY B 237 -22.75 -36.34 -4.14
CA GLY B 237 -21.32 -36.59 -3.99
C GLY B 237 -20.87 -36.43 -2.55
N ARG B 238 -19.92 -37.27 -2.14
CA ARG B 238 -19.38 -37.18 -0.79
C ARG B 238 -18.32 -36.10 -0.67
N ASP B 239 -17.65 -35.75 -1.77
CA ASP B 239 -16.70 -34.66 -1.80
C ASP B 239 -16.71 -34.07 -3.21
N TYR B 240 -15.83 -33.10 -3.44
CA TYR B 240 -15.83 -32.37 -4.71
C TYR B 240 -15.64 -33.33 -5.89
N ILE B 241 -14.53 -34.07 -5.90
CA ILE B 241 -14.23 -34.91 -7.05
C ILE B 241 -15.09 -36.18 -7.05
N ASP B 242 -15.66 -36.57 -5.91
CA ASP B 242 -16.56 -37.70 -5.90
C ASP B 242 -17.89 -37.38 -6.57
N GLN B 243 -18.22 -36.10 -6.75
CA GLN B 243 -19.43 -35.72 -7.45
C GLN B 243 -19.43 -36.25 -8.88
N TRP B 244 -18.26 -36.30 -9.51
CA TRP B 244 -18.16 -36.86 -10.85
C TRP B 244 -18.52 -38.34 -10.86
N ASN B 245 -18.10 -39.07 -9.82
CA ASN B 245 -18.43 -40.49 -9.73
C ASN B 245 -19.94 -40.71 -9.69
N LYS B 246 -20.64 -39.92 -8.87
CA LYS B 246 -22.09 -40.07 -8.76
C LYS B 246 -22.80 -39.73 -10.06
N VAL B 247 -22.20 -38.87 -10.90
CA VAL B 247 -22.84 -38.50 -12.15
C VAL B 247 -22.69 -39.61 -13.19
N ILE B 248 -21.48 -40.15 -13.32
CA ILE B 248 -21.26 -41.19 -14.33
C ILE B 248 -21.88 -42.52 -13.91
N GLU B 249 -22.02 -42.77 -12.60
CA GLU B 249 -22.68 -43.98 -12.16
C GLU B 249 -24.13 -44.05 -12.62
N GLN B 250 -24.77 -42.88 -12.78
CA GLN B 250 -26.15 -42.82 -13.24
C GLN B 250 -26.27 -42.63 -14.74
N LEU B 251 -25.57 -41.64 -15.29
CA LEU B 251 -25.71 -41.30 -16.70
C LEU B 251 -24.77 -42.07 -17.61
N GLY B 252 -23.70 -42.63 -17.07
CA GLY B 252 -22.76 -43.38 -17.89
C GLY B 252 -21.52 -42.58 -18.22
N THR B 253 -20.40 -43.31 -18.38
CA THR B 253 -19.14 -42.69 -18.76
C THR B 253 -19.32 -41.94 -20.08
N PRO B 254 -18.86 -40.70 -20.17
CA PRO B 254 -19.10 -39.90 -21.38
C PRO B 254 -18.32 -40.42 -22.58
N CYS B 255 -18.74 -39.96 -23.76
CA CYS B 255 -18.14 -40.40 -25.01
C CYS B 255 -16.74 -39.82 -25.17
N PRO B 256 -15.89 -40.48 -25.97
CA PRO B 256 -14.53 -39.94 -26.19
C PRO B 256 -14.52 -38.54 -26.80
N GLU B 257 -15.55 -38.17 -27.56
CA GLU B 257 -15.65 -36.82 -28.09
C GLU B 257 -15.60 -35.78 -26.98
N PHE B 258 -16.25 -36.07 -25.85
CA PHE B 258 -16.27 -35.14 -24.73
C PHE B 258 -14.91 -35.07 -24.06
N MET B 259 -14.29 -36.23 -23.80
CA MET B 259 -13.07 -36.27 -23.00
C MET B 259 -11.89 -35.61 -23.70
N LYS B 260 -11.94 -35.44 -25.03
CA LYS B 260 -10.85 -34.78 -25.74
C LYS B 260 -10.74 -33.30 -25.40
N LYS B 261 -11.84 -32.67 -24.94
CA LYS B 261 -11.85 -31.26 -24.58
C LYS B 261 -11.25 -30.98 -23.21
N LEU B 262 -10.92 -32.01 -22.45
CA LEU B 262 -10.45 -31.85 -21.08
C LEU B 262 -8.96 -31.53 -21.04
N GLN B 263 -8.56 -30.83 -19.98
CA GLN B 263 -7.15 -30.57 -19.75
C GLN B 263 -6.42 -31.89 -19.49
N PRO B 264 -5.11 -31.96 -19.78
CA PRO B 264 -4.40 -33.25 -19.68
C PRO B 264 -4.60 -33.99 -18.35
N THR B 265 -4.34 -33.32 -17.22
CA THR B 265 -4.43 -33.99 -15.93
C THR B 265 -5.86 -34.42 -15.63
N VAL B 266 -6.83 -33.56 -15.91
CA VAL B 266 -8.24 -33.92 -15.69
C VAL B 266 -8.64 -35.06 -16.63
N ARG B 267 -8.15 -35.03 -17.87
CA ARG B 267 -8.44 -36.12 -18.80
C ARG B 267 -7.89 -37.45 -18.28
N THR B 268 -6.64 -37.45 -17.83
CA THR B 268 -6.04 -38.67 -17.30
C THR B 268 -6.89 -39.26 -16.18
N TYR B 269 -7.40 -38.39 -15.29
CA TYR B 269 -8.28 -38.86 -14.22
C TYR B 269 -9.57 -39.45 -14.80
N VAL B 270 -10.22 -38.72 -15.72
CA VAL B 270 -11.51 -39.14 -16.23
C VAL B 270 -11.37 -40.42 -17.07
N GLU B 271 -10.29 -40.52 -17.85
CA GLU B 271 -10.11 -41.70 -18.68
C GLU B 271 -9.94 -42.96 -17.84
N ASN B 272 -9.17 -42.87 -16.75
CA ASN B 272 -8.88 -44.02 -15.92
C ASN B 272 -9.89 -44.22 -14.79
N ARG B 273 -11.02 -43.53 -14.84
CA ARG B 273 -12.11 -43.84 -13.91
C ARG B 273 -12.73 -45.19 -14.27
N PRO B 274 -13.32 -45.88 -13.31
CA PRO B 274 -14.07 -47.10 -13.64
C PRO B 274 -15.17 -46.79 -14.63
N LYS B 275 -15.25 -47.60 -15.69
CA LYS B 275 -16.23 -47.36 -16.75
C LYS B 275 -17.62 -47.76 -16.27
N TYR B 276 -18.58 -46.87 -16.47
CA TYR B 276 -19.98 -47.11 -16.14
C TYR B 276 -20.83 -46.95 -17.38
N ALA B 277 -21.72 -47.92 -17.62
CA ALA B 277 -22.61 -47.86 -18.76
C ALA B 277 -23.82 -46.95 -18.53
N GLY B 278 -24.14 -46.65 -17.28
CA GLY B 278 -25.29 -45.81 -16.97
C GLY B 278 -26.62 -46.52 -17.19
N TYR B 279 -27.69 -45.75 -16.99
CA TYR B 279 -29.05 -46.24 -17.14
C TYR B 279 -29.82 -45.32 -18.08
N SER B 280 -30.68 -45.94 -18.90
CA SER B 280 -31.58 -45.15 -19.75
C SER B 280 -32.53 -44.34 -18.87
N PHE B 281 -33.00 -43.21 -19.42
CA PHE B 281 -33.85 -42.31 -18.64
C PHE B 281 -35.21 -42.92 -18.32
N GLU B 282 -35.63 -43.95 -19.07
CA GLU B 282 -36.84 -44.67 -18.69
C GLU B 282 -36.62 -45.49 -17.42
N LYS B 283 -35.41 -46.02 -17.22
CA LYS B 283 -35.11 -46.71 -15.98
C LYS B 283 -34.78 -45.74 -14.86
N LEU B 284 -34.18 -44.60 -15.20
CA LEU B 284 -33.88 -43.59 -14.18
C LEU B 284 -35.16 -42.93 -13.68
N PHE B 285 -36.05 -42.53 -14.60
CA PHE B 285 -37.31 -41.87 -14.25
C PHE B 285 -38.45 -42.68 -14.85
N PRO B 286 -38.87 -43.75 -14.18
CA PRO B 286 -40.01 -44.54 -14.67
C PRO B 286 -41.30 -43.75 -14.62
N ASP B 287 -42.30 -44.28 -15.32
CA ASP B 287 -43.61 -43.63 -15.39
C ASP B 287 -44.26 -43.56 -14.01
N VAL B 288 -43.94 -44.49 -13.12
CA VAL B 288 -44.59 -44.54 -11.82
C VAL B 288 -44.21 -43.33 -10.96
N LEU B 289 -43.03 -42.75 -11.19
CA LEU B 289 -42.58 -41.62 -10.39
C LEU B 289 -43.22 -40.30 -10.81
N PHE B 290 -43.84 -40.23 -11.98
CA PHE B 290 -44.51 -39.02 -12.43
C PHE B 290 -45.98 -39.04 -12.04
N PRO B 291 -46.61 -37.88 -11.88
CA PRO B 291 -48.06 -37.84 -11.61
C PRO B 291 -48.84 -38.33 -12.82
N ALA B 292 -50.14 -38.47 -12.61
CA ALA B 292 -51.04 -38.91 -13.68
C ALA B 292 -50.99 -37.93 -14.84
N ASP B 293 -51.02 -38.47 -16.06
CA ASP B 293 -50.96 -37.65 -17.26
C ASP B 293 -52.12 -36.65 -17.29
N SER B 294 -51.78 -35.36 -17.26
CA SER B 294 -52.78 -34.30 -17.25
C SER B 294 -53.65 -34.35 -18.50
N GLU B 295 -54.80 -33.67 -18.41
CA GLU B 295 -55.72 -33.61 -19.54
C GLU B 295 -55.09 -32.91 -20.75
N HIS B 296 -53.96 -32.23 -20.58
CA HIS B 296 -53.27 -31.61 -21.70
C HIS B 296 -52.39 -32.64 -22.40
N ASN B 297 -52.36 -32.54 -23.73
CA ASN B 297 -51.66 -33.54 -24.53
C ASN B 297 -50.15 -33.50 -24.29
N LYS B 298 -49.59 -32.31 -24.06
CA LYS B 298 -48.15 -32.17 -23.89
C LYS B 298 -47.68 -32.52 -22.49
N LEU B 299 -48.56 -32.50 -21.49
CA LEU B 299 -48.15 -32.74 -20.10
C LEU B 299 -48.27 -34.23 -19.78
N LYS B 300 -47.39 -35.00 -20.42
CA LYS B 300 -47.28 -36.44 -20.25
C LYS B 300 -46.02 -36.77 -19.46
N ALA B 301 -46.02 -37.97 -18.87
CA ALA B 301 -44.82 -38.45 -18.18
C ALA B 301 -43.66 -38.63 -19.15
N SER B 302 -43.96 -38.96 -20.41
CA SER B 302 -42.90 -39.14 -21.39
C SER B 302 -42.31 -37.80 -21.83
N GLN B 303 -43.11 -36.73 -21.82
CA GLN B 303 -42.59 -35.43 -22.22
C GLN B 303 -41.67 -34.85 -21.14
N ALA B 304 -42.05 -34.99 -19.87
CA ALA B 304 -41.18 -34.56 -18.79
C ALA B 304 -39.88 -35.35 -18.79
N ARG B 305 -39.96 -36.67 -19.03
CA ARG B 305 -38.76 -37.48 -19.16
C ARG B 305 -37.94 -37.09 -20.38
N ASP B 306 -38.60 -36.67 -21.46
CA ASP B 306 -37.87 -36.22 -22.64
C ASP B 306 -37.09 -34.95 -22.37
N LEU B 307 -37.66 -34.04 -21.58
CA LEU B 307 -36.94 -32.81 -21.23
C LEU B 307 -35.76 -33.13 -20.32
N LEU B 308 -35.92 -34.06 -19.38
CA LEU B 308 -34.81 -34.46 -18.52
C LEU B 308 -33.68 -35.09 -19.34
N SER B 309 -34.03 -35.90 -20.35
CA SER B 309 -33.02 -36.53 -21.18
C SER B 309 -32.22 -35.52 -21.99
N LYS B 310 -32.73 -34.30 -22.14
CA LYS B 310 -32.01 -33.25 -22.85
C LYS B 310 -31.29 -32.27 -21.94
N MET B 311 -31.65 -32.22 -20.65
CA MET B 311 -30.99 -31.35 -19.69
C MET B 311 -29.82 -32.05 -18.99
N LEU B 312 -30.07 -33.23 -18.43
CA LEU B 312 -29.03 -33.99 -17.72
C LEU B 312 -28.14 -34.66 -18.76
N VAL B 313 -27.28 -33.85 -19.37
CA VAL B 313 -26.34 -34.30 -20.39
C VAL B 313 -24.96 -33.79 -20.01
N ILE B 314 -23.99 -34.71 -19.94
CA ILE B 314 -22.65 -34.34 -19.48
C ILE B 314 -21.97 -33.41 -20.48
N ASP B 315 -22.09 -33.70 -21.77
CA ASP B 315 -21.48 -32.87 -22.80
C ASP B 315 -22.34 -31.64 -23.01
N ALA B 316 -21.83 -30.47 -22.59
CA ALA B 316 -22.58 -29.24 -22.76
C ALA B 316 -22.83 -28.93 -24.23
N SER B 317 -21.96 -29.42 -25.12
CA SER B 317 -22.16 -29.22 -26.54
C SER B 317 -23.43 -29.91 -27.02
N LYS B 318 -23.80 -31.03 -26.40
CA LYS B 318 -24.99 -31.78 -26.75
C LYS B 318 -26.20 -31.41 -25.90
N ARG B 319 -26.03 -30.57 -24.89
CA ARG B 319 -27.13 -30.15 -24.05
C ARG B 319 -27.94 -29.04 -24.73
N ILE B 320 -29.25 -29.05 -24.51
CA ILE B 320 -30.10 -28.01 -25.10
C ILE B 320 -29.92 -26.70 -24.35
N SER B 321 -30.31 -25.61 -25.01
CA SER B 321 -30.15 -24.27 -24.47
C SER B 321 -31.42 -23.85 -23.72
N VAL B 322 -31.36 -22.64 -23.14
CA VAL B 322 -32.53 -22.10 -22.44
C VAL B 322 -33.67 -21.89 -23.41
N ASP B 323 -33.37 -21.35 -24.59
CA ASP B 323 -34.42 -21.08 -25.57
C ASP B 323 -35.05 -22.38 -26.07
N GLU B 324 -34.25 -23.44 -26.20
CA GLU B 324 -34.79 -24.72 -26.65
C GLU B 324 -35.67 -25.36 -25.57
N ALA B 325 -35.34 -25.15 -24.29
CA ALA B 325 -36.19 -25.68 -23.22
C ALA B 325 -37.53 -24.95 -23.16
N LEU B 326 -37.52 -23.64 -23.38
CA LEU B 326 -38.77 -22.89 -23.39
C LEU B 326 -39.66 -23.27 -24.57
N GLN B 327 -39.10 -23.81 -25.65
CA GLN B 327 -39.88 -24.30 -26.78
C GLN B 327 -40.17 -25.78 -26.67
N HIS B 328 -39.70 -26.46 -25.64
CA HIS B 328 -40.00 -27.87 -25.46
C HIS B 328 -41.49 -28.04 -25.16
N PRO B 329 -42.12 -29.08 -25.67
CA PRO B 329 -43.58 -29.25 -25.47
C PRO B 329 -44.01 -29.25 -24.02
N TYR B 330 -43.18 -29.75 -23.11
CA TYR B 330 -43.55 -29.78 -21.70
C TYR B 330 -43.56 -28.39 -21.08
N ILE B 331 -42.79 -27.47 -21.64
CA ILE B 331 -42.69 -26.11 -21.12
C ILE B 331 -43.43 -25.11 -22.00
N ASN B 332 -43.41 -25.31 -23.32
CA ASN B 332 -43.98 -24.36 -24.27
C ASN B 332 -45.46 -24.09 -24.04
N VAL B 333 -46.11 -24.84 -23.15
CA VAL B 333 -47.54 -24.64 -22.89
C VAL B 333 -47.81 -23.23 -22.39
N TRP B 334 -46.94 -22.71 -21.53
CA TRP B 334 -47.15 -21.44 -20.85
C TRP B 334 -46.37 -20.28 -21.47
N TYR B 335 -45.87 -20.45 -22.70
CA TYR B 335 -44.97 -19.45 -23.26
C TYR B 335 -45.68 -18.12 -23.45
N ASP B 336 -45.11 -17.06 -22.85
CA ASP B 336 -45.58 -15.69 -23.02
C ASP B 336 -44.37 -14.85 -23.38
N PRO B 337 -44.37 -14.17 -24.54
CA PRO B 337 -43.18 -13.41 -24.94
C PRO B 337 -42.85 -12.27 -24.00
N SER B 338 -43.83 -11.72 -23.27
CA SER B 338 -43.55 -10.66 -22.33
C SER B 338 -42.73 -11.15 -21.14
N GLU B 339 -42.75 -12.46 -20.88
CA GLU B 339 -42.00 -13.05 -19.77
C GLU B 339 -40.68 -13.67 -20.21
N ALA B 340 -40.64 -14.30 -21.38
CA ALA B 340 -39.42 -14.93 -21.87
C ALA B 340 -38.56 -13.95 -22.68
N GLU B 341 -39.17 -13.27 -23.64
CA GLU B 341 -38.47 -12.29 -24.48
C GLU B 341 -38.60 -10.87 -23.94
N ALA B 342 -38.48 -10.72 -22.62
CA ALA B 342 -38.55 -9.41 -22.01
C ALA B 342 -37.31 -8.60 -22.37
N PRO B 343 -37.43 -7.27 -22.41
CA PRO B 343 -36.27 -6.44 -22.76
C PRO B 343 -35.13 -6.64 -21.79
N PRO B 344 -33.92 -6.87 -22.29
CA PRO B 344 -32.80 -7.15 -21.40
C PRO B 344 -32.44 -5.93 -20.57
N PRO B 345 -32.00 -6.11 -19.34
CA PRO B 345 -31.58 -4.97 -18.52
C PRO B 345 -30.21 -4.46 -18.94
N LYS B 346 -30.04 -3.14 -18.82
CA LYS B 346 -28.77 -2.49 -19.12
C LYS B 346 -28.01 -2.27 -17.83
N ILE B 347 -26.85 -2.92 -17.71
CA ILE B 347 -26.03 -2.83 -16.51
C ILE B 347 -25.14 -1.60 -16.63
N PRO B 348 -25.16 -0.70 -15.65
CA PRO B 348 -24.38 0.54 -15.80
C PRO B 348 -22.88 0.30 -15.79
N ASP B 349 -22.40 -0.63 -14.97
CA ASP B 349 -20.97 -0.87 -14.82
C ASP B 349 -20.54 -1.90 -15.87
N LYS B 350 -19.73 -1.46 -16.83
CA LYS B 350 -19.22 -2.37 -17.86
C LYS B 350 -18.14 -3.30 -17.31
N GLN B 351 -17.45 -2.90 -16.26
CA GLN B 351 -16.52 -3.83 -15.61
C GLN B 351 -17.10 -4.36 -14.31
N LEU B 352 -18.30 -4.95 -14.36
CA LEU B 352 -18.97 -5.36 -13.13
C LEU B 352 -18.19 -6.46 -12.42
N ASP B 353 -17.79 -7.49 -13.16
CA ASP B 353 -17.07 -8.62 -12.58
C ASP B 353 -15.56 -8.53 -12.74
N GLU B 354 -15.08 -7.65 -13.62
CA GLU B 354 -13.66 -7.59 -13.95
C GLU B 354 -12.85 -6.71 -13.01
N ARG B 355 -13.49 -5.80 -12.28
CA ARG B 355 -12.77 -4.82 -11.48
C ARG B 355 -12.20 -5.44 -10.20
N GLU B 356 -10.99 -4.99 -9.84
CA GLU B 356 -10.29 -5.42 -8.63
C GLU B 356 -9.91 -4.21 -7.81
N HIS B 357 -10.16 -4.27 -6.50
CA HIS B 357 -9.91 -3.15 -5.61
C HIS B 357 -9.35 -3.66 -4.29
N THR B 358 -8.85 -2.72 -3.50
CA THR B 358 -8.43 -3.01 -2.13
C THR B 358 -9.64 -2.95 -1.19
N ILE B 359 -9.41 -3.35 0.06
CA ILE B 359 -10.52 -3.46 1.01
C ILE B 359 -11.17 -2.11 1.26
N GLU B 360 -10.37 -1.04 1.33
CA GLU B 360 -10.94 0.29 1.51
C GLU B 360 -11.55 0.83 0.23
N GLU B 361 -11.02 0.41 -0.93
CA GLU B 361 -11.64 0.81 -2.19
C GLU B 361 -12.97 0.10 -2.39
N TRP B 362 -13.06 -1.16 -1.95
CA TRP B 362 -14.35 -1.86 -1.98
C TRP B 362 -15.33 -1.21 -1.00
N LYS B 363 -14.84 -0.79 0.16
CA LYS B 363 -15.69 -0.14 1.15
C LYS B 363 -16.33 1.12 0.59
N GLU B 364 -15.54 1.98 -0.05
CA GLU B 364 -16.07 3.20 -0.62
C GLU B 364 -16.96 2.92 -1.82
N LEU B 365 -16.61 1.91 -2.61
CA LEU B 365 -17.41 1.57 -3.78
C LEU B 365 -18.78 1.05 -3.37
N ILE B 366 -18.84 0.22 -2.34
CA ILE B 366 -20.13 -0.30 -1.86
C ILE B 366 -20.94 0.79 -1.18
N TYR B 367 -20.27 1.65 -0.40
CA TYR B 367 -20.96 2.72 0.31
C TYR B 367 -21.71 3.64 -0.65
N LYS B 368 -21.10 3.94 -1.80
CA LYS B 368 -21.74 4.81 -2.78
C LYS B 368 -22.97 4.17 -3.40
N GLU B 369 -22.95 2.84 -3.60
CA GLU B 369 -24.13 2.15 -4.11
C GLU B 369 -25.27 2.22 -3.10
N VAL B 370 -24.96 2.16 -1.81
CA VAL B 370 -26.00 2.20 -0.79
C VAL B 370 -26.64 3.58 -0.72
N MET B 371 -25.85 4.65 -0.90
CA MET B 371 -26.38 5.99 -0.68
C MET B 371 -27.02 6.61 -1.91
N ASP B 372 -26.81 6.07 -3.10
CA ASP B 372 -27.51 6.57 -4.28
C ASP B 372 -27.80 5.44 -5.26
N PRO C 2 -54.39 -24.58 -21.56
CA PRO C 2 -54.88 -24.50 -20.18
C PRO C 2 -54.51 -23.17 -19.53
N LYS C 3 -54.95 -22.97 -18.29
CA LYS C 3 -54.64 -21.76 -17.55
C LYS C 3 -53.59 -22.07 -16.49
N ARG C 4 -52.76 -21.07 -16.19
CA ARG C 4 -51.67 -21.29 -15.27
C ARG C 4 -52.22 -21.56 -13.86
N PRO C 5 -51.57 -22.45 -13.11
CA PRO C 5 -52.05 -22.74 -11.75
C PRO C 5 -52.02 -21.51 -10.86
N THR C 6 -53.02 -21.41 -9.98
CA THR C 6 -53.21 -20.24 -9.14
C THR C 6 -53.00 -20.52 -7.66
N THR C 7 -52.61 -21.75 -7.29
CA THR C 7 -52.41 -22.07 -5.88
C THR C 7 -51.30 -23.08 -5.70
N LEU C 8 -50.48 -22.86 -4.66
CA LEU C 8 -49.43 -23.78 -4.26
C LEU C 8 -49.47 -23.87 -2.73
N ASN C 9 -49.85 -25.02 -2.19
CA ASN C 9 -49.91 -25.15 -0.74
C ASN C 9 -48.53 -25.40 -0.16
N LEU C 10 -48.19 -24.63 0.88
CA LEU C 10 -46.93 -24.73 1.63
C LEU C 10 -45.72 -24.86 0.72
N ASP D 13 -14.19 2.57 63.37
CA ASP D 13 -13.63 1.25 63.11
C ASP D 13 -12.18 1.32 62.69
N LEU D 14 -11.44 0.23 62.92
CA LEU D 14 -10.07 0.17 62.45
C LEU D 14 -10.01 -0.01 60.93
N GLY D 15 -11.03 -0.66 60.35
CA GLY D 15 -11.08 -0.79 58.91
C GLY D 15 -11.40 0.51 58.21
N LYS D 16 -12.27 1.33 58.80
CA LYS D 16 -12.62 2.62 58.21
C LYS D 16 -11.43 3.57 58.19
N LYS D 17 -10.60 3.55 59.23
CA LYS D 17 -9.41 4.41 59.25
C LYS D 17 -8.41 4.00 58.19
N LEU D 18 -8.33 2.71 57.87
CA LEU D 18 -7.43 2.26 56.82
C LEU D 18 -7.87 2.79 55.45
N LEU D 19 -9.19 2.82 55.20
CA LEU D 19 -9.69 3.39 53.95
C LEU D 19 -9.33 4.86 53.82
N GLU D 20 -9.49 5.64 54.90
CA GLU D 20 -9.20 7.06 54.83
C GLU D 20 -7.69 7.31 54.75
N ALA D 21 -6.89 6.49 55.43
CA ALA D 21 -5.45 6.62 55.36
C ALA D 21 -4.91 6.23 53.98
N ALA D 22 -5.61 5.33 53.28
CA ALA D 22 -5.15 4.93 51.96
C ALA D 22 -5.43 6.01 50.91
N ARG D 23 -6.61 6.63 50.96
CA ARG D 23 -6.92 7.69 50.01
C ARG D 23 -6.04 8.92 50.23
N ALA D 24 -5.69 9.22 51.49
CA ALA D 24 -4.81 10.35 51.77
C ALA D 24 -3.34 10.06 51.46
N GLY D 25 -2.99 8.81 51.19
CA GLY D 25 -1.63 8.46 50.79
C GLY D 25 -0.55 8.53 51.84
N GLN D 26 -0.87 8.20 53.10
CA GLN D 26 0.14 8.13 54.16
C GLN D 26 0.55 6.67 54.31
N ASP D 27 1.73 6.34 53.80
CA ASP D 27 2.15 4.93 53.75
C ASP D 27 2.46 4.40 55.14
N ASP D 28 3.05 5.24 56.00
CA ASP D 28 3.40 4.77 57.34
C ASP D 28 2.17 4.49 58.19
N GLU D 29 1.11 5.30 58.04
CA GLU D 29 -0.12 5.06 58.79
C GLU D 29 -0.82 3.80 58.31
N VAL D 30 -0.77 3.53 57.00
CA VAL D 30 -1.38 2.31 56.47
C VAL D 30 -0.69 1.08 57.05
N ARG D 31 0.64 1.11 57.12
CA ARG D 31 1.38 -0.01 57.71
C ARG D 31 1.06 -0.15 59.20
N ILE D 32 0.86 0.97 59.90
CA ILE D 32 0.54 0.90 61.32
C ILE D 32 -0.83 0.25 61.53
N LEU D 33 -1.81 0.62 60.70
CA LEU D 33 -3.16 0.07 60.84
C LEU D 33 -3.19 -1.41 60.48
N MET D 34 -2.50 -1.80 59.40
CA MET D 34 -2.45 -3.21 59.01
C MET D 34 -1.80 -4.06 60.08
N ALA D 35 -0.76 -3.54 60.74
CA ALA D 35 -0.10 -4.28 61.80
C ALA D 35 -0.97 -4.43 63.04
N ASN D 36 -2.01 -3.62 63.19
CA ASN D 36 -2.91 -3.69 64.33
C ASN D 36 -4.18 -4.48 64.04
N GLY D 37 -4.30 -5.08 62.85
CA GLY D 37 -5.41 -5.94 62.54
C GLY D 37 -6.39 -5.41 61.52
N ALA D 38 -6.10 -4.29 60.88
CA ALA D 38 -7.02 -3.73 59.89
C ALA D 38 -7.18 -4.69 58.72
N ASP D 39 -8.41 -4.83 58.25
CA ASP D 39 -8.71 -5.71 57.13
C ASP D 39 -8.29 -5.05 55.83
N VAL D 40 -7.36 -5.68 55.11
CA VAL D 40 -6.92 -5.12 53.83
C VAL D 40 -8.01 -5.15 52.78
N ASN D 41 -9.10 -5.87 53.04
CA ASN D 41 -10.25 -5.92 52.14
C ASN D 41 -11.46 -5.23 52.75
N ALA D 42 -11.21 -4.19 53.54
CA ALA D 42 -12.30 -3.40 54.09
C ALA D 42 -13.07 -2.73 52.96
N SER D 43 -14.38 -2.92 52.94
CA SER D 43 -15.22 -2.42 51.86
C SER D 43 -15.94 -1.16 52.30
N ASP D 44 -15.98 -0.17 51.41
CA ASP D 44 -16.69 1.06 51.68
C ASP D 44 -18.17 0.87 51.28
N GLN D 45 -19.00 1.87 51.60
CA GLN D 45 -20.41 1.81 51.21
C GLN D 45 -20.57 1.78 49.70
N LEU D 46 -19.57 2.22 48.95
CA LEU D 46 -19.56 2.16 47.49
C LEU D 46 -18.81 0.95 46.96
N GLY D 47 -18.27 0.10 47.85
CA GLY D 47 -17.53 -1.07 47.41
C GLY D 47 -16.06 -0.84 47.16
N ILE D 48 -15.49 0.25 47.68
CA ILE D 48 -14.10 0.59 47.45
C ILE D 48 -13.23 -0.08 48.51
N THR D 49 -12.23 -0.82 48.06
CA THR D 49 -11.22 -1.45 48.91
C THR D 49 -10.00 -0.56 48.99
N PRO D 50 -9.14 -0.75 50.00
CA PRO D 50 -7.90 0.04 50.06
C PRO D 50 -7.03 -0.08 48.83
N LEU D 51 -7.02 -1.25 48.17
CA LEU D 51 -6.22 -1.41 46.96
C LEU D 51 -6.70 -0.49 45.85
N HIS D 52 -8.00 -0.21 45.79
CA HIS D 52 -8.50 0.78 44.84
C HIS D 52 -7.89 2.16 45.11
N LEU D 53 -7.96 2.61 46.37
CA LEU D 53 -7.54 3.97 46.69
C LEU D 53 -6.04 4.15 46.49
N VAL D 54 -5.26 3.12 46.83
CA VAL D 54 -3.82 3.24 46.67
C VAL D 54 -3.42 3.17 45.20
N ALA D 55 -4.16 2.39 44.39
CA ALA D 55 -3.92 2.40 42.96
C ALA D 55 -4.16 3.78 42.38
N ILE D 56 -5.09 4.53 42.95
CA ILE D 56 -5.36 5.88 42.48
C ILE D 56 -4.19 6.81 42.82
N THR D 57 -3.69 6.71 44.05
CA THR D 57 -2.56 7.54 44.46
C THR D 57 -1.25 7.15 43.78
N GLY D 58 -1.15 5.92 43.29
CA GLY D 58 0.05 5.50 42.60
C GLY D 58 1.24 5.19 43.49
N HIS D 59 0.99 4.81 44.74
CA HIS D 59 2.05 4.48 45.69
C HIS D 59 2.38 3.00 45.55
N LEU D 60 3.41 2.69 44.79
CA LEU D 60 3.75 1.30 44.50
C LEU D 60 4.10 0.53 45.77
N GLU D 61 4.81 1.16 46.69
CA GLU D 61 5.28 0.45 47.88
C GLU D 61 4.13 -0.13 48.69
N ILE D 62 3.08 0.67 48.93
CA ILE D 62 1.97 0.14 49.73
C ILE D 62 0.98 -0.64 48.87
N VAL D 63 0.96 -0.43 47.55
CA VAL D 63 0.22 -1.34 46.68
C VAL D 63 0.73 -2.75 46.84
N GLU D 64 2.05 -2.91 46.84
CA GLU D 64 2.66 -4.23 46.94
C GLU D 64 2.48 -4.82 48.35
N VAL D 65 2.47 -3.98 49.38
CA VAL D 65 2.25 -4.50 50.74
C VAL D 65 0.82 -4.98 50.90
N LEU D 66 -0.15 -4.27 50.32
CA LEU D 66 -1.53 -4.73 50.38
C LEU D 66 -1.69 -6.06 49.64
N LEU D 67 -1.10 -6.17 48.46
CA LEU D 67 -1.21 -7.41 47.68
C LEU D 67 -0.50 -8.57 48.37
N LYS D 68 0.65 -8.30 48.99
CA LYS D 68 1.39 -9.36 49.68
C LYS D 68 0.63 -9.88 50.88
N ASN D 69 -0.22 -9.06 51.49
CA ASN D 69 -0.94 -9.42 52.70
C ASN D 69 -2.38 -9.87 52.43
N GLY D 70 -2.74 -10.11 51.17
CA GLY D 70 -3.98 -10.77 50.84
C GLY D 70 -5.10 -9.91 50.27
N ALA D 71 -4.80 -8.69 49.83
CA ALA D 71 -5.84 -7.84 49.26
C ALA D 71 -6.39 -8.45 47.98
N ASP D 72 -7.71 -8.36 47.79
CA ASP D 72 -8.35 -8.88 46.59
C ASP D 72 -7.92 -8.04 45.40
N VAL D 73 -7.16 -8.66 44.48
CA VAL D 73 -6.65 -7.93 43.33
C VAL D 73 -7.74 -7.64 42.30
N ASN D 74 -8.85 -8.37 42.34
CA ASN D 74 -9.93 -8.21 41.37
C ASN D 74 -11.22 -7.73 42.02
N ALA D 75 -11.12 -6.95 43.09
CA ALA D 75 -12.30 -6.38 43.72
C ALA D 75 -12.95 -5.36 42.80
N HIS D 76 -14.27 -5.40 42.73
CA HIS D 76 -15.05 -4.47 41.91
C HIS D 76 -15.92 -3.60 42.81
N ASP D 77 -16.03 -2.33 42.47
CA ASP D 77 -16.89 -1.41 43.20
C ASP D 77 -18.30 -1.44 42.58
N PHE D 78 -19.14 -0.48 42.94
CA PHE D 78 -20.54 -0.50 42.51
C PHE D 78 -20.70 -0.31 41.02
N VAL D 79 -19.70 0.26 40.32
CA VAL D 79 -19.74 0.37 38.87
C VAL D 79 -18.81 -0.64 38.21
N GLY D 80 -18.25 -1.57 38.98
CA GLY D 80 -17.45 -2.63 38.41
C GLY D 80 -16.00 -2.27 38.11
N THR D 81 -15.47 -1.24 38.77
CA THR D 81 -14.10 -0.79 38.52
C THR D 81 -13.14 -1.59 39.38
N THR D 82 -12.24 -2.32 38.74
CA THR D 82 -11.14 -3.03 39.37
C THR D 82 -9.95 -2.10 39.54
N PRO D 83 -9.05 -2.40 40.48
CA PRO D 83 -7.83 -1.57 40.60
C PRO D 83 -7.03 -1.47 39.31
N LEU D 84 -7.10 -2.49 38.45
CA LEU D 84 -6.38 -2.43 37.18
C LEU D 84 -7.00 -1.39 36.24
N HIS D 85 -8.33 -1.22 36.29
CA HIS D 85 -8.95 -0.13 35.54
C HIS D 85 -8.37 1.21 35.94
N LEU D 86 -8.31 1.49 37.24
CA LEU D 86 -7.80 2.77 37.72
C LEU D 86 -6.35 2.97 37.30
N ALA D 87 -5.52 1.94 37.46
CA ALA D 87 -4.10 2.07 37.11
C ALA D 87 -3.93 2.28 35.60
N ALA D 88 -4.76 1.63 34.80
CA ALA D 88 -4.72 1.87 33.35
C ALA D 88 -5.27 3.25 33.02
N PHE D 89 -6.29 3.71 33.76
CA PHE D 89 -6.87 5.01 33.49
C PHE D 89 -5.89 6.14 33.80
N LEU D 90 -5.18 6.05 34.93
CA LEU D 90 -4.28 7.10 35.37
C LEU D 90 -2.87 6.95 34.81
N GLY D 91 -2.56 5.83 34.17
CA GLY D 91 -1.25 5.67 33.56
C GLY D 91 -0.16 5.24 34.51
N HIS D 92 -0.48 4.42 35.51
CA HIS D 92 0.51 3.90 36.45
C HIS D 92 1.00 2.56 35.93
N LEU D 93 2.01 2.61 35.06
CA LEU D 93 2.58 1.38 34.50
C LEU D 93 3.11 0.47 35.59
N GLU D 94 3.76 1.05 36.60
CA GLU D 94 4.33 0.25 37.68
C GLU D 94 3.24 -0.48 38.46
N ILE D 95 2.11 0.18 38.70
CA ILE D 95 1.02 -0.47 39.43
C ILE D 95 0.31 -1.49 38.55
N VAL D 96 0.20 -1.22 37.25
CA VAL D 96 -0.42 -2.18 36.34
C VAL D 96 0.34 -3.50 36.36
N GLU D 97 1.67 -3.44 36.30
CA GLU D 97 2.46 -4.65 36.23
C GLU D 97 2.39 -5.44 37.53
N VAL D 98 2.46 -4.77 38.68
CA VAL D 98 2.42 -5.49 39.95
C VAL D 98 1.03 -6.08 40.19
N LEU D 99 -0.02 -5.43 39.68
CA LEU D 99 -1.36 -6.01 39.77
C LEU D 99 -1.45 -7.29 38.95
N LEU D 100 -0.93 -7.27 37.72
CA LEU D 100 -0.90 -8.47 36.90
C LEU D 100 -0.04 -9.56 37.52
N LYS D 101 1.04 -9.17 38.21
CA LYS D 101 1.89 -10.15 38.87
C LYS D 101 1.12 -10.94 39.92
N TYR D 102 0.30 -10.26 40.72
CA TYR D 102 -0.50 -10.91 41.74
C TYR D 102 -1.85 -11.39 41.22
N GLY D 103 -1.97 -11.61 39.92
CA GLY D 103 -3.12 -12.29 39.37
C GLY D 103 -4.34 -11.43 39.11
N ALA D 104 -4.16 -10.24 38.55
CA ALA D 104 -5.29 -9.41 38.19
C ALA D 104 -5.93 -9.91 36.90
N ASP D 105 -7.22 -9.65 36.75
CA ASP D 105 -7.94 -10.03 35.54
C ASP D 105 -7.63 -9.02 34.44
N VAL D 106 -6.98 -9.48 33.38
CA VAL D 106 -6.61 -8.58 32.29
C VAL D 106 -7.85 -8.10 31.55
N ASN D 107 -8.85 -8.97 31.41
CA ASN D 107 -10.09 -8.65 30.71
C ASN D 107 -11.24 -8.37 31.67
N ALA D 108 -10.94 -7.94 32.89
CA ALA D 108 -11.97 -7.53 33.82
C ALA D 108 -12.84 -6.45 33.18
N VAL D 109 -14.15 -6.57 33.37
CA VAL D 109 -15.12 -5.75 32.66
C VAL D 109 -15.94 -4.98 33.68
N ASP D 110 -16.28 -3.74 33.35
CA ASP D 110 -17.01 -2.87 34.25
C ASP D 110 -18.48 -2.78 33.81
N ARG D 111 -19.20 -1.81 34.39
CA ARG D 111 -20.63 -1.68 34.13
C ARG D 111 -20.91 -1.42 32.66
N ASP D 112 -20.08 -0.61 32.00
CA ASP D 112 -20.29 -0.25 30.59
C ASP D 112 -19.46 -1.11 29.64
N GLY D 113 -18.95 -2.24 30.10
CA GLY D 113 -18.28 -3.15 29.19
C GLY D 113 -16.84 -2.83 28.87
N LEU D 114 -16.19 -1.96 29.66
CA LEU D 114 -14.84 -1.52 29.37
C LEU D 114 -13.81 -2.41 30.05
N THR D 115 -12.83 -2.86 29.28
CA THR D 115 -11.66 -3.55 29.80
C THR D 115 -10.55 -2.56 30.07
N PRO D 116 -9.53 -2.95 30.85
CA PRO D 116 -8.38 -2.04 31.03
C PRO D 116 -7.69 -1.67 29.73
N LEU D 117 -7.76 -2.53 28.71
CA LEU D 117 -7.19 -2.18 27.42
C LEU D 117 -7.94 -1.01 26.76
N HIS D 118 -9.25 -0.93 26.98
CA HIS D 118 -10.01 0.23 26.50
C HIS D 118 -9.47 1.52 27.12
N LEU D 119 -9.28 1.53 28.44
CA LEU D 119 -8.88 2.75 29.12
C LEU D 119 -7.48 3.19 28.73
N ALA D 120 -6.56 2.24 28.56
CA ALA D 120 -5.22 2.58 28.07
C ALA D 120 -5.29 3.16 26.67
N ALA D 121 -6.19 2.65 25.83
CA ALA D 121 -6.34 3.20 24.49
C ALA D 121 -7.03 4.55 24.51
N ILE D 122 -7.99 4.74 25.42
CA ILE D 122 -8.70 6.01 25.51
C ILE D 122 -7.74 7.14 25.88
N HIS D 123 -6.89 6.90 26.87
CA HIS D 123 -6.03 7.93 27.44
C HIS D 123 -4.59 7.85 26.96
N GLY D 124 -4.31 7.05 25.93
CA GLY D 124 -3.02 7.08 25.26
C GLY D 124 -1.82 6.65 26.07
N HIS D 125 -1.94 5.54 26.80
CA HIS D 125 -0.83 4.99 27.57
C HIS D 125 -0.24 3.81 26.78
N LEU D 126 0.70 4.13 25.89
CA LEU D 126 1.23 3.14 24.96
C LEU D 126 1.92 1.99 25.69
N GLU D 127 2.81 2.30 26.64
CA GLU D 127 3.54 1.26 27.34
C GLU D 127 2.60 0.34 28.11
N ILE D 128 1.47 0.86 28.58
CA ILE D 128 0.50 0.01 29.26
C ILE D 128 -0.24 -0.88 28.26
N VAL D 129 -0.55 -0.34 27.08
CA VAL D 129 -1.20 -1.16 26.05
C VAL D 129 -0.35 -2.38 25.72
N GLU D 130 0.96 -2.19 25.60
CA GLU D 130 1.85 -3.32 25.31
C GLU D 130 1.82 -4.35 26.42
N VAL D 131 1.87 -3.89 27.68
CA VAL D 131 1.88 -4.81 28.81
C VAL D 131 0.55 -5.55 28.91
N LEU D 132 -0.56 -4.84 28.66
CA LEU D 132 -1.87 -5.50 28.70
C LEU D 132 -1.98 -6.56 27.62
N LEU D 133 -1.51 -6.26 26.40
CA LEU D 133 -1.55 -7.25 25.33
C LEU D 133 -0.63 -8.43 25.61
N LYS D 134 0.51 -8.18 26.26
CA LYS D 134 1.43 -9.27 26.58
C LYS D 134 0.78 -10.27 27.53
N HIS D 135 -0.06 -9.80 28.45
CA HIS D 135 -0.76 -10.67 29.38
C HIS D 135 -2.10 -11.17 28.82
N GLY D 136 -2.35 -11.01 27.53
CA GLY D 136 -3.52 -11.62 26.92
C GLY D 136 -4.81 -10.84 27.06
N ALA D 137 -4.80 -9.57 26.69
CA ALA D 137 -6.02 -8.79 26.67
C ALA D 137 -6.77 -9.04 25.36
N LEU D 138 -8.10 -9.09 25.45
CA LEU D 138 -8.92 -9.32 24.27
C LEU D 138 -8.83 -8.11 23.36
N VAL D 139 -8.24 -8.30 22.18
CA VAL D 139 -7.98 -7.17 21.29
C VAL D 139 -9.28 -6.64 20.69
N LYS D 140 -10.22 -7.53 20.38
CA LYS D 140 -11.48 -7.14 19.77
C LYS D 140 -12.62 -7.09 20.79
N ALA D 141 -12.30 -6.84 22.05
CA ALA D 141 -13.33 -6.74 23.08
C ALA D 141 -14.16 -5.48 22.86
N LYS D 142 -15.46 -5.66 22.68
CA LYS D 142 -16.38 -4.55 22.51
C LYS D 142 -17.06 -4.22 23.84
N ASP D 143 -17.48 -2.97 23.98
CA ASP D 143 -18.08 -2.51 25.22
C ASP D 143 -19.58 -2.32 25.05
N LYS D 144 -20.19 -1.56 25.94
CA LYS D 144 -21.63 -1.30 25.89
C LYS D 144 -22.07 -0.71 24.55
N PHE D 145 -21.16 -0.02 23.86
CA PHE D 145 -21.48 0.67 22.61
C PHE D 145 -20.82 0.02 21.40
N GLY D 146 -20.28 -1.18 21.55
CA GLY D 146 -19.68 -1.88 20.42
C GLY D 146 -18.33 -1.34 20.00
N LYS D 147 -17.66 -0.57 20.84
CA LYS D 147 -16.37 0.01 20.51
C LYS D 147 -15.25 -0.89 21.03
N THR D 148 -14.36 -1.29 20.13
CA THR D 148 -13.15 -2.01 20.52
C THR D 148 -12.10 -1.02 21.00
N PRO D 149 -11.07 -1.49 21.70
CA PRO D 149 -9.97 -0.59 22.08
C PRO D 149 -9.33 0.09 20.88
N LYS D 150 -9.25 -0.60 19.73
CA LYS D 150 -8.74 0.05 18.53
C LYS D 150 -9.66 1.19 18.09
N ASP D 151 -10.97 1.01 18.24
CA ASP D 151 -11.92 2.07 17.89
C ASP D 151 -11.73 3.28 18.81
N LEU D 152 -11.53 3.05 20.10
CA LEU D 152 -11.43 4.17 21.03
C LEU D 152 -10.10 4.91 20.90
N ALA D 153 -9.02 4.19 20.55
CA ALA D 153 -7.76 4.87 20.29
C ALA D 153 -7.89 5.79 19.08
N ARG D 154 -8.58 5.33 18.03
CA ARG D 154 -8.82 6.17 16.87
C ARG D 154 -9.70 7.37 17.22
N ASP D 155 -10.71 7.15 18.07
CA ASP D 155 -11.62 8.22 18.44
C ASP D 155 -10.94 9.31 19.27
N ASN D 156 -9.85 8.98 19.95
CA ASN D 156 -9.10 9.95 20.75
C ASN D 156 -7.77 10.34 20.11
N GLY D 157 -7.51 9.90 18.88
CA GLY D 157 -6.34 10.35 18.15
C GLY D 157 -5.01 9.78 18.59
N ASN D 158 -5.00 8.57 19.14
CA ASN D 158 -3.76 7.90 19.53
C ASN D 158 -3.36 6.94 18.41
N GLN D 159 -2.70 7.48 17.39
CA GLN D 159 -2.44 6.71 16.16
C GLN D 159 -1.51 5.52 16.40
N PHE D 160 -0.50 5.68 17.25
CA PHE D 160 0.40 4.55 17.51
C PHE D 160 -0.32 3.43 18.24
N ILE D 161 -1.16 3.76 19.21
CA ILE D 161 -1.97 2.74 19.85
C ILE D 161 -2.96 2.14 18.86
N TYR D 162 -3.48 2.97 17.95
CA TYR D 162 -4.36 2.46 16.90
C TYR D 162 -3.62 1.48 16.00
N GLU D 163 -2.45 1.88 15.48
CA GLU D 163 -1.70 1.00 14.60
C GLU D 163 -1.12 -0.20 15.34
N LEU D 164 -0.85 -0.06 16.64
CA LEU D 164 -0.36 -1.20 17.42
C LEU D 164 -1.46 -2.24 17.59
N LEU D 165 -2.67 -1.80 17.95
CA LEU D 165 -3.78 -2.74 18.10
C LEU D 165 -4.21 -3.31 16.76
N GLU D 166 -4.09 -2.52 15.69
CA GLU D 166 -4.42 -3.02 14.36
C GLU D 166 -3.47 -4.16 13.97
N LYS D 167 -2.20 -4.03 14.33
CA LYS D 167 -1.23 -5.09 14.07
C LYS D 167 -1.58 -6.37 14.83
N ALA D 168 -2.16 -6.25 16.02
CA ALA D 168 -2.57 -7.41 16.79
C ALA D 168 -3.84 -8.05 16.23
N GLU D 169 -4.77 -7.23 15.72
CA GLU D 169 -5.98 -7.77 15.10
C GLU D 169 -5.66 -8.57 13.86
N LEU D 170 -4.65 -8.14 13.10
CA LEU D 170 -4.26 -8.88 11.90
C LEU D 170 -3.80 -10.28 12.24
N LEU D 171 -3.12 -10.45 13.37
CA LEU D 171 -2.67 -11.77 13.81
C LEU D 171 -3.85 -12.72 14.04
N GLU D 172 -4.92 -12.21 14.66
CA GLU D 172 -6.10 -13.04 14.88
C GLU D 172 -6.77 -13.41 13.57
N LYS D 173 -6.80 -12.48 12.61
CA LYS D 173 -7.40 -12.79 11.32
C LYS D 173 -6.61 -13.86 10.57
N LEU D 174 -5.29 -13.90 10.79
CA LEU D 174 -4.47 -14.91 10.13
C LEU D 174 -4.70 -16.29 10.74
N LEU D 175 -4.93 -16.36 12.05
CA LEU D 175 -5.23 -17.64 12.69
C LEU D 175 -6.52 -18.24 12.15
N LEU D 176 -7.51 -17.41 11.85
CA LEU D 176 -8.77 -17.90 11.29
C LEU D 176 -8.53 -18.63 9.97
N GLU D 177 -7.79 -18.00 9.07
CA GLU D 177 -7.55 -18.59 7.76
C GLU D 177 -6.63 -19.81 7.85
N ALA D 178 -5.70 -19.82 8.82
CA ALA D 178 -4.85 -20.99 9.01
C ALA D 178 -5.68 -22.21 9.38
N ALA D 179 -6.69 -22.02 10.24
CA ALA D 179 -7.57 -23.12 10.60
C ALA D 179 -8.48 -23.52 9.45
N ARG D 180 -8.88 -22.57 8.61
CA ARG D 180 -9.75 -22.87 7.49
C ARG D 180 -9.02 -23.68 6.42
N GLU D 181 -7.78 -23.30 6.09
CA GLU D 181 -7.02 -24.05 5.10
C GLU D 181 -6.56 -25.40 5.63
N GLY D 182 -6.40 -25.52 6.94
CA GLY D 182 -5.90 -26.75 7.52
C GLY D 182 -4.41 -26.79 7.74
N HIS D 183 -3.75 -25.63 7.87
CA HIS D 183 -2.31 -25.59 8.04
C HIS D 183 -2.02 -25.71 9.53
N ARG D 184 -1.83 -26.95 9.98
CA ARG D 184 -1.63 -27.21 11.40
C ARG D 184 -0.38 -26.50 11.92
N ASP D 185 0.66 -26.45 11.09
CA ASP D 185 1.91 -25.81 11.51
C ASP D 185 1.69 -24.34 11.85
N ARG D 186 0.90 -23.63 11.04
CA ARG D 186 0.62 -22.22 11.29
C ARG D 186 -0.24 -22.01 12.53
N VAL D 187 -1.24 -22.87 12.73
CA VAL D 187 -2.18 -22.68 13.84
C VAL D 187 -1.46 -22.70 15.17
N GLU D 188 -0.59 -23.68 15.38
CA GLU D 188 0.16 -23.77 16.63
C GLU D 188 1.09 -22.57 16.81
N GLU D 189 1.61 -22.02 15.70
CA GLU D 189 2.48 -20.85 15.80
C GLU D 189 1.70 -19.62 16.23
N PHE D 190 0.53 -19.38 15.64
CA PHE D 190 -0.23 -18.18 15.97
C PHE D 190 -0.78 -18.23 17.39
N ILE D 191 -1.07 -19.42 17.90
CA ILE D 191 -1.49 -19.54 19.29
C ILE D 191 -0.34 -19.18 20.23
N LYS D 192 0.88 -19.62 19.90
CA LYS D 192 2.04 -19.27 20.70
C LYS D 192 2.31 -17.77 20.68
N ARG D 193 1.97 -17.10 19.58
CA ARG D 193 2.14 -15.64 19.50
C ARG D 193 1.11 -14.89 20.32
N GLY D 194 0.08 -15.55 20.83
CA GLY D 194 -0.91 -14.91 21.67
C GLY D 194 -2.23 -14.61 21.00
N ALA D 195 -2.45 -15.09 19.78
CA ALA D 195 -3.69 -14.85 19.07
C ALA D 195 -4.86 -15.47 19.81
N ASP D 196 -5.95 -14.71 19.93
CA ASP D 196 -7.14 -15.20 20.61
C ASP D 196 -7.71 -16.41 19.90
N VAL D 197 -7.73 -17.55 20.60
CA VAL D 197 -8.27 -18.78 20.01
C VAL D 197 -9.77 -18.71 19.80
N ASN D 198 -10.44 -17.72 20.38
CA ASN D 198 -11.88 -17.53 20.22
C ASN D 198 -12.21 -16.29 19.41
N THR D 199 -11.30 -15.86 18.55
CA THR D 199 -11.57 -14.73 17.67
C THR D 199 -12.67 -15.09 16.68
N ALA D 200 -13.37 -14.08 16.19
CA ALA D 200 -14.47 -14.26 15.26
C ALA D 200 -14.28 -13.36 14.06
N ASP D 201 -14.73 -13.84 12.90
CA ASP D 201 -14.70 -13.05 11.68
C ASP D 201 -15.95 -12.16 11.64
N GLU D 202 -16.18 -11.50 10.50
CA GLU D 202 -17.27 -10.52 10.43
C GLU D 202 -18.63 -11.14 10.62
N THR D 203 -18.80 -12.43 10.35
CA THR D 203 -20.08 -13.10 10.50
C THR D 203 -20.14 -14.00 11.73
N GLY D 204 -19.07 -14.06 12.53
CA GLY D 204 -19.12 -14.74 13.81
C GLY D 204 -18.48 -16.11 13.89
N PHE D 205 -17.81 -16.56 12.83
CA PHE D 205 -17.15 -17.86 12.85
C PHE D 205 -15.85 -17.78 13.65
N THR D 206 -15.66 -18.74 14.54
CA THR D 206 -14.40 -18.88 15.27
C THR D 206 -13.48 -19.83 14.51
N PRO D 207 -12.20 -19.90 14.90
CA PRO D 207 -11.32 -20.91 14.28
C PRO D 207 -11.86 -22.33 14.45
N LEU D 208 -12.52 -22.63 15.57
CA LEU D 208 -13.10 -23.95 15.76
C LEU D 208 -14.24 -24.21 14.78
N HIS D 209 -15.00 -23.17 14.43
CA HIS D 209 -16.03 -23.31 13.41
C HIS D 209 -15.43 -23.74 12.07
N LEU D 210 -14.41 -23.02 11.61
CA LEU D 210 -13.84 -23.29 10.30
C LEU D 210 -13.14 -24.65 10.27
N ALA D 211 -12.47 -25.02 11.36
CA ALA D 211 -11.81 -26.31 11.42
C ALA D 211 -12.82 -27.45 11.34
N ALA D 212 -13.94 -27.32 12.04
CA ALA D 212 -14.98 -28.35 11.96
C ALA D 212 -15.64 -28.38 10.58
N TRP D 213 -15.84 -27.20 9.99
CA TRP D 213 -16.48 -27.14 8.67
C TRP D 213 -15.64 -27.84 7.62
N GLU D 214 -14.34 -27.61 7.62
CA GLU D 214 -13.45 -28.18 6.62
C GLU D 214 -12.91 -29.56 7.01
N GLY D 215 -13.29 -30.07 8.18
CA GLY D 215 -12.90 -31.42 8.56
C GLY D 215 -11.45 -31.59 8.95
N HIS D 216 -10.87 -30.62 9.66
CA HIS D 216 -9.49 -30.69 10.12
C HIS D 216 -9.51 -31.14 11.58
N LEU D 217 -9.61 -32.46 11.77
CA LEU D 217 -9.72 -33.03 13.10
C LEU D 217 -8.52 -32.66 13.98
N GLY D 218 -7.32 -32.77 13.43
CA GLY D 218 -6.13 -32.44 14.20
C GLY D 218 -6.15 -31.02 14.73
N ILE D 219 -6.63 -30.08 13.91
CA ILE D 219 -6.72 -28.69 14.35
C ILE D 219 -7.88 -28.51 15.33
N VAL D 220 -8.97 -29.26 15.15
CA VAL D 220 -10.07 -29.24 16.12
C VAL D 220 -9.56 -29.62 17.50
N GLU D 221 -8.74 -30.67 17.58
CA GLU D 221 -8.19 -31.09 18.86
C GLU D 221 -7.22 -30.06 19.42
N VAL D 222 -6.41 -29.45 18.56
CA VAL D 222 -5.43 -28.46 19.02
C VAL D 222 -6.14 -27.21 19.55
N LEU D 223 -7.15 -26.73 18.83
CA LEU D 223 -7.88 -25.55 19.28
C LEU D 223 -8.59 -25.83 20.60
N LEU D 224 -9.20 -27.01 20.73
CA LEU D 224 -9.83 -27.38 21.99
C LEU D 224 -8.80 -27.49 23.10
N LYS D 225 -7.63 -28.06 22.79
CA LYS D 225 -6.57 -28.17 23.79
C LYS D 225 -6.12 -26.79 24.27
N ASN D 226 -6.23 -25.77 23.42
CA ASN D 226 -5.89 -24.40 23.79
C ASN D 226 -7.09 -23.60 24.27
N GLY D 227 -8.14 -24.28 24.72
CA GLY D 227 -9.27 -23.63 25.36
C GLY D 227 -10.18 -22.83 24.44
N ALA D 228 -10.56 -23.42 23.32
CA ALA D 228 -11.54 -22.78 22.45
C ALA D 228 -12.95 -23.09 22.93
N ASP D 229 -13.87 -22.14 22.68
CA ASP D 229 -15.25 -22.32 23.10
C ASP D 229 -15.90 -23.41 22.26
N VAL D 230 -16.30 -24.51 22.92
CA VAL D 230 -16.92 -25.62 22.21
C VAL D 230 -18.31 -25.24 21.71
N ASN D 231 -18.98 -24.29 22.37
CA ASN D 231 -20.34 -23.92 22.05
C ASN D 231 -20.43 -22.45 21.64
N ALA D 232 -19.44 -21.98 20.89
CA ALA D 232 -19.49 -20.64 20.34
C ALA D 232 -20.57 -20.54 19.27
N ASN D 233 -21.24 -19.39 19.21
CA ASN D 233 -22.30 -19.16 18.25
C ASN D 233 -21.84 -18.17 17.20
N ASP D 234 -22.19 -18.44 15.94
CA ASP D 234 -22.03 -17.47 14.87
C ASP D 234 -23.25 -16.56 14.84
N GLU D 235 -23.26 -15.62 13.89
CA GLU D 235 -24.40 -14.71 13.76
C GLU D 235 -25.70 -15.48 13.60
N ARG D 236 -25.66 -16.59 12.84
CA ARG D 236 -26.84 -17.41 12.59
C ARG D 236 -27.24 -18.27 13.78
N GLY D 237 -26.32 -18.52 14.70
CA GLY D 237 -26.60 -19.38 15.84
C GLY D 237 -26.07 -20.80 15.72
N HIS D 238 -25.09 -21.04 14.85
CA HIS D 238 -24.55 -22.38 14.65
C HIS D 238 -23.35 -22.60 15.55
N THR D 239 -23.34 -23.72 16.26
CA THR D 239 -22.19 -24.15 17.04
C THR D 239 -21.29 -25.01 16.17
N PRO D 240 -20.06 -25.27 16.61
CA PRO D 240 -19.20 -26.22 15.87
C PRO D 240 -19.84 -27.59 15.69
N LEU D 241 -20.69 -28.03 16.63
CA LEU D 241 -21.36 -29.31 16.47
C LEU D 241 -22.38 -29.27 15.33
N HIS D 242 -23.00 -28.12 15.09
CA HIS D 242 -23.88 -27.99 13.93
C HIS D 242 -23.13 -28.29 12.64
N LEU D 243 -22.00 -27.61 12.42
CA LEU D 243 -21.26 -27.77 11.18
C LEU D 243 -20.66 -29.17 11.07
N ALA D 244 -20.22 -29.73 12.20
CA ALA D 244 -19.68 -31.09 12.19
C ALA D 244 -20.75 -32.10 11.78
N ALA D 245 -21.95 -31.98 12.36
CA ALA D 245 -23.05 -32.85 11.98
C ALA D 245 -23.45 -32.65 10.52
N TYR D 246 -23.32 -31.41 10.03
CA TYR D 246 -23.65 -31.14 8.63
C TYR D 246 -22.69 -31.83 7.68
N THR D 247 -21.38 -31.78 7.97
CA THR D 247 -20.40 -32.41 7.10
C THR D 247 -20.36 -33.92 7.27
N GLY D 248 -20.92 -34.44 8.36
CA GLY D 248 -20.90 -35.87 8.60
C GLY D 248 -19.53 -36.41 8.97
N HIS D 249 -18.69 -35.59 9.59
CA HIS D 249 -17.35 -36.03 10.02
C HIS D 249 -17.48 -36.60 11.43
N LEU D 250 -17.54 -37.94 11.51
CA LEU D 250 -17.82 -38.60 12.78
C LEU D 250 -16.74 -38.30 13.81
N GLU D 251 -15.47 -38.34 13.39
CA GLU D 251 -14.36 -38.19 14.33
C GLU D 251 -14.42 -36.83 15.02
N ILE D 252 -14.83 -35.79 14.29
CA ILE D 252 -14.92 -34.46 14.88
C ILE D 252 -16.13 -34.36 15.79
N VAL D 253 -17.26 -34.94 15.37
CA VAL D 253 -18.47 -34.90 16.21
C VAL D 253 -18.21 -35.52 17.56
N GLU D 254 -17.54 -36.66 17.60
CA GLU D 254 -17.24 -37.31 18.87
C GLU D 254 -16.27 -36.50 19.71
N VAL D 255 -15.31 -35.82 19.06
CA VAL D 255 -14.36 -35.00 19.80
C VAL D 255 -15.03 -33.76 20.37
N LEU D 256 -15.90 -33.12 19.57
CA LEU D 256 -16.65 -31.97 20.09
C LEU D 256 -17.53 -32.36 21.26
N LEU D 257 -18.25 -33.48 21.12
CA LEU D 257 -19.09 -33.96 22.22
C LEU D 257 -18.23 -34.38 23.41
N LYS D 258 -17.07 -34.98 23.15
CA LYS D 258 -16.16 -35.37 24.23
C LYS D 258 -15.70 -34.14 25.01
N ASN D 259 -15.45 -33.03 24.31
CA ASN D 259 -15.03 -31.79 24.94
C ASN D 259 -16.20 -30.95 25.43
N GLY D 260 -17.39 -31.52 25.50
CA GLY D 260 -18.51 -30.86 26.16
C GLY D 260 -19.40 -30.03 25.25
N ALA D 261 -19.65 -30.50 24.03
CA ALA D 261 -20.52 -29.78 23.13
C ALA D 261 -21.99 -29.95 23.52
N GLY D 262 -22.78 -28.93 23.20
CA GLY D 262 -24.22 -28.99 23.45
C GLY D 262 -24.94 -29.76 22.37
N VAL D 263 -25.42 -30.96 22.71
CA VAL D 263 -26.03 -31.82 21.71
C VAL D 263 -27.37 -31.29 21.22
N ASN D 264 -28.03 -30.43 21.99
CA ASN D 264 -29.35 -29.92 21.65
C ASN D 264 -29.35 -28.40 21.48
N ALA D 265 -28.29 -27.87 20.89
CA ALA D 265 -28.23 -26.45 20.60
C ALA D 265 -29.00 -26.13 19.33
N THR D 266 -29.68 -24.98 19.32
CA THR D 266 -30.51 -24.58 18.20
C THR D 266 -30.07 -23.21 17.69
N ASP D 267 -30.29 -22.97 16.40
CA ASP D 267 -30.02 -21.68 15.78
C ASP D 267 -31.31 -20.86 15.77
N VAL D 268 -31.29 -19.75 15.04
CA VAL D 268 -32.42 -18.82 15.06
C VAL D 268 -33.68 -19.47 14.48
N ILE D 269 -33.52 -20.44 13.59
CA ILE D 269 -34.69 -21.15 13.05
C ILE D 269 -35.14 -22.25 13.99
N GLY D 270 -34.26 -22.76 14.84
CA GLY D 270 -34.57 -23.89 15.69
C GLY D 270 -33.97 -25.20 15.26
N THR D 271 -33.05 -25.19 14.30
CA THR D 271 -32.41 -26.40 13.81
C THR D 271 -31.33 -26.84 14.80
N ALA D 272 -31.40 -28.11 15.20
CA ALA D 272 -30.45 -28.73 16.10
C ALA D 272 -29.50 -29.63 15.32
N PRO D 273 -28.35 -30.01 15.91
CA PRO D 273 -27.45 -30.93 15.19
C PRO D 273 -28.12 -32.21 14.73
N LEU D 274 -29.14 -32.68 15.45
CA LEU D 274 -29.86 -33.87 15.01
C LEU D 274 -30.69 -33.60 13.76
N HIS D 275 -31.22 -32.37 13.63
CA HIS D 275 -31.91 -32.01 12.40
C HIS D 275 -30.97 -32.10 11.19
N LEU D 276 -29.78 -31.51 11.31
CA LEU D 276 -28.85 -31.50 10.19
C LEU D 276 -28.37 -32.90 9.85
N ALA D 277 -28.05 -33.71 10.87
CA ALA D 277 -27.61 -35.08 10.62
C ALA D 277 -28.70 -35.89 9.94
N ALA D 278 -29.96 -35.72 10.37
CA ALA D 278 -31.07 -36.39 9.72
C ALA D 278 -31.41 -35.76 8.38
N MET D 279 -31.14 -34.47 8.22
CA MET D 279 -31.42 -33.80 6.96
C MET D 279 -30.54 -34.32 5.83
N TRP D 280 -29.26 -34.56 6.13
CA TRP D 280 -28.28 -34.91 5.09
C TRP D 280 -27.92 -36.39 5.07
N GLY D 281 -28.58 -37.21 5.89
CA GLY D 281 -28.40 -38.65 5.80
C GLY D 281 -27.09 -39.17 6.36
N HIS D 282 -26.71 -38.72 7.54
CA HIS D 282 -25.51 -39.18 8.24
C HIS D 282 -25.96 -40.09 9.38
N LEU D 283 -26.27 -41.35 9.04
CA LEU D 283 -26.82 -42.28 10.02
C LEU D 283 -25.89 -42.47 11.22
N GLU D 284 -24.59 -42.62 11.01
CA GLU D 284 -23.69 -42.77 12.16
C GLU D 284 -23.69 -41.52 13.02
N ILE D 285 -23.87 -40.34 12.43
CA ILE D 285 -23.92 -39.12 13.24
C ILE D 285 -25.20 -39.10 14.06
N VAL D 286 -26.32 -39.52 13.45
CA VAL D 286 -27.60 -39.54 14.16
C VAL D 286 -27.53 -40.47 15.37
N GLU D 287 -26.97 -41.67 15.17
CA GLU D 287 -26.88 -42.63 16.27
C GLU D 287 -26.00 -42.10 17.39
N VAL D 288 -24.90 -41.42 17.06
CA VAL D 288 -24.01 -40.89 18.09
C VAL D 288 -24.68 -39.73 18.82
N LEU D 289 -25.37 -38.86 18.09
CA LEU D 289 -26.07 -37.74 18.72
C LEU D 289 -27.16 -38.24 19.67
N LEU D 290 -27.91 -39.27 19.24
CA LEU D 290 -28.94 -39.83 20.11
C LEU D 290 -28.33 -40.47 21.35
N LYS D 291 -27.18 -41.14 21.19
CA LYS D 291 -26.53 -41.78 22.33
C LYS D 291 -26.08 -40.75 23.36
N HIS D 292 -25.75 -39.54 22.92
CA HIS D 292 -25.39 -38.44 23.81
C HIS D 292 -26.59 -37.60 24.22
N GLY D 293 -27.81 -38.11 24.04
CA GLY D 293 -29.00 -37.45 24.54
C GLY D 293 -29.57 -36.37 23.65
N ALA D 294 -29.73 -36.64 22.37
CA ALA D 294 -30.36 -35.69 21.46
C ALA D 294 -31.87 -35.75 21.59
N ASP D 295 -32.50 -34.58 21.58
CA ASP D 295 -33.96 -34.49 21.70
C ASP D 295 -34.59 -34.82 20.37
N VAL D 296 -35.40 -35.89 20.34
CA VAL D 296 -36.06 -36.29 19.09
C VAL D 296 -37.27 -35.40 18.81
N ASN D 297 -37.93 -34.88 19.85
CA ASN D 297 -39.14 -34.10 19.68
C ASN D 297 -38.86 -32.62 19.39
N ALA D 298 -37.60 -32.27 19.10
CA ALA D 298 -37.27 -30.88 18.80
C ALA D 298 -37.86 -30.47 17.47
N GLN D 299 -38.65 -29.39 17.47
CA GLN D 299 -39.22 -28.82 16.26
C GLN D 299 -38.53 -27.51 15.95
N ASP D 300 -38.39 -27.22 14.65
CA ASP D 300 -37.83 -25.95 14.22
C ASP D 300 -38.92 -24.89 14.16
N LYS D 301 -38.63 -23.77 13.50
CA LYS D 301 -39.64 -22.72 13.35
C LYS D 301 -40.81 -23.16 12.49
N PHE D 302 -40.61 -24.20 11.66
CA PHE D 302 -41.64 -24.71 10.77
C PHE D 302 -42.33 -25.95 11.31
N GLY D 303 -42.00 -26.38 12.53
CA GLY D 303 -42.65 -27.54 13.13
C GLY D 303 -42.11 -28.87 12.67
N LYS D 304 -40.93 -28.89 12.04
CA LYS D 304 -40.34 -30.13 11.57
C LYS D 304 -39.38 -30.70 12.61
N THR D 305 -39.61 -31.96 12.97
CA THR D 305 -38.71 -32.70 13.84
C THR D 305 -37.63 -33.37 13.02
N PRO D 306 -36.54 -33.83 13.64
CA PRO D 306 -35.52 -34.57 12.89
C PRO D 306 -36.09 -35.77 12.15
N PHE D 307 -37.09 -36.44 12.71
CA PHE D 307 -37.79 -37.49 11.99
C PHE D 307 -38.47 -36.95 10.74
N ASP D 308 -39.09 -35.76 10.84
CA ASP D 308 -39.77 -35.18 9.69
C ASP D 308 -38.80 -34.91 8.55
N LEU D 309 -37.62 -34.36 8.87
CA LEU D 309 -36.66 -34.04 7.83
C LEU D 309 -36.09 -35.29 7.18
N ALA D 310 -35.97 -36.39 7.93
CA ALA D 310 -35.50 -37.64 7.35
C ALA D 310 -36.50 -38.21 6.34
N ILE D 311 -37.80 -38.10 6.65
CA ILE D 311 -38.82 -38.56 5.72
C ILE D 311 -38.84 -37.68 4.47
N ASP D 312 -38.66 -36.36 4.64
CA ASP D 312 -38.69 -35.44 3.51
C ASP D 312 -37.55 -35.72 2.55
N ASN D 313 -36.35 -35.93 3.07
CA ASN D 313 -35.17 -36.18 2.25
C ASN D 313 -35.00 -37.64 1.85
N GLY D 314 -35.92 -38.51 2.25
CA GLY D 314 -35.88 -39.89 1.80
C GLY D 314 -34.85 -40.76 2.48
N ASN D 315 -34.43 -40.40 3.69
CA ASN D 315 -33.45 -41.18 4.45
C ASN D 315 -34.21 -42.22 5.27
N GLU D 316 -34.58 -43.32 4.59
CA GLU D 316 -35.47 -44.31 5.20
C GLU D 316 -34.83 -44.98 6.42
N ASP D 317 -33.53 -45.27 6.35
CA ASP D 317 -32.87 -45.89 7.50
C ASP D 317 -32.80 -44.93 8.69
N ILE D 318 -32.51 -43.65 8.42
CA ILE D 318 -32.43 -42.67 9.50
C ILE D 318 -33.81 -42.45 10.11
N ALA D 319 -34.85 -42.43 9.27
CA ALA D 319 -36.20 -42.21 9.77
C ALA D 319 -36.68 -43.35 10.66
N GLU D 320 -36.24 -44.58 10.39
CA GLU D 320 -36.63 -45.71 11.23
C GLU D 320 -35.98 -45.64 12.60
N VAL D 321 -34.69 -45.26 12.65
CA VAL D 321 -34.00 -45.15 13.92
C VAL D 321 -34.65 -44.09 14.80
N LEU D 322 -35.04 -42.96 14.20
CA LEU D 322 -35.65 -41.88 14.98
C LEU D 322 -37.03 -42.27 15.48
N GLN D 323 -37.78 -43.07 14.72
CA GLN D 323 -39.09 -43.54 15.18
C GLN D 323 -38.94 -44.52 16.33
N LYS D 324 -37.85 -45.28 16.36
CA LYS D 324 -37.61 -46.25 17.42
C LYS D 324 -37.37 -45.60 18.78
N ALA D 325 -37.19 -44.28 18.83
CA ALA D 325 -37.00 -43.58 20.09
C ALA D 325 -38.30 -43.00 20.61
N ASN E 18 12.75 36.57 -9.37
CA ASN E 18 11.57 35.92 -8.82
C ASN E 18 10.78 36.90 -7.96
N ASN E 19 9.53 36.55 -7.65
CA ASN E 19 8.69 37.37 -6.80
C ASN E 19 8.80 36.98 -5.33
N PHE E 20 9.78 36.15 -4.97
CA PHE E 20 9.99 35.73 -3.60
C PHE E 20 11.36 36.19 -3.12
N TYR E 21 11.50 36.31 -1.80
CA TYR E 21 12.78 36.58 -1.17
C TYR E 21 12.76 35.99 0.23
N SER E 22 13.94 35.60 0.71
CA SER E 22 14.08 34.94 2.01
C SER E 22 14.69 35.90 3.02
N VAL E 23 14.20 35.82 4.26
CA VAL E 23 14.71 36.63 5.36
C VAL E 23 14.87 35.73 6.58
N GLU E 24 16.01 35.84 7.26
CA GLU E 24 16.29 35.04 8.45
C GLU E 24 15.66 35.71 9.67
N ILE E 25 14.66 35.06 10.25
CA ILE E 25 14.03 35.50 11.48
C ILE E 25 14.43 34.48 12.55
N GLY E 26 15.46 34.81 13.32
CA GLY E 26 15.98 33.87 14.29
C GLY E 26 16.53 32.65 13.60
N ASP E 27 15.98 31.48 13.91
CA ASP E 27 16.41 30.24 13.28
C ASP E 27 15.55 29.84 12.09
N SER E 28 14.29 30.29 12.03
CA SER E 28 13.43 30.00 10.90
C SER E 28 13.72 30.94 9.74
N THR E 29 13.51 30.43 8.53
CA THR E 29 13.68 31.22 7.30
C THR E 29 12.32 31.46 6.66
N PHE E 30 11.97 32.74 6.47
CA PHE E 30 10.72 33.12 5.84
C PHE E 30 10.99 33.50 4.39
N THR E 31 10.38 32.75 3.47
CA THR E 31 10.44 33.04 2.04
C THR E 31 9.07 33.57 1.64
N VAL E 32 8.89 34.87 1.78
CA VAL E 32 7.61 35.51 1.53
C VAL E 32 7.69 36.29 0.21
N LEU E 33 6.53 36.73 -0.26
CA LEU E 33 6.48 37.56 -1.45
C LEU E 33 7.14 38.91 -1.19
N LYS E 34 7.71 39.50 -2.25
CA LYS E 34 8.41 40.77 -2.10
C LYS E 34 7.49 41.89 -1.66
N ARG E 35 6.17 41.72 -1.77
CA ARG E 35 5.25 42.73 -1.29
C ARG E 35 5.25 42.84 0.23
N TYR E 36 5.66 41.78 0.93
CA TYR E 36 5.68 41.77 2.39
C TYR E 36 7.09 42.10 2.84
N GLN E 37 7.28 43.34 3.28
CA GLN E 37 8.57 43.87 3.65
C GLN E 37 8.64 44.16 5.15
N ASN E 38 9.87 44.25 5.65
CA ASN E 38 10.15 44.67 7.03
C ASN E 38 9.51 43.71 8.04
N LEU E 39 9.93 42.44 7.95
CA LEU E 39 9.40 41.42 8.85
C LEU E 39 10.06 41.49 10.21
N LYS E 40 9.25 41.50 11.27
CA LYS E 40 9.70 41.46 12.66
C LYS E 40 8.84 40.46 13.42
N PRO E 41 9.46 39.61 14.24
CA PRO E 41 8.69 38.61 14.98
C PRO E 41 7.84 39.25 16.07
N ILE E 42 6.67 38.67 16.31
CA ILE E 42 5.74 39.22 17.29
C ILE E 42 5.26 38.15 18.25
N GLY E 43 5.51 36.89 17.95
CA GLY E 43 5.03 35.83 18.82
C GLY E 43 5.51 34.46 18.36
N SER E 44 5.44 33.51 19.29
CA SER E 44 5.76 32.11 19.04
C SER E 44 4.54 31.26 19.37
N GLY E 45 4.17 30.36 18.47
CA GLY E 45 3.03 29.51 18.69
C GLY E 45 3.35 28.03 18.52
N ALA E 46 2.31 27.18 18.61
CA ALA E 46 2.52 25.75 18.46
C ALA E 46 2.79 25.36 17.00
N GLN E 47 2.23 26.11 16.05
CA GLN E 47 2.44 25.83 14.64
C GLN E 47 3.75 26.39 14.12
N GLY E 48 4.28 27.43 14.76
CA GLY E 48 5.53 28.03 14.32
C GLY E 48 5.64 29.46 14.84
N ILE E 49 6.35 30.29 14.07
CA ILE E 49 6.60 31.68 14.44
C ILE E 49 5.63 32.57 13.68
N VAL E 50 5.15 33.62 14.37
CA VAL E 50 4.33 34.66 13.76
C VAL E 50 5.12 35.95 13.80
N CYS E 51 5.23 36.62 12.65
CA CYS E 51 5.92 37.90 12.53
C CYS E 51 5.00 38.90 11.87
N ALA E 52 5.20 40.19 12.21
CA ALA E 52 4.47 41.28 11.59
C ALA E 52 5.28 41.90 10.47
N ALA E 53 4.60 42.23 9.37
CA ALA E 53 5.24 42.81 8.19
C ALA E 53 4.39 43.97 7.68
N TYR E 54 4.93 44.67 6.68
CA TYR E 54 4.26 45.77 6.01
C TYR E 54 3.95 45.35 4.57
N ASP E 55 2.67 45.24 4.25
CA ASP E 55 2.23 44.93 2.89
C ASP E 55 2.31 46.19 2.04
N ALA E 56 3.31 46.26 1.16
CA ALA E 56 3.48 47.43 0.31
C ALA E 56 2.34 47.60 -0.69
N ILE E 57 1.61 46.54 -1.00
CA ILE E 57 0.50 46.66 -1.94
C ILE E 57 -0.73 47.25 -1.25
N LEU E 58 -1.08 46.70 -0.08
CA LEU E 58 -2.20 47.25 0.69
C LEU E 58 -1.83 48.50 1.46
N GLU E 59 -0.54 48.80 1.58
CA GLU E 59 -0.04 49.95 2.34
C GLU E 59 -0.53 49.93 3.79
N ARG E 60 -0.51 48.74 4.39
CA ARG E 60 -0.91 48.54 5.78
C ARG E 60 -0.09 47.41 6.37
N ASN E 61 -0.02 47.38 7.70
CA ASN E 61 0.75 46.36 8.39
C ASN E 61 -0.07 45.10 8.59
N VAL E 62 0.55 43.94 8.33
CA VAL E 62 -0.10 42.64 8.38
C VAL E 62 0.72 41.70 9.27
N ALA E 63 0.19 40.49 9.46
CA ALA E 63 0.84 39.43 10.23
C ALA E 63 0.93 38.17 9.38
N ILE E 64 2.09 37.51 9.42
CA ILE E 64 2.36 36.32 8.64
C ILE E 64 2.77 35.19 9.57
N LYS E 65 2.08 34.05 9.45
CA LYS E 65 2.44 32.82 10.13
C LYS E 65 2.84 31.76 9.11
N LYS E 66 3.79 30.92 9.48
CA LYS E 66 4.39 29.94 8.57
C LYS E 66 4.13 28.53 9.07
N LEU E 67 3.61 27.67 8.19
CA LEU E 67 3.43 26.25 8.46
C LEU E 67 4.47 25.47 7.67
N SER E 68 5.30 24.70 8.36
CA SER E 68 6.40 23.97 7.73
C SER E 68 6.03 22.50 7.60
N ARG E 69 5.84 22.05 6.36
CA ARG E 69 5.49 20.67 6.05
C ARG E 69 4.37 20.15 6.97
N PRO E 70 3.20 20.78 6.95
CA PRO E 70 2.14 20.37 7.88
C PRO E 70 1.62 18.95 7.62
N PHE E 71 1.63 18.51 6.36
CA PHE E 71 1.07 17.21 6.02
C PHE E 71 1.86 16.04 6.61
N GLN E 72 3.17 16.22 6.82
CA GLN E 72 3.99 15.10 7.27
C GLN E 72 3.57 14.56 8.62
N ASN E 73 2.97 15.40 9.46
CA ASN E 73 2.37 14.95 10.71
C ASN E 73 0.86 14.86 10.52
N GLN E 74 0.28 13.73 10.92
CA GLN E 74 -1.15 13.51 10.69
C GLN E 74 -2.00 14.50 11.46
N THR E 75 -1.64 14.78 12.72
CA THR E 75 -2.45 15.70 13.51
C THR E 75 -2.36 17.12 12.97
N HIS E 76 -1.16 17.54 12.55
CA HIS E 76 -1.00 18.87 11.99
C HIS E 76 -1.72 19.01 10.65
N ALA E 77 -1.74 17.93 9.86
CA ALA E 77 -2.43 17.96 8.57
C ALA E 77 -3.90 18.34 8.73
N LYS E 78 -4.58 17.76 9.71
CA LYS E 78 -5.99 18.08 9.92
C LYS E 78 -6.20 19.54 10.28
N ARG E 79 -5.37 20.07 11.19
CA ARG E 79 -5.56 21.45 11.63
C ARG E 79 -5.25 22.45 10.52
N ALA E 80 -4.17 22.21 9.77
CA ALA E 80 -3.79 23.14 8.71
C ALA E 80 -4.90 23.29 7.67
N TYR E 81 -5.44 22.17 7.20
CA TYR E 81 -6.56 22.22 6.26
C TYR E 81 -7.79 22.84 6.90
N ARG E 82 -8.13 22.39 8.12
CA ARG E 82 -9.31 22.88 8.81
C ARG E 82 -9.28 24.40 8.98
N GLU E 83 -8.15 24.94 9.45
CA GLU E 83 -8.08 26.38 9.70
C GLU E 83 -7.98 27.20 8.42
N LEU E 84 -7.43 26.62 7.35
CA LEU E 84 -7.40 27.33 6.07
C LEU E 84 -8.80 27.58 5.55
N VAL E 85 -9.68 26.57 5.65
CA VAL E 85 -11.04 26.72 5.15
C VAL E 85 -11.80 27.76 5.97
N LEU E 86 -11.67 27.70 7.30
CA LEU E 86 -12.45 28.59 8.15
C LEU E 86 -11.99 30.04 8.02
N MET E 87 -10.68 30.27 7.91
CA MET E 87 -10.18 31.64 7.75
C MET E 87 -10.77 32.31 6.52
N LYS E 88 -11.05 31.54 5.47
CA LYS E 88 -11.58 32.12 4.24
C LYS E 88 -13.03 32.58 4.41
N CYS E 89 -13.91 31.66 4.81
CA CYS E 89 -15.34 31.91 4.79
C CYS E 89 -15.86 32.62 6.04
N VAL E 90 -15.10 32.63 7.13
CA VAL E 90 -15.54 33.28 8.36
C VAL E 90 -15.11 34.75 8.29
N ASN E 91 -16.10 35.64 8.22
CA ASN E 91 -15.88 37.08 8.20
C ASN E 91 -16.72 37.68 9.33
N HIS E 92 -16.05 38.14 10.38
CA HIS E 92 -16.76 38.69 11.54
C HIS E 92 -15.87 39.74 12.21
N LYS E 93 -16.52 40.68 12.88
CA LYS E 93 -15.80 41.79 13.49
C LYS E 93 -14.84 41.32 14.59
N ASN E 94 -15.15 40.22 15.25
CA ASN E 94 -14.39 39.75 16.40
C ASN E 94 -13.67 38.43 16.13
N ILE E 95 -13.45 38.09 14.86
CA ILE E 95 -12.66 36.93 14.48
C ILE E 95 -11.66 37.37 13.42
N ILE E 96 -10.39 37.02 13.61
CA ILE E 96 -9.33 37.48 12.71
C ILE E 96 -9.63 37.07 11.27
N GLY E 97 -9.25 37.94 10.33
CA GLY E 97 -9.62 37.81 8.94
C GLY E 97 -8.43 37.44 8.06
N LEU E 98 -8.66 36.56 7.10
CA LEU E 98 -7.63 36.16 6.16
C LEU E 98 -7.42 37.24 5.10
N LEU E 99 -6.15 37.52 4.81
CA LEU E 99 -5.80 38.47 3.77
C LEU E 99 -5.09 37.85 2.57
N ASN E 100 -4.26 36.82 2.78
CA ASN E 100 -3.61 36.15 1.67
C ASN E 100 -3.06 34.80 2.15
N VAL E 101 -2.89 33.90 1.19
CA VAL E 101 -2.27 32.59 1.42
C VAL E 101 -1.42 32.26 0.21
N PHE E 102 -0.15 31.90 0.44
CA PHE E 102 0.77 31.63 -0.65
C PHE E 102 1.77 30.58 -0.21
N THR E 103 2.48 30.03 -1.19
CA THR E 103 3.58 29.10 -0.97
C THR E 103 4.71 29.42 -1.93
N PRO E 104 5.96 29.41 -1.47
CA PRO E 104 7.07 29.75 -2.36
C PRO E 104 7.41 28.63 -3.34
N GLN E 105 6.89 27.43 -3.13
CA GLN E 105 7.18 26.32 -4.03
C GLN E 105 6.24 26.36 -5.23
N LYS E 106 6.76 26.00 -6.40
CA LYS E 106 6.04 26.20 -7.65
C LYS E 106 5.08 25.07 -7.97
N SER E 107 5.45 23.82 -7.66
CA SER E 107 4.64 22.66 -8.00
C SER E 107 4.39 21.82 -6.75
N LEU E 108 3.49 20.84 -6.89
CA LEU E 108 3.19 19.94 -5.79
C LEU E 108 4.40 19.10 -5.40
N GLU E 109 5.22 18.72 -6.38
CA GLU E 109 6.34 17.82 -6.09
C GLU E 109 7.34 18.46 -5.13
N GLU E 110 7.66 19.73 -5.35
CA GLU E 110 8.56 20.45 -4.45
C GLU E 110 7.82 21.12 -3.29
N PHE E 111 6.50 21.03 -3.25
CA PHE E 111 5.71 21.73 -2.25
C PHE E 111 6.16 21.39 -0.84
N GLN E 112 6.29 22.42 0.00
CA GLN E 112 6.83 22.24 1.35
C GLN E 112 6.08 23.06 2.40
N ASP E 113 6.16 24.40 2.31
CA ASP E 113 5.67 25.27 3.37
C ASP E 113 4.51 26.12 2.88
N VAL E 114 3.73 26.62 3.85
CA VAL E 114 2.56 27.46 3.60
C VAL E 114 2.63 28.69 4.50
N TYR E 115 2.35 29.85 3.93
CA TYR E 115 2.35 31.12 4.67
C TYR E 115 0.94 31.72 4.65
N ILE E 116 0.46 32.13 5.82
CA ILE E 116 -0.86 32.75 5.97
C ILE E 116 -0.68 34.20 6.39
N VAL E 117 -1.31 35.11 5.65
CA VAL E 117 -1.27 36.55 5.92
C VAL E 117 -2.63 36.96 6.49
N MET E 118 -2.62 37.55 7.68
CA MET E 118 -3.85 37.91 8.39
C MET E 118 -3.74 39.33 8.95
N GLU E 119 -4.86 39.82 9.47
CA GLU E 119 -4.91 41.14 10.07
C GLU E 119 -4.00 41.23 11.28
N LEU E 120 -3.27 42.33 11.40
CA LEU E 120 -2.28 42.51 12.46
C LEU E 120 -2.90 43.23 13.65
N MET E 121 -2.95 42.54 14.79
CA MET E 121 -3.40 43.12 16.05
C MET E 121 -2.20 43.53 16.89
N ASP E 122 -2.48 44.21 18.01
CA ASP E 122 -1.42 44.83 18.79
C ASP E 122 -0.81 43.91 19.84
N ALA E 123 -1.63 43.09 20.51
CA ALA E 123 -1.13 42.19 21.56
C ALA E 123 -2.20 41.14 21.84
N ASN E 124 -1.83 40.18 22.70
CA ASN E 124 -2.73 39.13 23.14
C ASN E 124 -3.28 39.45 24.53
N LEU E 125 -4.22 38.61 24.97
CA LEU E 125 -4.96 38.87 26.22
C LEU E 125 -4.05 38.84 27.45
N CYS E 126 -2.85 38.29 27.35
CA CYS E 126 -1.96 38.26 28.50
C CYS E 126 -1.62 39.67 28.98
N GLN E 127 -1.64 40.65 28.07
CA GLN E 127 -1.38 42.04 28.46
C GLN E 127 -2.60 42.67 29.14
N VAL E 128 -3.80 42.30 28.72
CA VAL E 128 -5.01 42.88 29.29
C VAL E 128 -5.33 42.28 30.64
N ILE E 129 -5.11 40.97 30.80
CA ILE E 129 -5.41 40.29 32.07
C ILE E 129 -4.57 40.85 33.21
N GLN E 130 -3.34 41.27 32.92
CA GLN E 130 -2.44 41.70 33.99
C GLN E 130 -2.82 43.08 34.53
N MET E 131 -3.28 43.97 33.66
CA MET E 131 -3.64 45.32 34.09
C MET E 131 -5.02 45.35 34.73
N GLU E 132 -5.26 46.39 35.52
CA GLU E 132 -6.52 46.59 36.21
C GLU E 132 -7.44 47.45 35.34
N LEU E 133 -8.57 46.89 34.95
CA LEU E 133 -9.52 47.56 34.06
C LEU E 133 -10.74 48.00 34.83
N ASP E 134 -11.48 48.95 34.25
CA ASP E 134 -12.76 49.36 34.79
C ASP E 134 -13.87 48.49 34.21
N HIS E 135 -15.07 48.65 34.77
CA HIS E 135 -16.20 47.82 34.34
C HIS E 135 -16.56 48.06 32.88
N GLU E 136 -16.44 49.31 32.41
CA GLU E 136 -16.82 49.60 31.03
C GLU E 136 -15.94 48.87 30.03
N ARG E 137 -14.63 48.84 30.28
CA ARG E 137 -13.72 48.16 29.35
C ARG E 137 -13.67 46.66 29.59
N MET E 138 -13.77 46.23 30.84
CA MET E 138 -13.78 44.80 31.15
C MET E 138 -14.97 44.11 30.49
N SER E 139 -16.16 44.68 30.62
CA SER E 139 -17.36 44.06 30.06
C SER E 139 -17.37 44.12 28.54
N TYR E 140 -16.83 45.19 27.95
CA TYR E 140 -16.85 45.31 26.50
C TYR E 140 -15.93 44.30 25.83
N LEU E 141 -14.81 43.96 26.46
CA LEU E 141 -13.96 42.91 25.93
C LEU E 141 -14.62 41.54 26.07
N LEU E 142 -15.32 41.31 27.18
CA LEU E 142 -16.06 40.07 27.35
C LEU E 142 -17.20 39.98 26.34
N TYR E 143 -17.86 41.11 26.06
CA TYR E 143 -18.89 41.14 25.03
C TYR E 143 -18.33 40.76 23.67
N GLN E 144 -17.16 41.31 23.32
CA GLN E 144 -16.55 40.98 22.03
C GLN E 144 -16.19 39.51 21.95
N MET E 145 -15.73 38.92 23.06
CA MET E 145 -15.46 37.48 23.08
C MET E 145 -16.71 36.68 22.79
N LEU E 146 -17.80 36.97 23.52
CA LEU E 146 -19.03 36.20 23.37
C LEU E 146 -19.62 36.35 21.97
N CYS E 147 -19.47 37.53 21.35
CA CYS E 147 -19.94 37.71 19.98
C CYS E 147 -19.17 36.82 19.02
N GLY E 148 -17.85 36.75 19.17
CA GLY E 148 -17.06 35.88 18.32
C GLY E 148 -17.34 34.41 18.54
N ILE E 149 -17.57 34.02 19.80
CA ILE E 149 -17.87 32.62 20.12
C ILE E 149 -19.19 32.20 19.49
N LYS E 150 -20.23 33.02 19.64
CA LYS E 150 -21.53 32.68 19.09
C LYS E 150 -21.48 32.56 17.57
N HIS E 151 -20.68 33.41 16.92
CA HIS E 151 -20.55 33.32 15.47
C HIS E 151 -19.94 31.99 15.04
N LEU E 152 -18.90 31.54 15.75
CA LEU E 152 -18.30 30.24 15.46
C LEU E 152 -19.30 29.11 15.66
N HIS E 153 -20.15 29.23 16.70
CA HIS E 153 -21.15 28.19 16.96
C HIS E 153 -22.20 28.14 15.87
N SER E 154 -22.56 29.29 15.30
CA SER E 154 -23.57 29.33 14.25
C SER E 154 -23.17 28.51 13.03
N ALA E 155 -21.87 28.32 12.82
CA ALA E 155 -21.37 27.47 11.75
C ALA E 155 -21.20 26.02 12.18
N GLY E 156 -21.40 25.71 13.45
CA GLY E 156 -21.20 24.37 13.96
C GLY E 156 -19.80 24.07 14.45
N ILE E 157 -18.99 25.10 14.70
CA ILE E 157 -17.65 24.93 15.23
C ILE E 157 -17.67 25.29 16.70
N ILE E 158 -17.26 24.35 17.55
CA ILE E 158 -17.09 24.59 18.98
C ILE E 158 -15.60 24.70 19.24
N HIS E 159 -15.18 25.84 19.81
CA HIS E 159 -13.76 26.16 19.90
C HIS E 159 -13.05 25.21 20.85
N ARG E 160 -13.45 25.23 22.13
CA ARG E 160 -12.95 24.31 23.15
C ARG E 160 -11.45 24.49 23.43
N ASP E 161 -10.86 25.60 22.96
CA ASP E 161 -9.43 25.85 23.14
C ASP E 161 -9.14 27.33 23.38
N LEU E 162 -10.09 28.05 23.98
CA LEU E 162 -9.88 29.48 24.24
C LEU E 162 -8.92 29.68 25.41
N LYS E 163 -7.89 30.48 25.19
CA LYS E 163 -6.92 30.86 26.21
C LYS E 163 -6.37 32.23 25.84
N PRO E 164 -5.73 32.93 26.80
CA PRO E 164 -5.21 34.28 26.49
C PRO E 164 -4.28 34.36 25.29
N SER E 165 -3.66 33.24 24.91
CA SER E 165 -2.69 33.30 23.82
C SER E 165 -3.35 33.39 22.45
N ASN E 166 -4.54 32.80 22.27
CA ASN E 166 -5.22 32.84 20.98
C ASN E 166 -6.35 33.86 20.95
N ILE E 167 -6.29 34.87 21.81
CA ILE E 167 -7.21 36.00 21.78
C ILE E 167 -6.38 37.27 21.76
N VAL E 168 -6.56 38.10 20.74
CA VAL E 168 -5.75 39.28 20.56
C VAL E 168 -6.62 40.53 20.67
N VAL E 169 -5.98 41.64 21.04
CA VAL E 169 -6.66 42.91 21.22
C VAL E 169 -5.88 44.01 20.51
N LYS E 170 -6.53 45.14 20.34
CA LYS E 170 -5.92 46.33 19.73
C LYS E 170 -6.07 47.50 20.68
N SER E 171 -5.19 48.50 20.51
CA SER E 171 -5.17 49.64 21.42
C SER E 171 -6.45 50.46 21.37
N ASP E 172 -7.27 50.31 20.34
CA ASP E 172 -8.58 50.92 20.29
C ASP E 172 -9.65 50.05 20.97
N CYS E 173 -9.22 49.03 21.72
CA CYS E 173 -10.10 48.20 22.54
C CYS E 173 -11.03 47.32 21.69
N THR E 174 -10.49 46.76 20.61
CA THR E 174 -11.17 45.75 19.82
C THR E 174 -10.53 44.39 20.06
N LEU E 175 -11.32 43.33 19.94
CA LEU E 175 -10.89 41.99 20.31
C LEU E 175 -11.19 41.01 19.18
N LYS E 176 -10.27 40.07 18.96
CA LYS E 176 -10.39 39.08 17.90
C LYS E 176 -9.84 37.74 18.37
N ILE E 177 -10.47 36.65 17.92
CA ILE E 177 -10.03 35.29 18.21
C ILE E 177 -9.06 34.85 17.12
N LEU E 178 -7.97 34.19 17.51
CA LEU E 178 -6.90 33.86 16.56
C LEU E 178 -7.21 32.60 15.77
N ASP E 179 -7.52 31.49 16.45
CA ASP E 179 -7.70 30.20 15.80
C ASP E 179 -9.12 29.69 16.05
N PHE E 180 -9.38 28.48 15.57
CA PHE E 180 -10.72 27.89 15.61
C PHE E 180 -10.77 26.64 16.49
N GLY E 181 -9.80 26.47 17.40
CA GLY E 181 -9.88 25.45 18.41
C GLY E 181 -9.65 24.02 17.91
N LEU E 182 -10.10 23.08 18.72
CA LEU E 182 -9.87 21.65 18.51
C LEU E 182 -11.12 20.97 17.96
N ALA E 183 -10.91 20.08 16.99
CA ALA E 183 -12.00 19.26 16.45
C ALA E 183 -12.40 18.17 17.44
N ARG E 184 -13.36 17.35 17.01
CA ARG E 184 -13.82 16.24 17.86
C ARG E 184 -12.74 15.19 18.06
N THR E 185 -11.98 14.88 17.01
CA THR E 185 -10.93 13.88 17.05
C THR E 185 -9.57 14.48 17.42
N ALA E 186 -9.51 15.80 17.65
CA ALA E 186 -8.22 16.47 17.80
C ALA E 186 -7.46 15.98 19.02
N GLY E 187 -8.17 15.68 20.11
CA GLY E 187 -7.54 15.26 21.34
C GLY E 187 -7.63 16.34 22.41
N THR E 188 -6.84 16.14 23.46
CA THR E 188 -6.91 17.05 24.60
C THR E 188 -6.15 18.34 24.35
N SER E 189 -5.09 18.30 23.55
CA SER E 189 -4.26 19.48 23.33
C SER E 189 -3.56 19.35 21.99
N PHE E 190 -3.03 20.48 21.51
CA PHE E 190 -2.24 20.51 20.30
C PHE E 190 -0.76 20.45 20.70
N MET E 191 0.12 20.67 19.72
CA MET E 191 1.55 20.61 19.94
C MET E 191 1.99 21.61 21.01
N MET E 192 3.22 21.43 21.46
CA MET E 192 3.75 22.18 22.59
C MET E 192 3.99 23.65 22.25
N THR E 193 3.94 24.49 23.29
CA THR E 193 4.38 25.88 23.25
C THR E 193 4.74 26.28 24.67
N PRO E 194 5.83 27.02 24.87
CA PRO E 194 6.24 27.39 26.22
C PRO E 194 5.55 28.62 26.78
N TYR E 195 4.73 29.31 25.98
CA TYR E 195 4.08 30.53 26.43
C TYR E 195 2.65 30.28 26.91
N VAL E 196 2.16 29.04 26.84
CA VAL E 196 0.78 28.72 27.22
C VAL E 196 0.77 27.44 28.03
N VAL E 197 -0.15 27.37 28.99
CA VAL E 197 -0.51 26.14 29.67
C VAL E 197 -2.01 25.94 29.43
N THR E 198 -2.35 25.01 28.54
CA THR E 198 -3.73 24.87 28.10
C THR E 198 -4.62 24.28 29.18
N ARG E 199 -4.08 23.41 30.03
CA ARG E 199 -4.92 22.69 30.99
C ARG E 199 -5.61 23.63 31.98
N TYR E 200 -5.06 24.84 32.18
CA TYR E 200 -5.67 25.78 33.12
C TYR E 200 -7.08 26.17 32.67
N TYR E 201 -7.31 26.22 31.36
CA TYR E 201 -8.58 26.64 30.80
C TYR E 201 -9.38 25.48 30.22
N ARG E 202 -9.01 24.25 30.56
CA ARG E 202 -9.75 23.07 30.12
C ARG E 202 -11.01 22.93 30.95
N ALA E 203 -12.11 22.58 30.28
CA ALA E 203 -13.39 22.48 30.97
C ALA E 203 -13.56 21.11 31.63
N PRO E 204 -14.36 21.04 32.70
CA PRO E 204 -14.58 19.74 33.36
C PRO E 204 -15.13 18.67 32.43
N GLU E 205 -15.98 19.05 31.47
CA GLU E 205 -16.49 18.07 30.52
C GLU E 205 -15.36 17.41 29.74
N VAL E 206 -14.37 18.21 29.33
CA VAL E 206 -13.25 17.66 28.56
C VAL E 206 -12.33 16.86 29.47
N ILE E 207 -12.10 17.33 30.69
CA ILE E 207 -11.19 16.66 31.62
C ILE E 207 -11.67 15.25 31.90
N LEU E 208 -12.94 15.10 32.30
CA LEU E 208 -13.46 13.81 32.75
C LEU E 208 -13.95 12.93 31.60
N GLY E 209 -13.58 13.25 30.36
CA GLY E 209 -13.91 12.40 29.23
C GLY E 209 -15.37 12.30 28.89
N MET E 210 -16.20 13.23 29.36
CA MET E 210 -17.58 13.28 28.91
C MET E 210 -17.66 14.01 27.58
N GLY E 211 -18.84 13.94 26.96
CA GLY E 211 -19.11 14.79 25.82
C GLY E 211 -19.17 16.25 26.22
N TYR E 212 -18.96 17.11 25.24
CA TYR E 212 -18.98 18.55 25.46
C TYR E 212 -20.03 19.22 24.59
N LYS E 213 -20.68 20.24 25.16
CA LYS E 213 -21.76 20.97 24.54
C LYS E 213 -21.22 22.32 24.03
N GLU E 214 -22.12 23.20 23.60
CA GLU E 214 -21.67 24.49 23.10
C GLU E 214 -21.22 25.43 24.22
N ASN E 215 -21.80 25.28 25.42
CA ASN E 215 -21.44 26.16 26.53
C ASN E 215 -20.11 25.76 27.16
N VAL E 216 -19.38 24.82 26.56
CA VAL E 216 -18.03 24.51 27.03
C VAL E 216 -17.13 25.73 26.89
N ASP E 217 -17.43 26.62 25.93
CA ASP E 217 -16.62 27.81 25.72
C ASP E 217 -16.78 28.83 26.85
N LEU E 218 -17.89 28.80 27.57
CA LEU E 218 -18.08 29.73 28.68
C LEU E 218 -17.21 29.38 29.87
N TRP E 219 -16.78 28.13 30.01
CA TRP E 219 -15.81 27.79 31.05
C TRP E 219 -14.50 28.51 30.81
N SER E 220 -14.02 28.51 29.57
CA SER E 220 -12.83 29.29 29.23
C SER E 220 -13.06 30.77 29.52
N VAL E 221 -14.23 31.29 29.15
CA VAL E 221 -14.54 32.70 29.42
C VAL E 221 -14.57 32.96 30.93
N GLY E 222 -15.16 32.03 31.69
CA GLY E 222 -15.17 32.19 33.13
C GLY E 222 -13.77 32.19 33.72
N CYS E 223 -12.89 31.35 33.20
CA CYS E 223 -11.50 31.35 33.65
C CYS E 223 -10.79 32.63 33.26
N ILE E 224 -11.06 33.14 32.06
CA ILE E 224 -10.42 34.38 31.61
C ILE E 224 -10.95 35.56 32.40
N MET E 225 -12.25 35.63 32.62
CA MET E 225 -12.83 36.74 33.37
C MET E 225 -12.35 36.72 34.82
N GLY E 226 -12.35 35.54 35.45
CA GLY E 226 -11.86 35.44 36.82
C GLY E 226 -10.40 35.79 36.97
N GLU E 227 -9.61 35.60 35.91
CA GLU E 227 -8.20 35.96 35.96
C GLU E 227 -8.00 37.47 35.88
N MET E 228 -8.92 38.19 35.22
CA MET E 228 -8.85 39.64 35.21
C MET E 228 -9.16 40.22 36.58
N VAL E 229 -9.90 39.50 37.41
CA VAL E 229 -10.27 39.98 38.73
C VAL E 229 -9.22 39.58 39.77
N CYS E 230 -8.81 38.31 39.77
CA CYS E 230 -7.84 37.82 40.75
C CYS E 230 -6.40 38.16 40.42
N HIS E 231 -6.11 38.44 39.15
CA HIS E 231 -4.75 38.68 38.64
C HIS E 231 -3.82 37.50 38.89
N LYS E 232 -4.39 36.30 39.02
CA LYS E 232 -3.61 35.07 39.11
C LYS E 232 -4.46 33.94 38.53
N ILE E 233 -3.78 32.87 38.13
CA ILE E 233 -4.47 31.75 37.50
C ILE E 233 -5.47 31.13 38.48
N LEU E 234 -6.71 30.93 38.01
CA LEU E 234 -7.77 30.42 38.86
C LEU E 234 -7.51 28.96 39.24
N PHE E 235 -7.35 28.10 38.24
CA PHE E 235 -7.20 26.66 38.45
C PHE E 235 -5.84 26.23 37.89
N PRO E 236 -4.77 26.36 38.68
CA PRO E 236 -3.42 25.99 38.20
C PRO E 236 -3.09 24.52 38.47
N GLY E 237 -3.52 23.66 37.56
CA GLY E 237 -3.27 22.24 37.71
C GLY E 237 -1.81 21.91 37.46
N ARG E 238 -1.30 20.94 38.22
CA ARG E 238 0.09 20.54 38.07
C ARG E 238 0.26 19.54 36.94
N ASP E 239 -0.79 18.78 36.62
CA ASP E 239 -0.79 17.88 35.48
C ASP E 239 -2.23 17.76 35.00
N TYR E 240 -2.44 16.88 34.01
CA TYR E 240 -3.75 16.77 33.38
C TYR E 240 -4.84 16.43 34.40
N ILE E 241 -4.67 15.31 35.12
CA ILE E 241 -5.70 14.88 36.05
C ILE E 241 -5.71 15.72 37.33
N ASP E 242 -4.61 16.41 37.63
CA ASP E 242 -4.59 17.29 38.80
C ASP E 242 -5.44 18.54 38.58
N GLN E 243 -5.78 18.86 37.34
CA GLN E 243 -6.64 20.02 37.07
C GLN E 243 -8.00 19.86 37.73
N TRP E 244 -8.51 18.63 37.83
CA TRP E 244 -9.78 18.39 38.51
C TRP E 244 -9.68 18.74 39.98
N ASN E 245 -8.55 18.43 40.62
CA ASN E 245 -8.37 18.76 42.03
C ASN E 245 -8.45 20.27 42.25
N LYS E 246 -7.80 21.05 41.39
CA LYS E 246 -7.82 22.51 41.54
C LYS E 246 -9.23 23.06 41.33
N VAL E 247 -10.07 22.36 40.59
CA VAL E 247 -11.42 22.84 40.33
C VAL E 247 -12.32 22.60 41.54
N ILE E 248 -12.27 21.39 42.12
CA ILE E 248 -13.15 21.07 43.24
C ILE E 248 -12.69 21.75 44.51
N GLU E 249 -11.38 22.04 44.64
CA GLU E 249 -10.90 22.76 45.81
C GLU E 249 -11.53 24.15 45.91
N GLN E 250 -11.85 24.77 44.77
CA GLN E 250 -12.44 26.10 44.73
C GLN E 250 -13.96 26.07 44.64
N LEU E 251 -14.51 25.30 43.68
CA LEU E 251 -15.94 25.29 43.44
C LEU E 251 -16.70 24.28 44.28
N GLY E 252 -16.03 23.25 44.77
CA GLY E 252 -16.72 22.25 45.56
C GLY E 252 -17.04 21.00 44.76
N THR E 253 -17.05 19.86 45.44
CA THR E 253 -17.40 18.60 44.80
C THR E 253 -18.79 18.70 44.18
N PRO E 254 -18.97 18.30 42.93
CA PRO E 254 -20.27 18.47 42.26
C PRO E 254 -21.34 17.55 42.83
N CYS E 255 -22.58 17.86 42.48
CA CYS E 255 -23.73 17.13 42.98
C CYS E 255 -23.77 15.72 42.40
N PRO E 256 -24.44 14.78 43.07
CA PRO E 256 -24.51 13.42 42.54
C PRO E 256 -25.17 13.30 41.18
N GLU E 257 -26.08 14.20 40.83
CA GLU E 257 -26.67 14.18 39.49
C GLU E 257 -25.59 14.29 38.41
N PHE E 258 -24.58 15.10 38.66
CA PHE E 258 -23.50 15.26 37.69
C PHE E 258 -22.68 13.98 37.59
N MET E 259 -22.31 13.41 38.73
CA MET E 259 -21.42 12.25 38.73
C MET E 259 -22.09 11.02 38.13
N LYS E 260 -23.42 10.97 38.09
CA LYS E 260 -24.11 9.86 37.48
C LYS E 260 -23.89 9.80 35.97
N LYS E 261 -23.54 10.93 35.36
CA LYS E 261 -23.27 11.00 33.92
C LYS E 261 -21.90 10.46 33.56
N LEU E 262 -21.06 10.17 34.56
CA LEU E 262 -19.67 9.80 34.32
C LEU E 262 -19.56 8.33 33.97
N GLN E 263 -18.52 8.01 33.19
CA GLN E 263 -18.20 6.63 32.88
C GLN E 263 -17.72 5.90 34.14
N PRO E 264 -17.88 4.57 34.18
CA PRO E 264 -17.57 3.83 35.42
C PRO E 264 -16.20 4.13 36.02
N THR E 265 -15.13 4.01 35.24
CA THR E 265 -13.79 4.23 35.78
C THR E 265 -13.60 5.68 36.22
N VAL E 266 -14.06 6.64 35.41
CA VAL E 266 -13.97 8.04 35.80
C VAL E 266 -14.85 8.30 37.01
N ARG E 267 -16.00 7.64 37.08
CA ARG E 267 -16.88 7.77 38.25
C ARG E 267 -16.17 7.34 39.52
N THR E 268 -15.54 6.17 39.50
CA THR E 268 -14.84 5.67 40.68
C THR E 268 -13.78 6.66 41.17
N TYR E 269 -13.02 7.25 40.24
CA TYR E 269 -12.02 8.24 40.63
C TYR E 269 -12.66 9.48 41.22
N VAL E 270 -13.67 10.02 40.54
CA VAL E 270 -14.27 11.28 40.99
C VAL E 270 -15.00 11.10 42.32
N GLU E 271 -15.68 9.96 42.49
CA GLU E 271 -16.42 9.73 43.74
C GLU E 271 -15.48 9.63 44.93
N ASN E 272 -14.34 8.95 44.78
CA ASN E 272 -13.41 8.74 45.88
C ASN E 272 -12.37 9.84 45.98
N ARG E 273 -12.57 10.97 45.31
CA ARG E 273 -11.72 12.13 45.54
C ARG E 273 -12.00 12.72 46.92
N PRO E 274 -11.02 13.41 47.50
CA PRO E 274 -11.26 14.11 48.77
C PRO E 274 -12.42 15.10 48.62
N LYS E 275 -13.34 15.06 49.59
CA LYS E 275 -14.52 15.91 49.53
C LYS E 275 -14.12 17.35 49.84
N TYR E 276 -14.54 18.26 48.96
CA TYR E 276 -14.31 19.69 49.15
C TYR E 276 -15.65 20.41 49.10
N ALA E 277 -15.90 21.28 50.08
CA ALA E 277 -17.13 22.06 50.08
C ALA E 277 -17.06 23.27 49.16
N GLY E 278 -15.86 23.71 48.79
CA GLY E 278 -15.71 24.87 47.94
C GLY E 278 -16.00 26.16 48.69
N TYR E 279 -15.94 27.26 47.93
CA TYR E 279 -16.18 28.58 48.48
C TYR E 279 -17.26 29.26 47.64
N SER E 280 -18.14 30.00 48.32
CA SER E 280 -19.13 30.79 47.61
C SER E 280 -18.44 31.87 46.78
N PHE E 281 -19.11 32.29 45.70
CA PHE E 281 -18.52 33.27 44.80
C PHE E 281 -18.37 34.63 45.46
N GLU E 282 -19.08 34.89 46.55
CA GLU E 282 -18.88 36.15 47.28
C GLU E 282 -17.54 36.17 47.98
N LYS E 283 -17.09 35.02 48.52
CA LYS E 283 -15.76 34.93 49.10
C LYS E 283 -14.68 34.67 48.05
N LEU E 284 -15.04 34.01 46.95
CA LEU E 284 -14.06 33.78 45.88
C LEU E 284 -13.67 35.10 45.22
N PHE E 285 -14.66 35.94 44.89
CA PHE E 285 -14.44 37.23 44.24
C PHE E 285 -15.02 38.33 45.11
N PRO E 286 -14.28 38.78 46.13
CA PRO E 286 -14.75 39.89 46.97
C PRO E 286 -14.86 41.18 46.19
N ASP E 287 -15.55 42.15 46.79
CA ASP E 287 -15.78 43.43 46.13
C ASP E 287 -14.48 44.18 45.88
N VAL E 288 -13.46 43.98 46.72
CA VAL E 288 -12.23 44.74 46.59
C VAL E 288 -11.48 44.37 45.32
N LEU E 289 -11.65 43.15 44.82
CA LEU E 289 -10.94 42.71 43.63
C LEU E 289 -11.54 43.25 42.34
N PHE E 290 -12.77 43.80 42.39
CA PHE E 290 -13.42 44.41 41.24
C PHE E 290 -13.12 45.90 41.19
N PRO E 291 -13.18 46.52 40.00
CA PRO E 291 -13.00 47.97 39.92
C PRO E 291 -14.14 48.71 40.59
N ALA E 292 -13.97 50.02 40.69
CA ALA E 292 -15.00 50.86 41.29
C ALA E 292 -16.30 50.72 40.54
N ASP E 293 -17.41 50.71 41.28
CA ASP E 293 -18.73 50.54 40.69
C ASP E 293 -18.99 51.63 39.66
N SER E 294 -19.16 51.22 38.40
CA SER E 294 -19.37 52.17 37.31
C SER E 294 -20.62 52.98 37.53
N GLU E 295 -20.69 54.13 36.84
CA GLU E 295 -21.87 54.99 36.93
C GLU E 295 -23.13 54.31 36.40
N HIS E 296 -22.97 53.24 35.62
CA HIS E 296 -24.11 52.48 35.12
C HIS E 296 -24.52 51.42 36.14
N ASN E 297 -25.82 51.23 36.31
CA ASN E 297 -26.31 50.30 37.32
C ASN E 297 -25.98 48.85 36.98
N LYS E 298 -25.90 48.51 35.69
CA LYS E 298 -25.63 47.13 35.31
C LYS E 298 -24.18 46.74 35.51
N LEU E 299 -23.26 47.71 35.50
CA LEU E 299 -21.83 47.44 35.64
C LEU E 299 -21.43 47.60 37.10
N LYS E 300 -21.93 46.68 37.91
CA LYS E 300 -21.66 46.64 39.34
C LYS E 300 -20.71 45.50 39.66
N ALA E 301 -20.03 45.63 40.80
CA ALA E 301 -19.14 44.55 41.24
C ALA E 301 -19.91 43.28 41.56
N SER E 302 -21.14 43.40 42.05
CA SER E 302 -21.95 42.23 42.32
C SER E 302 -22.50 41.60 41.05
N GLN E 303 -22.76 42.41 40.03
CA GLN E 303 -23.27 41.87 38.77
C GLN E 303 -22.20 41.08 38.02
N ALA E 304 -20.96 41.59 38.03
CA ALA E 304 -19.85 40.82 37.46
C ALA E 304 -19.67 39.50 38.20
N ARG E 305 -19.86 39.53 39.53
CA ARG E 305 -19.81 38.29 40.30
C ARG E 305 -20.95 37.35 39.91
N ASP E 306 -22.11 37.90 39.55
CA ASP E 306 -23.23 37.06 39.12
C ASP E 306 -22.94 36.39 37.79
N LEU E 307 -22.27 37.09 36.88
CA LEU E 307 -21.92 36.49 35.59
C LEU E 307 -20.92 35.35 35.77
N LEU E 308 -19.95 35.52 36.67
CA LEU E 308 -19.01 34.43 36.96
C LEU E 308 -19.71 33.24 37.59
N SER E 309 -20.68 33.49 38.49
CA SER E 309 -21.38 32.41 39.16
C SER E 309 -22.21 31.56 38.20
N LYS E 310 -22.49 32.07 37.00
CA LYS E 310 -23.23 31.31 36.01
C LYS E 310 -22.33 30.68 34.94
N MET E 311 -21.09 31.14 34.82
CA MET E 311 -20.13 30.58 33.87
C MET E 311 -19.31 29.45 34.47
N LEU E 312 -18.70 29.70 35.63
CA LEU E 312 -17.86 28.70 36.30
C LEU E 312 -18.76 27.70 37.02
N VAL E 313 -19.33 26.79 36.25
CA VAL E 313 -20.19 25.73 36.76
C VAL E 313 -19.71 24.40 36.21
N ILE E 314 -19.46 23.44 37.10
CA ILE E 314 -18.89 22.16 36.67
C ILE E 314 -19.87 21.39 35.79
N ASP E 315 -21.14 21.36 36.19
CA ASP E 315 -22.16 20.65 35.42
C ASP E 315 -22.57 21.52 34.23
N ALA E 316 -22.21 21.08 33.02
CA ALA E 316 -22.55 21.85 31.83
C ALA E 316 -24.05 22.00 31.65
N SER E 317 -24.84 21.05 32.16
CA SER E 317 -26.29 21.15 32.06
C SER E 317 -26.82 22.33 32.86
N LYS E 318 -26.17 22.67 33.96
CA LYS E 318 -26.60 23.78 34.81
C LYS E 318 -25.90 25.09 34.47
N ARG E 319 -24.95 25.06 33.54
CA ARG E 319 -24.26 26.26 33.10
C ARG E 319 -25.09 27.02 32.07
N ILE E 320 -24.97 28.35 32.09
CA ILE E 320 -25.70 29.17 31.13
C ILE E 320 -25.07 29.02 29.75
N SER E 321 -25.86 29.38 28.73
CA SER E 321 -25.44 29.27 27.35
C SER E 321 -24.80 30.57 26.89
N VAL E 322 -24.32 30.59 25.64
CA VAL E 322 -23.71 31.79 25.09
C VAL E 322 -24.73 32.92 25.03
N ASP E 323 -25.96 32.62 24.58
CA ASP E 323 -26.99 33.63 24.44
C ASP E 323 -27.43 34.16 25.79
N GLU E 324 -27.48 33.31 26.82
CA GLU E 324 -27.87 33.78 28.14
C GLU E 324 -26.83 34.72 28.73
N ALA E 325 -25.55 34.48 28.43
CA ALA E 325 -24.50 35.39 28.88
C ALA E 325 -24.56 36.71 28.11
N LEU E 326 -24.87 36.66 26.82
CA LEU E 326 -25.04 37.87 26.03
C LEU E 326 -26.26 38.67 26.46
N GLN E 327 -27.24 38.03 27.09
CA GLN E 327 -28.40 38.72 27.64
C GLN E 327 -28.21 39.08 29.10
N HIS E 328 -27.09 38.72 29.70
CA HIS E 328 -26.80 39.09 31.08
C HIS E 328 -26.63 40.61 31.17
N PRO E 329 -27.12 41.24 32.24
CA PRO E 329 -27.03 42.70 32.33
C PRO E 329 -25.61 43.24 32.23
N TYR E 330 -24.62 42.48 32.68
CA TYR E 330 -23.24 42.93 32.61
C TYR E 330 -22.71 42.96 31.18
N ILE E 331 -23.29 42.17 30.28
CA ILE E 331 -22.87 42.12 28.89
C ILE E 331 -23.86 42.85 27.97
N ASN E 332 -25.15 42.76 28.27
CA ASN E 332 -26.21 43.32 27.43
C ASN E 332 -26.08 44.83 27.23
N VAL E 333 -25.17 45.49 27.94
CA VAL E 333 -25.02 46.94 27.82
C VAL E 333 -24.66 47.33 26.39
N TRP E 334 -23.78 46.56 25.74
CA TRP E 334 -23.26 46.91 24.43
C TRP E 334 -23.94 46.14 23.30
N TYR E 335 -25.09 45.53 23.56
CA TYR E 335 -25.70 44.61 22.60
C TYR E 335 -26.11 45.34 21.33
N ASP E 336 -25.59 44.87 20.19
CA ASP E 336 -25.98 45.36 18.88
C ASP E 336 -26.34 44.14 18.04
N PRO E 337 -27.56 44.05 17.50
CA PRO E 337 -27.95 42.82 16.79
C PRO E 337 -27.11 42.52 15.56
N SER E 338 -26.50 43.54 14.94
CA SER E 338 -25.64 43.29 13.78
C SER E 338 -24.36 42.55 14.17
N GLU E 339 -23.99 42.58 15.45
CA GLU E 339 -22.79 41.92 15.94
C GLU E 339 -23.07 40.55 16.54
N ALA E 340 -24.22 40.36 17.19
CA ALA E 340 -24.59 39.08 17.78
C ALA E 340 -25.32 38.18 16.77
N GLU E 341 -26.33 38.70 16.08
CA GLU E 341 -27.10 37.94 15.11
C GLU E 341 -26.59 38.09 13.69
N ALA E 342 -25.27 38.07 13.49
CA ALA E 342 -24.72 38.15 12.16
C ALA E 342 -25.00 36.84 11.39
N PRO E 343 -25.09 36.91 10.06
CA PRO E 343 -25.36 35.70 9.28
C PRO E 343 -24.27 34.67 9.48
N PRO E 344 -24.65 33.41 9.74
CA PRO E 344 -23.64 32.40 10.01
C PRO E 344 -22.76 32.16 8.80
N PRO E 345 -21.50 31.80 9.00
CA PRO E 345 -20.61 31.53 7.88
C PRO E 345 -20.93 30.20 7.21
N LYS E 346 -20.71 30.16 5.90
CA LYS E 346 -20.98 28.99 5.06
C LYS E 346 -19.69 28.20 4.85
N ILE E 347 -19.65 26.99 5.38
CA ILE E 347 -18.48 26.12 5.28
C ILE E 347 -18.59 25.33 3.98
N PRO E 348 -17.58 25.40 3.09
CA PRO E 348 -17.70 24.65 1.83
C PRO E 348 -17.60 23.15 2.00
N ASP E 349 -16.73 22.66 2.88
CA ASP E 349 -16.49 21.23 3.03
C ASP E 349 -17.43 20.67 4.08
N LYS E 350 -18.36 19.82 3.64
CA LYS E 350 -19.29 19.19 4.57
C LYS E 350 -18.64 18.08 5.38
N GLN E 351 -17.54 17.51 4.88
CA GLN E 351 -16.77 16.48 5.57
C GLN E 351 -15.49 17.08 6.16
N LEU E 352 -15.64 18.17 6.91
CA LEU E 352 -14.47 18.93 7.35
C LEU E 352 -13.64 18.15 8.36
N ASP E 353 -14.27 17.64 9.42
CA ASP E 353 -13.54 16.95 10.47
C ASP E 353 -13.57 15.44 10.36
N GLU E 354 -14.46 14.86 9.56
CA GLU E 354 -14.61 13.41 9.51
C GLU E 354 -13.64 12.76 8.53
N ARG E 355 -13.08 13.52 7.59
CA ARG E 355 -12.26 12.92 6.55
C ARG E 355 -10.90 12.52 7.10
N GLU E 356 -10.41 11.36 6.64
CA GLU E 356 -9.10 10.84 7.00
C GLU E 356 -8.34 10.51 5.74
N HIS E 357 -7.06 10.90 5.71
CA HIS E 357 -6.23 10.73 4.53
C HIS E 357 -4.84 10.30 4.95
N THR E 358 -4.05 9.84 3.97
CA THR E 358 -2.65 9.59 4.20
C THR E 358 -1.85 10.87 4.02
N ILE E 359 -0.57 10.82 4.37
CA ILE E 359 0.26 12.02 4.33
C ILE E 359 0.38 12.56 2.91
N GLU E 360 0.41 11.67 1.92
CA GLU E 360 0.50 12.12 0.54
C GLU E 360 -0.83 12.70 0.05
N GLU E 361 -1.96 12.20 0.58
CA GLU E 361 -3.25 12.78 0.23
C GLU E 361 -3.45 14.14 0.90
N TRP E 362 -2.97 14.29 2.14
CA TRP E 362 -3.02 15.58 2.79
C TRP E 362 -2.14 16.60 2.09
N LYS E 363 -0.99 16.16 1.57
CA LYS E 363 -0.08 17.06 0.85
C LYS E 363 -0.79 17.72 -0.33
N GLU E 364 -1.50 16.93 -1.14
CA GLU E 364 -2.21 17.48 -2.28
C GLU E 364 -3.45 18.27 -1.85
N LEU E 365 -4.14 17.81 -0.80
CA LEU E 365 -5.35 18.50 -0.36
C LEU E 365 -5.03 19.90 0.17
N ILE E 366 -3.94 20.04 0.94
CA ILE E 366 -3.56 21.35 1.44
C ILE E 366 -3.06 22.23 0.30
N TYR E 367 -2.29 21.64 -0.63
CA TYR E 367 -1.77 22.38 -1.77
C TYR E 367 -2.89 23.02 -2.58
N LYS E 368 -4.01 22.30 -2.75
CA LYS E 368 -5.14 22.85 -3.52
C LYS E 368 -5.78 24.02 -2.78
N GLU E 369 -5.84 23.97 -1.45
CA GLU E 369 -6.42 25.08 -0.70
C GLU E 369 -5.56 26.33 -0.82
N VAL E 370 -4.24 26.16 -0.87
CA VAL E 370 -3.35 27.32 -0.99
C VAL E 370 -3.47 27.95 -2.38
N MET E 371 -3.64 27.13 -3.42
CA MET E 371 -3.60 27.60 -4.80
C MET E 371 -4.96 28.03 -5.33
N ASP E 372 -6.04 27.82 -4.58
CA ASP E 372 -7.36 28.23 -5.02
C ASP E 372 -8.15 28.87 -3.88
N PRO F 2 -24.78 53.41 27.26
CA PRO F 2 -23.56 54.17 26.99
C PRO F 2 -22.88 53.74 25.70
N LYS F 3 -21.79 54.43 25.33
CA LYS F 3 -21.03 54.12 24.13
C LYS F 3 -19.74 53.41 24.51
N ARG F 4 -19.28 52.55 23.60
CA ARG F 4 -18.12 51.70 23.89
C ARG F 4 -16.85 52.54 24.06
N PRO F 5 -15.98 52.16 25.00
CA PRO F 5 -14.69 52.84 25.13
C PRO F 5 -13.83 52.67 23.89
N THR F 6 -13.04 53.70 23.59
CA THR F 6 -12.27 53.76 22.35
C THR F 6 -10.76 53.67 22.57
N THR F 7 -10.29 53.42 23.80
CA THR F 7 -8.85 53.38 24.02
C THR F 7 -8.48 52.34 25.06
N LEU F 8 -7.37 51.65 24.79
CA LEU F 8 -6.77 50.67 25.70
C LEU F 8 -5.26 50.92 25.70
N ASN F 9 -4.71 51.28 26.86
CA ASN F 9 -3.28 51.53 26.95
C ASN F 9 -2.50 50.23 27.03
N LEU F 10 -1.46 50.11 26.21
CA LEU F 10 -0.58 48.95 26.18
C LEU F 10 -1.35 47.65 25.97
N ASP G 13 56.15 25.83 -6.40
CA ASP G 13 57.46 25.39 -6.87
C ASP G 13 57.40 23.89 -7.11
N LEU G 14 57.83 23.10 -6.12
CA LEU G 14 57.69 21.65 -6.20
C LEU G 14 56.25 21.19 -5.96
N GLY G 15 55.44 22.00 -5.28
CA GLY G 15 54.06 21.62 -5.03
C GLY G 15 53.22 21.52 -6.30
N LYS G 16 53.52 22.39 -7.28
CA LYS G 16 52.81 22.31 -8.57
C LYS G 16 53.10 21.00 -9.28
N LYS G 17 54.32 20.48 -9.14
CA LYS G 17 54.65 19.20 -9.77
C LYS G 17 53.89 18.04 -9.13
N LEU G 18 53.67 18.10 -7.81
CA LEU G 18 52.90 17.05 -7.16
C LEU G 18 51.43 17.09 -7.57
N LEU G 19 50.87 18.30 -7.70
CA LEU G 19 49.50 18.44 -8.15
C LEU G 19 49.29 17.84 -9.54
N GLU G 20 50.24 18.08 -10.45
CA GLU G 20 50.10 17.55 -11.81
C GLU G 20 50.29 16.04 -11.84
N ALA G 21 51.20 15.52 -11.01
CA ALA G 21 51.40 14.08 -10.97
C ALA G 21 50.19 13.36 -10.39
N ALA G 22 49.47 14.01 -9.48
CA ALA G 22 48.23 13.44 -8.95
C ALA G 22 47.09 13.59 -9.94
N ARG G 23 47.02 14.73 -10.63
CA ARG G 23 45.97 14.95 -11.61
C ARG G 23 46.09 14.00 -12.79
N ALA G 24 47.31 13.72 -13.23
CA ALA G 24 47.54 12.77 -14.31
C ALA G 24 47.48 11.32 -13.82
N GLY G 25 47.43 11.09 -12.52
CA GLY G 25 47.33 9.74 -12.00
C GLY G 25 48.59 8.92 -12.17
N GLN G 26 49.76 9.53 -12.08
CA GLN G 26 51.03 8.83 -12.15
C GLN G 26 51.47 8.56 -10.72
N ASP G 27 51.25 7.32 -10.28
CA ASP G 27 51.48 6.97 -8.88
C ASP G 27 52.97 6.90 -8.56
N ASP G 28 53.79 6.47 -9.51
CA ASP G 28 55.22 6.37 -9.26
C ASP G 28 55.85 7.74 -9.05
N GLU G 29 55.41 8.74 -9.82
CA GLU G 29 55.94 10.09 -9.66
C GLU G 29 55.43 10.74 -8.39
N VAL G 30 54.18 10.46 -8.01
CA VAL G 30 53.63 11.02 -6.77
C VAL G 30 54.43 10.54 -5.57
N ARG G 31 54.78 9.26 -5.52
CA ARG G 31 55.59 8.75 -4.44
C ARG G 31 56.99 9.36 -4.45
N ILE G 32 57.54 9.58 -5.65
CA ILE G 32 58.87 10.18 -5.75
C ILE G 32 58.87 11.62 -5.27
N LEU G 33 57.82 12.37 -5.61
CA LEU G 33 57.76 13.78 -5.21
C LEU G 33 57.56 13.91 -3.71
N MET G 34 56.64 13.13 -3.14
CA MET G 34 56.43 13.17 -1.70
C MET G 34 57.67 12.73 -0.94
N ALA G 35 58.36 11.71 -1.44
CA ALA G 35 59.57 11.25 -0.78
C ALA G 35 60.71 12.23 -0.91
N ASN G 36 60.65 13.15 -1.88
CA ASN G 36 61.68 14.15 -2.08
C ASN G 36 61.35 15.50 -1.45
N GLY G 37 60.24 15.59 -0.71
CA GLY G 37 59.92 16.78 0.03
C GLY G 37 58.72 17.58 -0.43
N ALA G 38 57.95 17.08 -1.41
CA ALA G 38 56.80 17.82 -1.89
C ALA G 38 55.75 17.97 -0.79
N ASP G 39 55.13 19.14 -0.74
CA ASP G 39 54.10 19.42 0.27
C ASP G 39 52.82 18.73 -0.13
N VAL G 40 52.34 17.81 0.71
CA VAL G 40 51.11 17.07 0.43
C VAL G 40 49.88 17.95 0.46
N ASN G 41 49.97 19.19 0.95
CA ASN G 41 48.83 20.10 1.00
C ASN G 41 49.00 21.28 0.04
N ALA G 42 49.66 21.07 -1.10
CA ALA G 42 49.80 22.13 -2.09
C ALA G 42 48.44 22.47 -2.70
N SER G 43 48.06 23.74 -2.61
CA SER G 43 46.78 24.21 -3.12
C SER G 43 47.01 25.03 -4.39
N ASP G 44 46.20 24.75 -5.42
CA ASP G 44 46.22 25.52 -6.64
C ASP G 44 45.28 26.73 -6.52
N GLN G 45 45.22 27.54 -7.59
CA GLN G 45 44.35 28.71 -7.60
C GLN G 45 42.88 28.35 -7.45
N LEU G 46 42.49 27.10 -7.71
CA LEU G 46 41.11 26.68 -7.53
C LEU G 46 40.86 26.06 -6.16
N GLY G 47 41.89 25.95 -5.32
CA GLY G 47 41.71 25.39 -3.99
C GLY G 47 41.78 23.88 -3.92
N ILE G 48 42.28 23.24 -4.97
CA ILE G 48 42.34 21.78 -5.04
C ILE G 48 43.65 21.31 -4.43
N THR G 49 43.57 20.39 -3.49
CA THR G 49 44.72 19.74 -2.88
C THR G 49 45.00 18.41 -3.58
N PRO G 50 46.21 17.86 -3.42
CA PRO G 50 46.50 16.55 -4.03
C PRO G 50 45.54 15.45 -3.63
N LEU G 51 45.00 15.50 -2.40
CA LEU G 51 44.05 14.48 -1.98
C LEU G 51 42.78 14.51 -2.84
N HIS G 52 42.39 15.70 -3.31
CA HIS G 52 41.26 15.79 -4.23
C HIS G 52 41.51 14.99 -5.51
N LEU G 53 42.64 15.25 -6.16
CA LEU G 53 42.91 14.66 -7.47
C LEU G 53 43.08 13.15 -7.40
N VAL G 54 43.71 12.65 -6.34
CA VAL G 54 43.91 11.20 -6.23
C VAL G 54 42.60 10.51 -5.88
N ALA G 55 41.73 11.17 -5.11
CA ALA G 55 40.40 10.63 -4.85
C ALA G 55 39.61 10.45 -6.14
N ILE G 56 39.81 11.34 -7.11
CA ILE G 56 39.11 11.23 -8.38
C ILE G 56 39.59 10.01 -9.16
N THR G 57 40.91 9.79 -9.21
CA THR G 57 41.45 8.65 -9.92
C THR G 57 41.09 7.32 -9.27
N GLY G 58 40.74 7.33 -7.98
CA GLY G 58 40.34 6.11 -7.31
C GLY G 58 41.48 5.18 -6.94
N HIS G 59 42.68 5.73 -6.73
CA HIS G 59 43.86 4.93 -6.38
C HIS G 59 43.90 4.80 -4.86
N LEU G 60 43.34 3.69 -4.36
CA LEU G 60 43.24 3.50 -2.92
C LEU G 60 44.62 3.44 -2.26
N GLU G 61 45.56 2.74 -2.89
CA GLU G 61 46.89 2.55 -2.31
C GLU G 61 47.57 3.89 -2.06
N ILE G 62 47.52 4.79 -3.05
CA ILE G 62 48.21 6.07 -2.97
C ILE G 62 47.39 7.11 -2.21
N VAL G 63 46.07 6.95 -2.13
CA VAL G 63 45.26 7.80 -1.25
C VAL G 63 45.72 7.67 0.19
N GLU G 64 45.99 6.44 0.63
CA GLU G 64 46.38 6.20 2.01
C GLU G 64 47.75 6.80 2.33
N VAL G 65 48.64 6.87 1.34
CA VAL G 65 49.95 7.47 1.57
C VAL G 65 49.80 8.97 1.83
N LEU G 66 48.88 9.63 1.12
CA LEU G 66 48.63 11.05 1.36
C LEU G 66 48.08 11.28 2.76
N LEU G 67 47.13 10.45 3.19
CA LEU G 67 46.55 10.61 4.51
C LEU G 67 47.57 10.34 5.61
N LYS G 68 48.45 9.35 5.39
CA LYS G 68 49.47 9.04 6.37
C LYS G 68 50.47 10.18 6.55
N ASN G 69 50.68 10.99 5.52
CA ASN G 69 51.66 12.06 5.55
C ASN G 69 51.05 13.42 5.88
N GLY G 70 49.79 13.47 6.27
CA GLY G 70 49.20 14.69 6.80
C GLY G 70 48.27 15.44 5.88
N ALA G 71 47.82 14.85 4.78
CA ALA G 71 46.94 15.55 3.86
C ALA G 71 45.62 15.90 4.54
N ASP G 72 45.13 17.11 4.27
CA ASP G 72 43.87 17.58 4.83
C ASP G 72 42.72 16.77 4.26
N VAL G 73 42.08 15.96 5.11
CA VAL G 73 40.98 15.11 4.65
C VAL G 73 39.72 15.91 4.37
N ASN G 74 39.60 17.12 4.92
CA ASN G 74 38.40 17.95 4.76
C ASN G 74 38.70 19.24 4.02
N ALA G 75 39.65 19.20 3.09
CA ALA G 75 39.95 20.37 2.27
C ALA G 75 38.79 20.71 1.35
N HIS G 76 38.53 22.01 1.20
CA HIS G 76 37.47 22.51 0.33
C HIS G 76 38.08 23.25 -0.85
N ASP G 77 37.49 23.07 -2.03
CA ASP G 77 37.92 23.81 -3.20
C ASP G 77 37.12 25.11 -3.27
N PHE G 78 37.18 25.81 -4.39
CA PHE G 78 36.52 27.10 -4.48
C PHE G 78 34.99 26.99 -4.43
N VAL G 79 34.44 25.84 -4.75
CA VAL G 79 33.00 25.60 -4.60
C VAL G 79 32.68 24.73 -3.39
N GLY G 80 33.65 24.45 -2.54
CA GLY G 80 33.39 23.73 -1.32
C GLY G 80 33.35 22.22 -1.45
N THR G 81 34.01 21.65 -2.45
CA THR G 81 33.99 20.21 -2.67
C THR G 81 35.06 19.54 -1.83
N THR G 82 34.66 18.66 -0.93
CA THR G 82 35.55 17.84 -0.14
C THR G 82 35.94 16.59 -0.94
N PRO G 83 37.11 16.00 -0.68
CA PRO G 83 37.45 14.74 -1.36
C PRO G 83 36.41 13.65 -1.15
N LEU G 84 35.68 13.69 -0.03
CA LEU G 84 34.60 12.72 0.18
C LEU G 84 33.44 12.96 -0.78
N HIS G 85 33.17 14.22 -1.13
CA HIS G 85 32.18 14.52 -2.15
C HIS G 85 32.55 13.84 -3.47
N LEU G 86 33.80 14.00 -3.90
CA LEU G 86 34.24 13.39 -5.16
C LEU G 86 34.15 11.88 -5.10
N ALA G 87 34.58 11.28 -3.99
CA ALA G 87 34.54 9.82 -3.88
C ALA G 87 33.12 9.30 -3.86
N ALA G 88 32.20 10.03 -3.21
CA ALA G 88 30.79 9.65 -3.26
C ALA G 88 30.21 9.90 -4.64
N PHE G 89 30.65 10.96 -5.31
CA PHE G 89 30.16 11.28 -6.64
C PHE G 89 30.59 10.23 -7.65
N LEU G 90 31.85 9.79 -7.59
CA LEU G 90 32.38 8.82 -8.53
C LEU G 90 32.19 7.37 -8.09
N GLY G 91 31.77 7.13 -6.85
CA GLY G 91 31.48 5.78 -6.41
C GLY G 91 32.66 4.95 -5.98
N HIS G 92 33.67 5.57 -5.36
CA HIS G 92 34.85 4.86 -4.87
C HIS G 92 34.61 4.48 -3.40
N LEU G 93 33.98 3.32 -3.20
CA LEU G 93 33.68 2.87 -1.84
C LEU G 93 34.94 2.74 -0.98
N GLU G 94 36.00 2.16 -1.55
CA GLU G 94 37.24 2.00 -0.79
C GLU G 94 37.84 3.35 -0.41
N ILE G 95 37.77 4.32 -1.31
CA ILE G 95 38.30 5.64 -0.98
C ILE G 95 37.38 6.34 0.02
N VAL G 96 36.07 6.11 -0.08
CA VAL G 96 35.14 6.66 0.90
C VAL G 96 35.46 6.15 2.30
N GLU G 97 35.68 4.84 2.41
CA GLU G 97 35.94 4.24 3.72
C GLU G 97 37.27 4.71 4.31
N VAL G 98 38.31 4.78 3.48
CA VAL G 98 39.61 5.21 4.01
C VAL G 98 39.59 6.68 4.38
N LEU G 99 38.80 7.49 3.67
CA LEU G 99 38.65 8.89 4.07
C LEU G 99 37.94 8.99 5.42
N LEU G 100 36.85 8.25 5.59
CA LEU G 100 36.16 8.21 6.88
C LEU G 100 37.03 7.60 7.97
N LYS G 101 37.86 6.62 7.60
CA LYS G 101 38.76 6.01 8.58
C LYS G 101 39.72 7.04 9.16
N TYR G 102 40.26 7.92 8.30
CA TYR G 102 41.16 8.98 8.74
C TYR G 102 40.42 10.24 9.17
N GLY G 103 39.14 10.12 9.55
CA GLY G 103 38.44 11.21 10.19
C GLY G 103 37.85 12.24 9.26
N ALA G 104 37.20 11.82 8.19
CA ALA G 104 36.53 12.75 7.30
C ALA G 104 35.18 13.16 7.88
N ASP G 105 34.72 14.35 7.50
CA ASP G 105 33.43 14.85 7.93
C ASP G 105 32.35 14.19 7.07
N VAL G 106 31.49 13.38 7.70
CA VAL G 106 30.45 12.67 6.96
C VAL G 106 29.42 13.66 6.42
N ASN G 107 29.13 14.71 7.18
CA ASN G 107 28.14 15.70 6.79
C ASN G 107 28.78 16.97 6.24
N ALA G 108 29.99 16.86 5.70
CA ALA G 108 30.61 17.99 5.03
C ALA G 108 29.71 18.52 3.94
N VAL G 109 29.63 19.85 3.84
CA VAL G 109 28.64 20.53 3.02
C VAL G 109 29.38 21.39 2.00
N ASP G 110 28.81 21.48 0.80
CA ASP G 110 29.44 22.24 -0.28
C ASP G 110 28.73 23.59 -0.42
N ARG G 111 29.01 24.30 -1.52
CA ARG G 111 28.47 25.64 -1.70
C ARG G 111 26.95 25.62 -1.73
N ASP G 112 26.36 24.61 -2.38
CA ASP G 112 24.92 24.53 -2.55
C ASP G 112 24.25 23.64 -1.51
N GLY G 113 24.93 23.36 -0.40
CA GLY G 113 24.30 22.65 0.69
C GLY G 113 24.25 21.14 0.58
N LEU G 114 25.04 20.54 -0.31
CA LEU G 114 24.99 19.10 -0.54
C LEU G 114 25.99 18.37 0.34
N THR G 115 25.52 17.34 1.03
CA THR G 115 26.36 16.41 1.76
C THR G 115 26.73 15.23 0.86
N PRO G 116 27.75 14.45 1.23
CA PRO G 116 28.05 13.25 0.43
C PRO G 116 26.89 12.28 0.35
N LEU G 117 25.99 12.26 1.35
CA LEU G 117 24.82 11.40 1.27
C LEU G 117 23.88 11.84 0.16
N HIS G 118 23.79 13.15 -0.11
CA HIS G 118 23.04 13.60 -1.27
C HIS G 118 23.59 13.00 -2.55
N LEU G 119 24.91 13.08 -2.73
CA LEU G 119 25.52 12.63 -3.98
C LEU G 119 25.41 11.11 -4.14
N ALA G 120 25.57 10.37 -3.05
CA ALA G 120 25.38 8.92 -3.12
C ALA G 120 23.95 8.58 -3.51
N ALA G 121 22.98 9.37 -3.03
CA ALA G 121 21.58 9.13 -3.41
C ALA G 121 21.32 9.60 -4.84
N ILE G 122 21.97 10.68 -5.26
CA ILE G 122 21.77 11.22 -6.61
C ILE G 122 22.21 10.19 -7.65
N HIS G 123 23.40 9.61 -7.45
CA HIS G 123 24.03 8.78 -8.47
C HIS G 123 23.88 7.29 -8.18
N GLY G 124 23.05 6.92 -7.20
CA GLY G 124 22.69 5.53 -6.97
C GLY G 124 23.80 4.62 -6.53
N HIS G 125 24.66 5.07 -5.62
CA HIS G 125 25.72 4.24 -5.05
C HIS G 125 25.25 3.76 -3.68
N LEU G 126 24.51 2.66 -3.68
CA LEU G 126 23.88 2.16 -2.45
C LEU G 126 24.93 1.79 -1.41
N GLU G 127 25.97 1.05 -1.84
CA GLU G 127 27.00 0.62 -0.89
C GLU G 127 27.64 1.80 -0.18
N ILE G 128 27.75 2.95 -0.85
CA ILE G 128 28.28 4.14 -0.21
C ILE G 128 27.24 4.72 0.76
N VAL G 129 25.97 4.68 0.39
CA VAL G 129 24.90 5.15 1.28
C VAL G 129 24.96 4.42 2.61
N GLU G 130 25.17 3.10 2.57
CA GLU G 130 25.25 2.32 3.80
C GLU G 130 26.41 2.77 4.67
N VAL G 131 27.58 2.96 4.06
CA VAL G 131 28.77 3.35 4.81
C VAL G 131 28.60 4.77 5.37
N LEU G 132 28.02 5.67 4.58
CA LEU G 132 27.80 7.03 5.06
C LEU G 132 26.84 7.05 6.24
N LEU G 133 25.76 6.27 6.16
CA LEU G 133 24.80 6.23 7.27
C LEU G 133 25.40 5.56 8.50
N LYS G 134 26.24 4.54 8.30
CA LYS G 134 26.87 3.87 9.42
C LYS G 134 27.80 4.81 10.18
N HIS G 135 28.47 5.72 9.46
CA HIS G 135 29.34 6.71 10.07
C HIS G 135 28.61 7.98 10.47
N GLY G 136 27.27 7.96 10.49
CA GLY G 136 26.49 9.06 11.03
C GLY G 136 26.22 10.22 10.09
N ALA G 137 25.71 9.94 8.89
CA ALA G 137 25.28 10.99 7.99
C ALA G 137 23.87 11.43 8.32
N LEU G 138 23.59 12.72 8.19
CA LEU G 138 22.26 13.25 8.46
C LEU G 138 21.28 12.74 7.41
N VAL G 139 20.33 11.92 7.84
CA VAL G 139 19.41 11.28 6.90
C VAL G 139 18.46 12.30 6.29
N LYS G 140 18.01 13.27 7.07
CA LYS G 140 17.08 14.30 6.62
C LYS G 140 17.76 15.63 6.35
N ALA G 141 19.03 15.60 5.95
CA ALA G 141 19.77 16.82 5.66
C ALA G 141 19.24 17.49 4.40
N LYS G 142 18.81 18.74 4.52
CA LYS G 142 18.33 19.52 3.39
C LYS G 142 19.45 20.42 2.86
N ASP G 143 19.36 20.76 1.58
CA ASP G 143 20.36 21.54 0.87
C ASP G 143 19.85 22.96 0.59
N LYS G 144 20.47 23.63 -0.37
CA LYS G 144 20.06 24.96 -0.79
C LYS G 144 18.58 25.01 -1.16
N PHE G 145 18.04 23.90 -1.64
CA PHE G 145 16.66 23.85 -2.12
C PHE G 145 15.76 23.01 -1.23
N GLY G 146 16.22 22.65 -0.04
CA GLY G 146 15.38 21.91 0.90
C GLY G 146 15.19 20.45 0.55
N LYS G 147 16.00 19.90 -0.33
CA LYS G 147 15.85 18.50 -0.73
C LYS G 147 16.75 17.61 0.12
N THR G 148 16.14 16.59 0.72
CA THR G 148 16.89 15.56 1.44
C THR G 148 17.46 14.55 0.45
N PRO G 149 18.45 13.75 0.88
CA PRO G 149 18.93 12.69 -0.01
C PRO G 149 17.85 11.72 -0.44
N LYS G 150 16.85 11.45 0.41
CA LYS G 150 15.73 10.61 0.00
C LYS G 150 14.95 11.28 -1.14
N ASP G 151 14.81 12.60 -1.09
CA ASP G 151 14.16 13.31 -2.18
C ASP G 151 14.92 13.15 -3.48
N LEU G 152 16.25 13.20 -3.42
CA LEU G 152 17.07 13.11 -4.62
C LEU G 152 17.10 11.69 -5.15
N ALA G 153 17.05 10.68 -4.27
CA ALA G 153 16.95 9.30 -4.72
C ALA G 153 15.65 9.07 -5.49
N ARG G 154 14.55 9.66 -5.01
CA ARG G 154 13.28 9.57 -5.74
C ARG G 154 13.39 10.27 -7.09
N ASP G 155 14.08 11.41 -7.14
CA ASP G 155 14.22 12.14 -8.39
C ASP G 155 15.06 11.41 -9.42
N ASN G 156 15.96 10.52 -8.97
CA ASN G 156 16.82 9.77 -9.89
C ASN G 156 16.43 8.31 -10.01
N GLY G 157 15.32 7.90 -9.40
CA GLY G 157 14.82 6.54 -9.63
C GLY G 157 15.63 5.44 -8.98
N ASN G 158 16.31 5.73 -7.88
CA ASN G 158 17.06 4.71 -7.14
C ASN G 158 16.19 4.23 -5.98
N GLN G 159 15.29 3.29 -6.31
CA GLN G 159 14.27 2.88 -5.36
C GLN G 159 14.86 2.16 -4.15
N PHE G 160 15.93 1.39 -4.35
CA PHE G 160 16.55 0.70 -3.21
C PHE G 160 17.13 1.69 -2.22
N ILE G 161 17.78 2.75 -2.71
CA ILE G 161 18.28 3.80 -1.84
C ILE G 161 17.11 4.57 -1.23
N TYR G 162 16.03 4.77 -2.00
CA TYR G 162 14.86 5.46 -1.48
C TYR G 162 14.25 4.72 -0.30
N GLU G 163 13.98 3.42 -0.46
CA GLU G 163 13.36 2.66 0.63
C GLU G 163 14.33 2.48 1.79
N LEU G 164 15.64 2.49 1.54
CA LEU G 164 16.60 2.42 2.63
C LEU G 164 16.54 3.69 3.47
N LEU G 165 16.53 4.85 2.80
CA LEU G 165 16.43 6.11 3.53
C LEU G 165 15.05 6.29 4.15
N GLU G 166 14.01 5.77 3.50
CA GLU G 166 12.67 5.84 4.07
C GLU G 166 12.58 5.08 5.39
N LYS G 167 13.18 3.89 5.44
CA LYS G 167 13.19 3.12 6.67
C LYS G 167 14.03 3.81 7.74
N ALA G 168 15.07 4.56 7.34
CA ALA G 168 15.87 5.30 8.31
C ALA G 168 15.12 6.52 8.82
N GLU G 169 14.35 7.20 7.95
CA GLU G 169 13.52 8.30 8.41
C GLU G 169 12.42 7.80 9.33
N LEU G 170 11.86 6.63 9.04
CA LEU G 170 10.84 6.06 9.91
C LEU G 170 11.42 5.75 11.30
N LEU G 171 12.64 5.22 11.34
CA LEU G 171 13.27 4.91 12.62
C LEU G 171 13.52 6.17 13.43
N GLU G 172 13.97 7.24 12.78
CA GLU G 172 14.18 8.49 13.50
C GLU G 172 12.87 9.08 14.01
N LYS G 173 11.80 8.99 13.21
CA LYS G 173 10.50 9.44 13.67
C LYS G 173 9.98 8.55 14.79
N LEU G 174 10.36 7.27 14.79
CA LEU G 174 9.93 6.36 15.84
C LEU G 174 10.66 6.66 17.15
N LEU G 175 11.94 7.01 17.07
CA LEU G 175 12.66 7.45 18.26
C LEU G 175 12.06 8.74 18.82
N LEU G 176 11.63 9.63 17.92
CA LEU G 176 11.01 10.87 18.34
C LEU G 176 9.76 10.61 19.17
N GLU G 177 8.87 9.74 18.68
CA GLU G 177 7.63 9.46 19.39
C GLU G 177 7.88 8.66 20.66
N ALA G 178 8.91 7.80 20.66
CA ALA G 178 9.25 7.05 21.86
C ALA G 178 9.69 7.98 22.99
N ALA G 179 10.44 9.03 22.66
CA ALA G 179 10.86 9.98 23.69
C ALA G 179 9.68 10.79 24.22
N ARG G 180 8.71 11.10 23.37
CA ARG G 180 7.54 11.82 23.83
C ARG G 180 6.66 10.94 24.71
N GLU G 181 6.49 9.67 24.32
CA GLU G 181 5.68 8.75 25.11
C GLU G 181 6.34 8.38 26.42
N GLY G 182 7.66 8.40 26.48
CA GLY G 182 8.35 7.99 27.69
C GLY G 182 8.70 6.54 27.73
N HIS G 183 8.78 5.88 26.58
CA HIS G 183 9.05 4.44 26.49
C HIS G 183 10.56 4.25 26.43
N ARG G 184 11.18 4.09 27.59
CA ARG G 184 12.63 3.99 27.65
C ARG G 184 13.14 2.77 26.91
N ASP G 185 12.42 1.64 27.00
CA ASP G 185 12.84 0.43 26.30
C ASP G 185 12.88 0.67 24.79
N ARG G 186 11.89 1.38 24.26
CA ARG G 186 11.88 1.67 22.83
C ARG G 186 13.00 2.64 22.45
N VAL G 187 13.27 3.62 23.32
CA VAL G 187 14.33 4.59 23.04
C VAL G 187 15.69 3.90 22.95
N GLU G 188 16.00 3.06 23.93
CA GLU G 188 17.28 2.35 23.92
C GLU G 188 17.36 1.37 22.76
N GLU G 189 16.23 0.79 22.35
CA GLU G 189 16.23 -0.11 21.21
C GLU G 189 16.54 0.64 19.92
N PHE G 190 15.88 1.79 19.72
CA PHE G 190 16.07 2.54 18.48
C PHE G 190 17.47 3.15 18.39
N ILE G 191 18.09 3.46 19.53
CA ILE G 191 19.48 3.94 19.51
C ILE G 191 20.41 2.82 19.05
N LYS G 192 20.19 1.60 19.54
CA LYS G 192 21.00 0.48 19.07
C LYS G 192 20.75 0.18 17.60
N ARG G 193 19.55 0.48 17.10
CA ARG G 193 19.26 0.31 15.68
C ARG G 193 19.92 1.36 14.81
N GLY G 194 20.47 2.42 15.40
CA GLY G 194 21.19 3.43 14.66
C GLY G 194 20.45 4.72 14.43
N ALA G 195 19.30 4.92 15.07
CA ALA G 195 18.54 6.16 14.90
C ALA G 195 19.34 7.35 15.41
N ASP G 196 19.38 8.41 14.60
CA ASP G 196 20.09 9.62 14.99
C ASP G 196 19.44 10.23 16.23
N VAL G 197 20.20 10.30 17.32
CA VAL G 197 19.70 10.86 18.56
C VAL G 197 19.46 12.35 18.46
N ASN G 198 19.93 12.99 17.39
CA ASN G 198 19.74 14.43 17.16
C ASN G 198 18.80 14.70 15.98
N THR G 199 17.90 13.78 15.69
CA THR G 199 16.92 14.02 14.63
C THR G 199 15.96 15.14 15.04
N ALA G 200 15.38 15.81 14.04
CA ALA G 200 14.47 16.90 14.27
C ALA G 200 13.22 16.72 13.42
N ASP G 201 12.08 17.16 13.96
CA ASP G 201 10.82 17.14 13.22
C ASP G 201 10.73 18.39 12.36
N GLU G 202 9.55 18.62 11.77
CA GLU G 202 9.37 19.73 10.85
C GLU G 202 9.51 21.09 11.55
N THR G 203 9.28 21.15 12.86
CA THR G 203 9.38 22.38 13.61
C THR G 203 10.65 22.47 14.44
N GLY G 204 11.51 21.46 14.39
CA GLY G 204 12.82 21.53 15.00
C GLY G 204 12.97 20.83 16.34
N PHE G 205 11.97 20.08 16.78
CA PHE G 205 12.06 19.39 18.05
C PHE G 205 12.94 18.14 17.92
N THR G 206 13.88 18.00 18.83
CA THR G 206 14.71 16.80 18.94
C THR G 206 14.10 15.86 19.96
N PRO G 207 14.58 14.61 20.04
CA PRO G 207 14.12 13.75 21.14
C PRO G 207 14.38 14.36 22.51
N LEU G 208 15.48 15.10 22.67
CA LEU G 208 15.76 15.74 23.95
C LEU G 208 14.75 16.83 24.26
N HIS G 209 14.24 17.53 23.24
CA HIS G 209 13.19 18.50 23.47
C HIS G 209 11.95 17.85 24.05
N LEU G 210 11.48 16.77 23.40
CA LEU G 210 10.23 16.14 23.82
C LEU G 210 10.38 15.47 25.18
N ALA G 211 11.54 14.87 25.45
CA ALA G 211 11.75 14.22 26.75
C ALA G 211 11.71 15.25 27.89
N ALA G 212 12.32 16.42 27.67
CA ALA G 212 12.27 17.46 28.68
C ALA G 212 10.86 18.02 28.84
N TRP G 213 10.13 18.13 27.72
CA TRP G 213 8.78 18.68 27.78
C TRP G 213 7.86 17.82 28.63
N GLU G 214 7.93 16.50 28.47
CA GLU G 214 7.07 15.57 29.18
C GLU G 214 7.65 15.14 30.53
N GLY G 215 8.83 15.62 30.88
CA GLY G 215 9.40 15.30 32.19
C GLY G 215 9.91 13.88 32.32
N HIS G 216 10.54 13.36 31.28
CA HIS G 216 11.10 12.00 31.31
C HIS G 216 12.60 12.11 31.61
N LEU G 217 12.91 12.24 32.91
CA LEU G 217 14.30 12.41 33.33
C LEU G 217 15.17 11.24 32.89
N GLY G 218 14.67 10.01 33.06
CA GLY G 218 15.45 8.85 32.67
C GLY G 218 15.83 8.86 31.20
N ILE G 219 14.90 9.29 30.34
CA ILE G 219 15.20 9.36 28.91
C ILE G 219 16.11 10.53 28.60
N VAL G 220 15.95 11.64 29.32
CA VAL G 220 16.87 12.77 29.17
C VAL G 220 18.31 12.32 29.42
N GLU G 221 18.52 11.54 30.47
CA GLU G 221 19.85 11.05 30.77
C GLU G 221 20.35 10.10 29.69
N VAL G 222 19.46 9.24 29.17
CA VAL G 222 19.86 8.29 28.14
C VAL G 222 20.21 9.02 26.84
N LEU G 223 19.38 9.99 26.44
CA LEU G 223 19.65 10.73 25.22
C LEU G 223 20.95 11.53 25.33
N LEU G 224 21.16 12.20 26.46
CA LEU G 224 22.40 12.94 26.67
C LEU G 224 23.60 12.01 26.71
N LYS G 225 23.46 10.85 27.35
CA LYS G 225 24.55 9.89 27.41
C LYS G 225 24.98 9.43 26.02
N ASN G 226 24.06 9.42 25.06
CA ASN G 226 24.35 9.06 23.68
C ASN G 226 24.67 10.27 22.81
N GLY G 227 25.10 11.38 23.41
CA GLY G 227 25.58 12.53 22.66
C GLY G 227 24.52 13.34 21.96
N ALA G 228 23.44 13.66 22.66
CA ALA G 228 22.43 14.55 22.10
C ALA G 228 22.83 16.00 22.31
N ASP G 229 22.42 16.86 21.39
CA ASP G 229 22.74 18.28 21.49
C ASP G 229 21.98 18.90 22.65
N VAL G 230 22.72 19.38 23.65
CA VAL G 230 22.09 19.99 24.82
C VAL G 230 21.43 21.31 24.46
N ASN G 231 21.93 21.99 23.44
CA ASN G 231 21.45 23.32 23.06
C ASN G 231 20.90 23.31 21.64
N ALA G 232 20.18 22.26 21.27
CA ALA G 232 19.52 22.22 19.98
C ALA G 232 18.37 23.22 19.97
N ASN G 233 18.19 23.87 18.82
CA ASN G 233 17.14 24.87 18.65
C ASN G 233 16.06 24.36 17.72
N ASP G 234 14.80 24.63 18.08
CA ASP G 234 13.69 24.44 17.17
C ASP G 234 13.54 25.72 16.33
N GLU G 235 12.56 25.72 15.41
CA GLU G 235 12.34 26.89 14.57
C GLU G 235 12.12 28.15 15.40
N ARG G 236 11.42 28.02 16.53
CA ARG G 236 11.14 29.18 17.37
C ARG G 236 12.37 29.67 18.11
N GLY G 237 13.39 28.84 18.27
CA GLY G 237 14.59 29.21 18.99
C GLY G 237 14.66 28.70 20.41
N HIS G 238 13.85 27.71 20.78
CA HIS G 238 13.81 27.18 22.13
C HIS G 238 14.75 25.99 22.26
N THR G 239 15.56 26.01 23.29
CA THR G 239 16.43 24.89 23.63
C THR G 239 15.71 23.93 24.57
N PRO G 240 16.24 22.72 24.77
CA PRO G 240 15.65 21.84 25.79
C PRO G 240 15.58 22.46 27.17
N LEU G 241 16.51 23.36 27.51
CA LEU G 241 16.44 24.04 28.81
C LEU G 241 15.26 24.99 28.87
N HIS G 242 14.87 25.58 27.74
CA HIS G 242 13.66 26.40 27.71
C HIS G 242 12.44 25.59 28.14
N LEU G 243 12.21 24.43 27.51
CA LEU G 243 11.02 23.64 27.80
C LEU G 243 11.07 23.07 29.22
N ALA G 244 12.26 22.67 29.68
CA ALA G 244 12.38 22.15 31.04
C ALA G 244 12.05 23.22 32.07
N ALA G 245 12.58 24.43 31.88
CA ALA G 245 12.26 25.53 32.78
C ALA G 245 10.78 25.86 32.74
N TYR G 246 10.14 25.69 31.57
CA TYR G 246 8.71 25.94 31.45
C TYR G 246 7.90 24.94 32.28
N THR G 247 8.25 23.66 32.23
CA THR G 247 7.52 22.64 32.97
C THR G 247 7.85 22.65 34.45
N GLY G 248 8.95 23.29 34.86
CA GLY G 248 9.32 23.31 36.26
C GLY G 248 9.84 21.99 36.79
N HIS G 249 10.47 21.18 35.94
CA HIS G 249 11.02 19.89 36.36
C HIS G 249 12.45 20.13 36.83
N LEU G 250 12.62 20.19 38.16
CA LEU G 250 13.91 20.61 38.72
C LEU G 250 15.03 19.64 38.33
N GLU G 251 14.79 18.34 38.48
CA GLU G 251 15.85 17.37 38.21
C GLU G 251 16.31 17.39 36.77
N ILE G 252 15.40 17.64 35.83
CA ILE G 252 15.81 17.71 34.42
C ILE G 252 16.60 18.98 34.15
N VAL G 253 16.19 20.11 34.74
CA VAL G 253 16.92 21.36 34.57
C VAL G 253 18.35 21.20 35.08
N GLU G 254 18.52 20.56 36.23
CA GLU G 254 19.86 20.38 36.78
C GLU G 254 20.70 19.45 35.91
N VAL G 255 20.08 18.45 35.29
CA VAL G 255 20.83 17.54 34.42
C VAL G 255 21.22 18.25 33.13
N LEU G 256 20.31 19.04 32.56
CA LEU G 256 20.63 19.80 31.36
C LEU G 256 21.78 20.77 31.61
N LEU G 257 21.73 21.50 32.73
CA LEU G 257 22.83 22.41 33.06
C LEU G 257 24.12 21.66 33.31
N LYS G 258 24.03 20.49 33.95
CA LYS G 258 25.22 19.68 34.19
C LYS G 258 25.87 19.26 32.88
N ASN G 259 25.07 18.93 31.86
CA ASN G 259 25.57 18.53 30.57
C ASN G 259 25.88 19.72 29.65
N GLY G 260 25.92 20.94 30.19
CA GLY G 260 26.43 22.07 29.45
C GLY G 260 25.39 22.86 28.69
N ALA G 261 24.19 23.01 29.25
CA ALA G 261 23.16 23.79 28.60
C ALA G 261 23.46 25.28 28.68
N GLY G 262 22.98 26.03 27.68
CA GLY G 262 23.13 27.46 27.69
C GLY G 262 22.07 28.12 28.54
N VAL G 263 22.47 28.63 29.71
CA VAL G 263 21.51 29.16 30.66
C VAL G 263 20.90 30.47 30.18
N ASN G 264 21.54 31.17 29.25
CA ASN G 264 21.08 32.46 28.76
C ASN G 264 20.77 32.42 27.27
N ALA G 265 20.19 31.31 26.82
CA ALA G 265 19.77 31.19 25.43
C ALA G 265 18.44 31.88 25.22
N THR G 266 18.28 32.52 24.06
CA THR G 266 17.09 33.28 23.74
C THR G 266 16.45 32.76 22.45
N ASP G 267 15.13 32.90 22.37
CA ASP G 267 14.40 32.60 21.15
C ASP G 267 14.20 33.88 20.34
N VAL G 268 13.34 33.80 19.32
CA VAL G 268 13.16 34.92 18.40
C VAL G 268 12.55 36.12 19.10
N ILE G 269 11.79 35.89 20.18
CA ILE G 269 11.26 37.02 20.94
C ILE G 269 12.29 37.58 21.90
N GLY G 270 13.25 36.76 22.32
CA GLY G 270 14.22 37.16 23.32
C GLY G 270 13.99 36.57 24.69
N THR G 271 13.08 35.60 24.81
CA THR G 271 12.79 34.97 26.10
C THR G 271 13.87 33.96 26.44
N ALA G 272 14.42 34.08 27.64
CA ALA G 272 15.44 33.21 28.18
C ALA G 272 14.83 32.24 29.18
N PRO G 273 15.52 31.14 29.52
CA PRO G 273 14.98 30.22 30.52
C PRO G 273 14.61 30.88 31.83
N LEU G 274 15.30 31.96 32.22
CA LEU G 274 14.94 32.66 33.43
C LEU G 274 13.63 33.42 33.27
N HIS G 275 13.34 33.91 32.07
CA HIS G 275 12.03 34.52 31.82
C HIS G 275 10.91 33.52 32.04
N LEU G 276 11.05 32.31 31.48
CA LEU G 276 10.01 31.31 31.59
C LEU G 276 9.83 30.84 33.03
N ALA G 277 10.94 30.62 33.74
CA ALA G 277 10.85 30.16 35.13
C ALA G 277 10.15 31.19 36.01
N ALA G 278 10.43 32.47 35.80
CA ALA G 278 9.74 33.52 36.55
C ALA G 278 8.32 33.73 36.04
N MET G 279 8.07 33.45 34.76
CA MET G 279 6.75 33.63 34.19
C MET G 279 5.74 32.66 34.80
N TRP G 280 6.15 31.40 35.01
CA TRP G 280 5.26 30.35 35.45
C TRP G 280 5.40 29.99 36.91
N GLY G 281 6.19 30.76 37.67
CA GLY G 281 6.25 30.60 39.10
C GLY G 281 7.01 29.37 39.59
N HIS G 282 8.18 29.13 39.02
CA HIS G 282 9.05 28.02 39.45
C HIS G 282 10.22 28.62 40.22
N LEU G 283 9.96 28.98 41.48
CA LEU G 283 10.98 29.63 42.30
C LEU G 283 12.23 28.77 42.44
N GLU G 284 12.06 27.46 42.65
CA GLU G 284 13.22 26.59 42.78
C GLU G 284 14.03 26.55 41.49
N ILE G 285 13.38 26.68 40.34
CA ILE G 285 14.10 26.73 39.07
C ILE G 285 14.83 28.06 38.95
N VAL G 286 14.20 29.15 39.40
CA VAL G 286 14.83 30.46 39.33
C VAL G 286 16.11 30.47 40.17
N GLU G 287 16.06 29.89 41.36
CA GLU G 287 17.25 29.83 42.21
C GLU G 287 18.38 29.06 41.54
N VAL G 288 18.05 27.95 40.87
CA VAL G 288 19.06 27.14 40.22
C VAL G 288 19.59 27.85 38.97
N LEU G 289 18.70 28.47 38.19
CA LEU G 289 19.14 29.18 36.99
C LEU G 289 20.08 30.33 37.34
N LEU G 290 19.74 31.09 38.38
CA LEU G 290 20.63 32.18 38.81
C LEU G 290 21.95 31.63 39.32
N LYS G 291 21.92 30.48 39.99
CA LYS G 291 23.14 29.88 40.53
C LYS G 291 24.11 29.51 39.42
N HIS G 292 23.61 29.16 38.24
CA HIS G 292 24.44 28.86 37.08
C HIS G 292 24.69 30.08 36.21
N GLY G 293 24.44 31.29 36.73
CA GLY G 293 24.80 32.51 36.04
C GLY G 293 23.79 33.00 35.02
N ALA G 294 22.51 33.03 35.38
CA ALA G 294 21.50 33.56 34.50
C ALA G 294 21.49 35.09 34.57
N ASP G 295 21.34 35.72 33.41
CA ASP G 295 21.33 37.18 33.33
C ASP G 295 19.97 37.71 33.77
N VAL G 296 19.97 38.53 34.84
CA VAL G 296 18.71 39.09 35.31
C VAL G 296 18.25 40.24 34.43
N ASN G 297 19.19 40.97 33.82
CA ASN G 297 18.87 42.12 33.00
C ASN G 297 18.52 41.76 31.56
N ALA G 298 18.33 40.48 31.26
CA ALA G 298 17.99 40.07 29.91
C ALA G 298 16.60 40.56 29.56
N GLN G 299 16.49 41.33 28.47
CA GLN G 299 15.21 41.83 28.00
C GLN G 299 14.82 41.11 26.71
N ASP G 300 13.52 40.92 26.54
CA ASP G 300 12.97 40.34 25.32
C ASP G 300 12.73 41.47 24.32
N LYS G 301 11.94 41.21 23.28
CA LYS G 301 11.61 42.25 22.32
C LYS G 301 10.79 43.38 22.94
N PHE G 302 10.13 43.12 24.06
CA PHE G 302 9.26 44.10 24.68
C PHE G 302 9.91 44.80 25.87
N GLY G 303 11.17 44.50 26.16
CA GLY G 303 11.84 45.15 27.27
C GLY G 303 11.51 44.58 28.63
N LYS G 304 10.95 43.37 28.69
CA LYS G 304 10.57 42.76 29.96
C LYS G 304 11.73 41.90 30.47
N THR G 305 12.16 42.16 31.70
CA THR G 305 13.14 41.33 32.37
C THR G 305 12.44 40.21 33.12
N PRO G 306 13.16 39.17 33.52
CA PRO G 306 12.54 38.13 34.37
C PRO G 306 11.90 38.71 35.62
N PHE G 307 12.48 39.76 36.20
CA PHE G 307 11.82 40.45 37.30
C PHE G 307 10.51 41.06 36.85
N ASP G 308 10.49 41.67 35.66
CA ASP G 308 9.26 42.28 35.15
C ASP G 308 8.16 41.24 34.98
N LEU G 309 8.50 40.08 34.41
CA LEU G 309 7.50 39.04 34.20
C LEU G 309 7.03 38.44 35.51
N ALA G 310 7.89 38.39 36.53
CA ALA G 310 7.47 37.89 37.83
C ALA G 310 6.46 38.81 38.48
N ILE G 311 6.65 40.12 38.34
CA ILE G 311 5.68 41.08 38.86
C ILE G 311 4.37 41.00 38.09
N ASP G 312 4.45 40.81 36.77
CA ASP G 312 3.25 40.77 35.94
C ASP G 312 2.35 39.60 36.31
N ASN G 313 2.93 38.40 36.46
CA ASN G 313 2.14 37.23 36.77
C ASN G 313 1.90 37.05 38.27
N GLY G 314 2.38 37.97 39.10
CA GLY G 314 2.07 37.94 40.51
C GLY G 314 2.84 36.92 41.32
N ASN G 315 3.98 36.44 40.84
CA ASN G 315 4.82 35.53 41.61
C ASN G 315 5.80 36.39 42.41
N GLU G 316 5.28 36.97 43.50
CA GLU G 316 6.05 37.94 44.27
C GLU G 316 7.27 37.30 44.90
N ASP G 317 7.19 36.01 45.25
CA ASP G 317 8.33 35.32 45.83
C ASP G 317 9.50 35.27 44.86
N ILE G 318 9.22 35.02 43.58
CA ILE G 318 10.28 34.99 42.58
C ILE G 318 10.83 36.38 42.34
N ALA G 319 9.94 37.38 42.33
CA ALA G 319 10.37 38.75 42.10
C ALA G 319 11.29 39.24 43.21
N GLU G 320 11.11 38.73 44.42
CA GLU G 320 11.98 39.12 45.52
C GLU G 320 13.39 38.58 45.33
N VAL G 321 13.51 37.32 44.90
CA VAL G 321 14.83 36.74 44.65
C VAL G 321 15.52 37.44 43.49
N LEU G 322 14.78 37.75 42.42
CA LEU G 322 15.39 38.35 41.25
C LEU G 322 15.83 39.79 41.49
N GLN G 323 15.11 40.55 42.32
CA GLN G 323 15.51 41.92 42.56
C GLN G 323 16.78 42.00 43.39
N LYS G 324 16.91 41.12 44.39
CA LYS G 324 18.10 41.08 45.24
C LYS G 324 19.30 40.46 44.54
N ALA G 325 19.12 39.86 43.36
CA ALA G 325 20.21 39.27 42.61
C ALA G 325 20.78 40.21 41.55
N ALA G 326 20.32 41.46 41.51
CA ALA G 326 20.83 42.43 40.56
C ALA G 326 22.27 42.83 40.90
N ASN H 18 -8.54 -19.94 -35.43
CA ASN H 18 -8.98 -18.56 -35.64
C ASN H 18 -8.14 -17.88 -36.72
N ASN H 19 -8.16 -16.55 -36.71
CA ASN H 19 -7.42 -15.73 -37.66
C ASN H 19 -6.00 -15.41 -37.21
N PHE H 20 -5.49 -16.10 -36.20
CA PHE H 20 -4.12 -15.95 -35.74
C PHE H 20 -3.35 -17.25 -35.95
N TYR H 21 -2.03 -17.11 -36.04
CA TYR H 21 -1.15 -18.27 -36.11
C TYR H 21 0.21 -17.88 -35.53
N SER H 22 0.89 -18.86 -34.95
CA SER H 22 2.19 -18.63 -34.31
C SER H 22 3.30 -19.23 -35.15
N VAL H 23 4.44 -18.53 -35.19
CA VAL H 23 5.64 -18.99 -35.89
C VAL H 23 6.83 -18.78 -34.95
N GLU H 24 7.68 -19.80 -34.84
CA GLU H 24 8.82 -19.77 -33.94
C GLU H 24 9.98 -19.05 -34.63
N ILE H 25 10.37 -17.89 -34.10
CA ILE H 25 11.52 -17.13 -34.59
C ILE H 25 12.60 -17.23 -33.53
N GLY H 26 13.53 -18.17 -33.72
CA GLY H 26 14.58 -18.39 -32.74
C GLY H 26 13.98 -18.87 -31.43
N ASP H 27 14.21 -18.09 -30.39
CA ASP H 27 13.64 -18.38 -29.08
C ASP H 27 12.30 -17.70 -28.87
N SER H 28 12.02 -16.63 -29.62
CA SER H 28 10.74 -15.94 -29.54
C SER H 28 9.67 -16.69 -30.30
N THR H 29 8.44 -16.58 -29.80
CA THR H 29 7.26 -17.10 -30.49
C THR H 29 6.40 -15.91 -30.91
N PHE H 30 6.20 -15.77 -32.21
CA PHE H 30 5.39 -14.69 -32.76
C PHE H 30 4.01 -15.23 -33.14
N THR H 31 2.97 -14.72 -32.49
CA THR H 31 1.60 -15.07 -32.81
C THR H 31 1.00 -13.87 -33.53
N VAL H 32 1.17 -13.85 -34.85
CA VAL H 32 0.75 -12.73 -35.68
C VAL H 32 -0.50 -13.12 -36.45
N LEU H 33 -1.11 -12.13 -37.10
CA LEU H 33 -2.27 -12.37 -37.94
C LEU H 33 -1.88 -13.19 -39.16
N LYS H 34 -2.83 -13.99 -39.66
CA LYS H 34 -2.56 -14.84 -40.80
C LYS H 34 -2.23 -14.05 -42.07
N ARG H 35 -2.54 -12.75 -42.09
CA ARG H 35 -2.20 -11.93 -43.24
C ARG H 35 -0.70 -11.70 -43.35
N TYR H 36 0.04 -11.83 -42.26
CA TYR H 36 1.48 -11.61 -42.25
C TYR H 36 2.17 -12.96 -42.32
N GLN H 37 2.67 -13.31 -43.49
CA GLN H 37 3.30 -14.62 -43.73
C GLN H 37 4.78 -14.45 -44.00
N ASN H 38 5.52 -15.55 -43.82
CA ASN H 38 6.95 -15.63 -44.14
C ASN H 38 7.76 -14.67 -43.28
N LEU H 39 7.67 -14.87 -41.97
CA LEU H 39 8.36 -14.03 -41.00
C LEU H 39 9.83 -14.41 -40.90
N LYS H 40 10.69 -13.41 -41.00
CA LYS H 40 12.11 -13.59 -40.89
C LYS H 40 12.72 -12.46 -40.09
N PRO H 41 13.61 -12.76 -39.15
CA PRO H 41 14.18 -11.69 -38.30
C PRO H 41 15.12 -10.80 -39.07
N ILE H 42 15.13 -9.52 -38.70
CA ILE H 42 15.96 -8.54 -39.39
C ILE H 42 16.80 -7.74 -38.40
N GLY H 43 16.51 -7.86 -37.12
CA GLY H 43 17.26 -7.10 -36.13
C GLY H 43 16.84 -7.45 -34.71
N SER H 44 17.71 -7.09 -33.77
CA SER H 44 17.45 -7.24 -32.36
C SER H 44 17.51 -5.87 -31.69
N GLY H 45 16.50 -5.56 -30.89
CA GLY H 45 16.46 -4.29 -30.19
C GLY H 45 16.25 -4.47 -28.71
N ALA H 46 16.09 -3.36 -27.97
CA ALA H 46 15.88 -3.45 -26.54
C ALA H 46 14.47 -3.95 -26.21
N GLN H 47 13.50 -3.66 -27.09
CA GLN H 47 12.13 -4.08 -26.85
C GLN H 47 11.89 -5.52 -27.27
N GLY H 48 12.68 -6.06 -28.19
CA GLY H 48 12.51 -7.43 -28.61
C GLY H 48 13.13 -7.66 -29.98
N ILE H 49 12.53 -8.59 -30.72
CA ILE H 49 12.98 -8.97 -32.05
C ILE H 49 12.11 -8.26 -33.08
N VAL H 50 12.73 -7.85 -34.19
CA VAL H 50 12.02 -7.26 -35.32
C VAL H 50 12.07 -8.25 -36.47
N CYS H 51 10.92 -8.49 -37.09
CA CYS H 51 10.81 -9.43 -38.20
C CYS H 51 10.22 -8.74 -39.42
N ALA H 52 10.65 -9.20 -40.59
CA ALA H 52 10.07 -8.78 -41.86
C ALA H 52 9.07 -9.82 -42.32
N ALA H 53 7.94 -9.35 -42.85
CA ALA H 53 6.89 -10.24 -43.31
C ALA H 53 6.37 -9.75 -44.65
N TYR H 54 5.52 -10.56 -45.26
CA TYR H 54 4.81 -10.20 -46.47
C TYR H 54 3.34 -10.06 -46.10
N ASP H 55 2.82 -8.83 -46.17
CA ASP H 55 1.41 -8.59 -45.89
C ASP H 55 0.62 -9.01 -47.11
N ALA H 56 -0.03 -10.17 -47.03
CA ALA H 56 -0.80 -10.67 -48.17
C ALA H 56 -1.98 -9.78 -48.50
N ILE H 57 -2.46 -8.99 -47.53
CA ILE H 57 -3.57 -8.08 -47.79
C ILE H 57 -3.08 -6.83 -48.50
N LEU H 58 -2.02 -6.20 -47.99
CA LEU H 58 -1.44 -5.06 -48.67
C LEU H 58 -0.59 -5.45 -49.86
N GLU H 59 -0.25 -6.73 -49.99
CA GLU H 59 0.63 -7.22 -51.05
C GLU H 59 1.95 -6.44 -51.05
N ARG H 60 2.49 -6.24 -49.85
CA ARG H 60 3.73 -5.52 -49.64
C ARG H 60 4.45 -6.13 -48.44
N ASN H 61 5.76 -5.89 -48.38
CA ASN H 61 6.57 -6.36 -47.27
C ASN H 61 6.54 -5.33 -46.14
N VAL H 62 6.37 -5.82 -44.92
CA VAL H 62 6.24 -4.97 -43.74
C VAL H 62 7.23 -5.43 -42.69
N ALA H 63 7.29 -4.70 -41.58
CA ALA H 63 8.15 -5.02 -40.46
C ALA H 63 7.30 -5.09 -39.20
N ILE H 64 7.51 -6.13 -38.41
CA ILE H 64 6.72 -6.40 -37.21
C ILE H 64 7.67 -6.53 -36.03
N LYS H 65 7.44 -5.73 -34.99
CA LYS H 65 8.15 -5.89 -33.74
C LYS H 65 7.15 -6.23 -32.63
N LYS H 66 7.63 -7.04 -31.68
CA LYS H 66 6.77 -7.61 -30.64
C LYS H 66 7.19 -7.05 -29.28
N LEU H 67 6.21 -6.55 -28.54
CA LEU H 67 6.40 -6.07 -27.18
C LEU H 67 5.82 -7.11 -26.23
N SER H 68 6.65 -7.62 -25.32
CA SER H 68 6.25 -8.71 -24.43
C SER H 68 5.94 -8.12 -23.06
N ARG H 69 4.65 -8.14 -22.70
CA ARG H 69 4.14 -7.68 -21.41
C ARG H 69 4.76 -6.33 -21.01
N PRO H 70 4.56 -5.28 -21.82
CA PRO H 70 5.23 -4.01 -21.52
C PRO H 70 4.78 -3.37 -20.22
N PHE H 71 3.52 -3.58 -19.82
CA PHE H 71 3.01 -2.94 -18.62
C PHE H 71 3.68 -3.47 -17.36
N GLN H 72 4.10 -4.74 -17.36
CA GLN H 72 4.69 -5.34 -16.15
C GLN H 72 5.98 -4.64 -15.74
N ASN H 73 6.69 -4.03 -16.69
CA ASN H 73 7.87 -3.24 -16.40
C ASN H 73 7.50 -1.75 -16.42
N GLN H 74 7.94 -1.01 -15.41
CA GLN H 74 7.52 0.39 -15.27
C GLN H 74 8.02 1.23 -16.44
N THR H 75 9.30 1.08 -16.79
CA THR H 75 9.90 1.92 -17.82
C THR H 75 9.38 1.55 -19.21
N HIS H 76 9.23 0.25 -19.49
CA HIS H 76 8.75 -0.17 -20.80
C HIS H 76 7.31 0.25 -21.01
N ALA H 77 6.49 0.20 -19.96
CA ALA H 77 5.10 0.65 -20.07
C ALA H 77 5.03 2.10 -20.54
N LYS H 78 5.87 2.97 -19.97
CA LYS H 78 5.85 4.37 -20.36
C LYS H 78 6.25 4.55 -21.83
N ARG H 79 7.30 3.85 -22.27
CA ARG H 79 7.71 4.00 -23.67
C ARG H 79 6.71 3.36 -24.61
N ALA H 80 6.21 2.16 -24.27
CA ALA H 80 5.27 1.46 -25.13
C ALA H 80 4.01 2.31 -25.37
N TYR H 81 3.43 2.85 -24.30
CA TYR H 81 2.30 3.75 -24.45
C TYR H 81 2.69 5.01 -25.22
N ARG H 82 3.79 5.65 -24.81
CA ARG H 82 4.25 6.86 -25.47
C ARG H 82 4.45 6.64 -26.96
N GLU H 83 5.13 5.55 -27.33
CA GLU H 83 5.42 5.32 -28.74
C GLU H 83 4.18 4.86 -29.50
N LEU H 84 3.23 4.22 -28.82
CA LEU H 84 1.96 3.88 -29.47
C LEU H 84 1.18 5.14 -29.83
N VAL H 85 1.13 6.11 -28.91
CA VAL H 85 0.40 7.35 -29.16
C VAL H 85 1.06 8.13 -30.30
N LEU H 86 2.39 8.26 -30.24
CA LEU H 86 3.09 9.07 -31.23
C LEU H 86 3.05 8.44 -32.63
N MET H 87 3.21 7.12 -32.72
CA MET H 87 3.19 6.47 -34.02
C MET H 87 1.88 6.71 -34.76
N LYS H 88 0.76 6.81 -34.05
CA LYS H 88 -0.52 7.03 -34.71
C LYS H 88 -0.64 8.45 -35.26
N CYS H 89 -0.45 9.45 -34.39
CA CYS H 89 -0.76 10.83 -34.77
C CYS H 89 0.37 11.51 -35.54
N VAL H 90 1.59 10.98 -35.49
CA VAL H 90 2.71 11.57 -36.23
C VAL H 90 2.77 10.96 -37.61
N ASN H 91 2.54 11.79 -38.64
CA ASN H 91 2.65 11.37 -40.04
C ASN H 91 3.60 12.31 -40.74
N HIS H 92 4.79 11.81 -41.08
CA HIS H 92 5.81 12.64 -41.70
C HIS H 92 6.70 11.78 -42.60
N LYS H 93 7.28 12.43 -43.61
CA LYS H 93 8.10 11.71 -44.59
C LYS H 93 9.33 11.09 -43.96
N ASN H 94 9.85 11.68 -42.88
CA ASN H 94 11.13 11.26 -42.31
C ASN H 94 10.99 10.62 -40.93
N ILE H 95 9.79 10.14 -40.60
CA ILE H 95 9.56 9.38 -39.38
C ILE H 95 8.79 8.11 -39.77
N ILE H 96 9.26 6.97 -39.25
CA ILE H 96 8.67 5.68 -39.64
C ILE H 96 7.18 5.69 -39.36
N GLY H 97 6.42 5.02 -40.23
CA GLY H 97 4.97 5.12 -40.23
C GLY H 97 4.32 3.84 -39.74
N LEU H 98 3.28 4.00 -38.93
CA LEU H 98 2.53 2.87 -38.41
C LEU H 98 1.59 2.32 -39.47
N LEU H 99 1.54 1.00 -39.59
CA LEU H 99 0.65 0.32 -40.51
C LEU H 99 -0.44 -0.49 -39.82
N ASN H 100 -0.13 -1.09 -38.67
CA ASN H 100 -1.12 -1.85 -37.92
C ASN H 100 -0.61 -2.06 -36.50
N VAL H 101 -1.56 -2.30 -35.59
CA VAL H 101 -1.27 -2.65 -34.20
C VAL H 101 -2.32 -3.68 -33.79
N PHE H 102 -1.86 -4.82 -33.26
CA PHE H 102 -2.78 -5.88 -32.88
C PHE H 102 -2.21 -6.65 -31.70
N THR H 103 -3.08 -7.45 -31.08
CA THR H 103 -2.71 -8.36 -30.01
C THR H 103 -3.47 -9.66 -30.21
N PRO H 104 -2.82 -10.81 -30.05
CA PRO H 104 -3.51 -12.09 -30.27
C PRO H 104 -4.46 -12.46 -29.15
N GLN H 105 -4.40 -11.78 -28.02
CA GLN H 105 -5.27 -12.11 -26.90
C GLN H 105 -6.63 -11.46 -27.07
N LYS H 106 -7.66 -12.16 -26.61
CA LYS H 106 -9.03 -11.81 -26.95
C LYS H 106 -9.58 -10.70 -26.05
N SER H 107 -9.21 -10.69 -24.78
CA SER H 107 -9.76 -9.74 -23.83
C SER H 107 -8.65 -9.01 -23.09
N LEU H 108 -9.04 -7.97 -22.35
CA LEU H 108 -8.09 -7.24 -21.52
C LEU H 108 -7.51 -8.14 -20.44
N GLU H 109 -8.32 -9.06 -19.91
CA GLU H 109 -7.89 -9.88 -18.80
C GLU H 109 -6.73 -10.79 -19.21
N GLU H 110 -6.82 -11.38 -20.40
CA GLU H 110 -5.79 -12.24 -20.95
C GLU H 110 -4.71 -11.47 -21.69
N PHE H 111 -4.84 -10.14 -21.79
CA PHE H 111 -3.92 -9.33 -22.57
C PHE H 111 -2.47 -9.54 -22.12
N GLN H 112 -1.56 -9.70 -23.09
CA GLN H 112 -0.18 -10.02 -22.79
C GLN H 112 0.79 -9.25 -23.68
N ASP H 113 0.76 -9.52 -24.99
CA ASP H 113 1.76 -9.00 -25.91
C ASP H 113 1.13 -8.01 -26.89
N VAL H 114 1.99 -7.18 -27.47
CA VAL H 114 1.60 -6.15 -28.43
C VAL H 114 2.51 -6.27 -29.65
N TYR H 115 1.92 -6.24 -30.84
CA TYR H 115 2.65 -6.27 -32.09
C TYR H 115 2.42 -4.97 -32.84
N ILE H 116 3.50 -4.34 -33.29
CA ILE H 116 3.42 -3.11 -34.07
C ILE H 116 3.90 -3.42 -35.48
N VAL H 117 3.08 -3.11 -36.47
CA VAL H 117 3.39 -3.32 -37.87
C VAL H 117 3.68 -1.96 -38.48
N MET H 118 4.87 -1.81 -39.06
CA MET H 118 5.32 -0.54 -39.63
C MET H 118 5.94 -0.81 -40.99
N GLU H 119 6.18 0.27 -41.73
CA GLU H 119 6.79 0.13 -43.05
C GLU H 119 8.19 -0.45 -42.94
N LEU H 120 8.50 -1.38 -43.86
CA LEU H 120 9.76 -2.10 -43.85
C LEU H 120 10.78 -1.34 -44.68
N MET H 121 11.87 -0.94 -44.05
CA MET H 121 12.95 -0.23 -44.72
C MET H 121 14.03 -1.22 -45.14
N ASP H 122 15.01 -0.69 -45.89
CA ASP H 122 16.00 -1.55 -46.55
C ASP H 122 17.20 -1.83 -45.66
N ALA H 123 17.64 -0.86 -44.89
CA ALA H 123 18.78 -1.03 -43.98
C ALA H 123 18.76 0.12 -42.98
N ASN H 124 19.63 0.03 -41.99
CA ASN H 124 19.79 1.10 -41.02
C ASN H 124 21.03 1.94 -41.32
N LEU H 125 21.14 3.06 -40.62
CA LEU H 125 22.20 4.02 -40.91
C LEU H 125 23.59 3.47 -40.61
N CYS H 126 23.69 2.41 -39.80
CA CYS H 126 24.99 1.83 -39.51
C CYS H 126 25.64 1.25 -40.77
N GLN H 127 24.82 0.78 -41.71
CA GLN H 127 25.33 0.26 -42.97
C GLN H 127 25.70 1.36 -43.95
N VAL H 128 24.98 2.49 -43.92
CA VAL H 128 25.24 3.58 -44.85
C VAL H 128 26.52 4.30 -44.44
N ILE H 129 26.77 4.40 -43.14
CA ILE H 129 27.99 5.05 -42.66
C ILE H 129 29.23 4.31 -43.16
N GLN H 130 29.13 2.99 -43.32
CA GLN H 130 30.31 2.21 -43.71
C GLN H 130 30.67 2.40 -45.18
N MET H 131 29.67 2.58 -46.05
CA MET H 131 29.96 2.78 -47.46
C MET H 131 30.40 4.22 -47.72
N GLU H 132 31.08 4.42 -48.85
CA GLU H 132 31.64 5.72 -49.18
C GLU H 132 30.62 6.51 -49.98
N LEU H 133 30.20 7.66 -49.43
CA LEU H 133 29.17 8.50 -50.01
C LEU H 133 29.78 9.78 -50.59
N ASP H 134 29.04 10.39 -51.50
CA ASP H 134 29.36 11.68 -52.06
C ASP H 134 28.69 12.79 -51.25
N HIS H 135 29.04 14.04 -51.59
CA HIS H 135 28.48 15.19 -50.88
C HIS H 135 26.97 15.26 -51.06
N GLU H 136 26.47 14.89 -52.23
CA GLU H 136 25.04 14.98 -52.51
C GLU H 136 24.24 14.06 -51.60
N ARG H 137 24.74 12.85 -51.36
CA ARG H 137 24.02 11.89 -50.54
C ARG H 137 24.23 12.14 -49.05
N MET H 138 25.42 12.60 -48.64
CA MET H 138 25.63 12.94 -47.24
C MET H 138 24.70 14.06 -46.80
N SER H 139 24.64 15.13 -47.59
CA SER H 139 23.83 16.28 -47.21
C SER H 139 22.34 15.98 -47.28
N TYR H 140 21.92 15.19 -48.28
CA TYR H 140 20.50 14.89 -48.41
C TYR H 140 20.03 13.96 -47.29
N LEU H 141 20.88 13.05 -46.85
CA LEU H 141 20.53 12.21 -45.70
C LEU H 141 20.50 13.03 -44.42
N LEU H 142 21.45 13.95 -44.26
CA LEU H 142 21.44 14.84 -43.10
C LEU H 142 20.24 15.77 -43.13
N TYR H 143 19.88 16.26 -44.32
CA TYR H 143 18.69 17.08 -44.45
C TYR H 143 17.45 16.32 -44.01
N GLN H 144 17.31 15.06 -44.43
CA GLN H 144 16.17 14.25 -44.02
C GLN H 144 16.16 14.02 -42.52
N MET H 145 17.35 13.85 -41.92
CA MET H 145 17.43 13.73 -40.46
C MET H 145 16.92 14.99 -39.79
N LEU H 146 17.42 16.15 -40.22
CA LEU H 146 17.02 17.41 -39.60
C LEU H 146 15.53 17.68 -39.77
N CYS H 147 14.96 17.29 -40.91
CA CYS H 147 13.53 17.46 -41.12
C CYS H 147 12.73 16.64 -40.12
N GLY H 148 13.13 15.40 -39.89
CA GLY H 148 12.44 14.58 -38.91
C GLY H 148 12.58 15.12 -37.50
N ILE H 149 13.77 15.64 -37.17
CA ILE H 149 13.99 16.21 -35.84
C ILE H 149 13.13 17.45 -35.65
N LYS H 150 13.12 18.34 -36.64
CA LYS H 150 12.35 19.57 -36.54
C LYS H 150 10.86 19.27 -36.42
N HIS H 151 10.38 18.25 -37.12
CA HIS H 151 8.98 17.86 -37.00
C HIS H 151 8.65 17.38 -35.58
N LEU H 152 9.53 16.55 -35.00
CA LEU H 152 9.32 16.10 -33.63
C LEU H 152 9.30 17.28 -32.65
N HIS H 153 10.15 18.29 -32.88
CA HIS H 153 10.20 19.42 -31.98
C HIS H 153 8.92 20.25 -32.05
N SER H 154 8.32 20.35 -33.23
CA SER H 154 7.06 21.10 -33.36
C SER H 154 5.96 20.48 -32.52
N ALA H 155 6.05 19.18 -32.24
CA ALA H 155 5.13 18.50 -31.35
C ALA H 155 5.57 18.51 -29.90
N GLY H 156 6.76 19.04 -29.61
CA GLY H 156 7.26 19.08 -28.26
C GLY H 156 8.03 17.86 -27.82
N ILE H 157 8.47 17.02 -28.76
CA ILE H 157 9.24 15.81 -28.45
C ILE H 157 10.69 16.09 -28.77
N ILE H 158 11.56 15.93 -27.78
CA ILE H 158 13.01 16.01 -27.97
C ILE H 158 13.54 14.59 -27.92
N HIS H 159 14.20 14.18 -29.01
CA HIS H 159 14.56 12.77 -29.16
C HIS H 159 15.63 12.36 -28.15
N ARG H 160 16.80 13.00 -28.23
CA ARG H 160 17.91 12.81 -27.28
C ARG H 160 18.46 11.38 -27.31
N ASP H 161 18.10 10.58 -28.31
CA ASP H 161 18.56 9.19 -28.39
C ASP H 161 18.83 8.77 -29.83
N LEU H 162 19.24 9.71 -30.67
CA LEU H 162 19.52 9.40 -32.06
C LEU H 162 20.84 8.65 -32.18
N LYS H 163 20.80 7.52 -32.90
CA LYS H 163 21.97 6.70 -33.13
C LYS H 163 21.82 6.04 -34.50
N PRO H 164 22.91 5.58 -35.10
CA PRO H 164 22.80 4.88 -36.40
C PRO H 164 21.87 3.68 -36.35
N SER H 165 21.64 3.11 -35.16
CA SER H 165 20.82 1.90 -35.05
C SER H 165 19.33 2.20 -35.16
N ASN H 166 18.88 3.37 -34.71
CA ASN H 166 17.47 3.73 -34.77
C ASN H 166 17.17 4.71 -35.90
N ILE H 167 18.02 4.72 -36.93
CA ILE H 167 17.77 5.48 -38.15
C ILE H 167 17.89 4.53 -39.33
N VAL H 168 16.82 4.41 -40.11
CA VAL H 168 16.75 3.46 -41.21
C VAL H 168 16.61 4.22 -42.52
N VAL H 169 17.03 3.59 -43.61
CA VAL H 169 17.03 4.18 -44.93
C VAL H 169 16.43 3.18 -45.92
N LYS H 170 16.14 3.68 -47.12
CA LYS H 170 15.65 2.89 -48.23
C LYS H 170 16.60 3.07 -49.42
N SER H 171 16.58 2.08 -50.32
CA SER H 171 17.53 2.09 -51.43
C SER H 171 17.33 3.26 -52.38
N ASP H 172 16.18 3.93 -52.31
CA ASP H 172 15.98 5.16 -53.07
C ASP H 172 16.52 6.39 -52.34
N CYS H 173 17.31 6.16 -51.28
CA CYS H 173 18.02 7.22 -50.55
C CYS H 173 17.05 8.12 -49.78
N THR H 174 16.03 7.52 -49.18
CA THR H 174 15.14 8.20 -48.25
C THR H 174 15.42 7.70 -46.84
N LEU H 175 15.18 8.56 -45.86
CA LEU H 175 15.58 8.28 -44.48
C LEU H 175 14.39 8.49 -43.54
N LYS H 176 14.31 7.63 -42.52
CA LYS H 176 13.22 7.67 -41.55
C LYS H 176 13.77 7.34 -40.16
N ILE H 177 13.20 7.98 -39.15
CA ILE H 177 13.56 7.72 -37.75
C ILE H 177 12.65 6.63 -37.20
N LEU H 178 13.24 5.69 -36.46
CA LEU H 178 12.49 4.51 -36.00
C LEU H 178 11.68 4.81 -34.75
N ASP H 179 12.30 5.36 -33.72
CA ASP H 179 11.66 5.58 -32.44
C ASP H 179 11.60 7.07 -32.12
N PHE H 180 11.09 7.39 -30.93
CA PHE H 180 10.88 8.76 -30.51
C PHE H 180 11.75 9.14 -29.32
N GLY H 181 12.83 8.41 -29.10
CA GLY H 181 13.82 8.82 -28.13
C GLY H 181 13.39 8.68 -26.67
N LEU H 182 14.07 9.45 -25.82
CA LEU H 182 13.89 9.39 -24.38
C LEU H 182 13.07 10.58 -23.91
N ALA H 183 12.13 10.32 -22.99
CA ALA H 183 11.35 11.39 -22.39
C ALA H 183 12.21 12.18 -21.40
N ARG H 184 11.58 13.16 -20.75
CA ARG H 184 12.29 13.97 -19.77
C ARG H 184 12.69 13.14 -18.55
N THR H 185 11.81 12.23 -18.12
CA THR H 185 12.05 11.38 -16.97
C THR H 185 12.74 10.06 -17.33
N ALA H 186 13.01 9.84 -18.62
CA ALA H 186 13.46 8.52 -19.06
C ALA H 186 14.83 8.15 -18.50
N GLY H 187 15.74 9.11 -18.39
CA GLY H 187 17.08 8.84 -17.94
C GLY H 187 18.09 8.92 -19.07
N THR H 188 19.30 8.41 -18.77
CA THR H 188 20.39 8.52 -19.73
C THR H 188 20.30 7.49 -20.85
N SER H 189 19.72 6.32 -20.58
CA SER H 189 19.70 5.25 -21.56
C SER H 189 18.49 4.36 -21.34
N PHE H 190 18.18 3.56 -22.35
CA PHE H 190 17.09 2.60 -22.32
C PHE H 190 17.64 1.22 -21.94
N MET H 191 16.79 0.20 -22.03
CA MET H 191 17.20 -1.15 -21.68
C MET H 191 18.33 -1.63 -22.61
N MET H 192 18.94 -2.75 -22.20
CA MET H 192 20.15 -3.24 -22.83
C MET H 192 19.91 -3.78 -24.24
N THR H 193 20.96 -3.69 -25.06
CA THR H 193 21.03 -4.36 -26.36
C THR H 193 22.50 -4.50 -26.72
N PRO H 194 22.92 -5.65 -27.29
CA PRO H 194 24.33 -5.83 -27.62
C PRO H 194 24.75 -5.24 -28.96
N TYR H 195 23.81 -4.71 -29.74
CA TYR H 195 24.12 -4.18 -31.06
C TYR H 195 24.29 -2.66 -31.06
N VAL H 196 24.13 -2.00 -29.92
CA VAL H 196 24.24 -0.54 -29.82
C VAL H 196 25.05 -0.19 -28.58
N VAL H 197 25.84 0.87 -28.69
CA VAL H 197 26.47 1.51 -27.53
C VAL H 197 25.97 2.95 -27.51
N THR H 198 25.07 3.23 -26.57
CA THR H 198 24.36 4.51 -26.57
C THR H 198 25.26 5.68 -26.19
N ARG H 199 26.23 5.45 -25.29
CA ARG H 199 27.00 6.54 -24.72
C ARG H 199 27.81 7.30 -25.76
N TYR H 200 28.12 6.69 -26.90
CA TYR H 200 28.94 7.36 -27.92
C TYR H 200 28.26 8.62 -28.44
N TYR H 201 26.93 8.62 -28.48
CA TYR H 201 26.17 9.73 -29.05
C TYR H 201 25.47 10.56 -28.00
N ARG H 202 25.85 10.40 -26.72
CA ARG H 202 25.30 11.20 -25.65
C ARG H 202 25.88 12.60 -25.68
N ALA H 203 25.02 13.60 -25.44
CA ALA H 203 25.43 14.99 -25.52
C ALA H 203 26.08 15.45 -24.21
N PRO H 204 26.95 16.45 -24.27
CA PRO H 204 27.59 16.94 -23.03
C PRO H 204 26.61 17.41 -21.98
N GLU H 205 25.49 18.02 -22.38
CA GLU H 205 24.49 18.44 -21.41
C GLU H 205 23.97 17.27 -20.59
N VAL H 206 23.71 16.14 -21.26
CA VAL H 206 23.19 14.97 -20.56
C VAL H 206 24.27 14.32 -19.69
N ILE H 207 25.50 14.27 -20.20
CA ILE H 207 26.60 13.64 -19.45
C ILE H 207 26.80 14.34 -18.11
N LEU H 208 26.96 15.66 -18.13
CA LEU H 208 27.33 16.41 -16.94
C LEU H 208 26.14 16.79 -16.06
N GLY H 209 24.99 16.17 -16.26
CA GLY H 209 23.85 16.43 -15.39
C GLY H 209 23.26 17.81 -15.50
N MET H 210 23.54 18.54 -16.58
CA MET H 210 22.89 19.80 -16.84
C MET H 210 21.50 19.56 -17.46
N GLY H 211 20.71 20.62 -17.52
CA GLY H 211 19.48 20.57 -18.28
C GLY H 211 19.76 20.45 -19.77
N TYR H 212 18.78 19.93 -20.51
CA TYR H 212 18.95 19.78 -21.94
C TYR H 212 17.85 20.52 -22.68
N LYS H 213 18.22 21.14 -23.80
CA LYS H 213 17.35 21.96 -24.63
C LYS H 213 16.96 21.18 -25.89
N GLU H 214 16.34 21.87 -26.85
CA GLU H 214 15.93 21.22 -28.09
C GLU H 214 17.11 20.92 -29.00
N ASN H 215 18.17 21.73 -28.95
CA ASN H 215 19.32 21.54 -29.82
C ASN H 215 20.25 20.41 -29.36
N VAL H 216 19.85 19.63 -28.36
CA VAL H 216 20.62 18.46 -27.96
C VAL H 216 20.68 17.45 -29.10
N ASP H 217 19.67 17.44 -29.98
CA ASP H 217 19.65 16.47 -31.06
C ASP H 217 20.71 16.73 -32.12
N LEU H 218 21.22 17.98 -32.22
CA LEU H 218 22.26 18.26 -33.19
C LEU H 218 23.61 17.67 -32.79
N TRP H 219 23.84 17.43 -31.50
CA TRP H 219 25.05 16.73 -31.09
C TRP H 219 25.07 15.31 -31.65
N SER H 220 23.94 14.61 -31.54
CA SER H 220 23.82 13.29 -32.17
C SER H 220 24.06 13.38 -33.67
N VAL H 221 23.48 14.39 -34.33
CA VAL H 221 23.68 14.56 -35.76
C VAL H 221 25.15 14.84 -36.07
N GLY H 222 25.79 15.68 -35.25
CA GLY H 222 27.20 15.95 -35.45
C GLY H 222 28.06 14.72 -35.31
N CYS H 223 27.73 13.85 -34.35
CA CYS H 223 28.47 12.61 -34.18
C CYS H 223 28.25 11.67 -35.37
N ILE H 224 27.02 11.63 -35.89
CA ILE H 224 26.73 10.78 -37.03
C ILE H 224 27.40 11.31 -38.29
N MET H 225 27.34 12.63 -38.50
CA MET H 225 27.97 13.21 -39.69
C MET H 225 29.48 13.01 -39.67
N GLY H 226 30.12 13.25 -38.52
CA GLY H 226 31.53 12.99 -38.41
C GLY H 226 31.90 11.53 -38.62
N GLU H 227 30.97 10.63 -38.30
CA GLU H 227 31.22 9.21 -38.54
C GLU H 227 31.09 8.87 -40.02
N MET H 228 30.26 9.62 -40.75
CA MET H 228 30.17 9.42 -42.20
C MET H 228 31.44 9.86 -42.90
N VAL H 229 32.17 10.81 -42.32
CA VAL H 229 33.41 11.32 -42.90
C VAL H 229 34.62 10.53 -42.42
N CYS H 230 34.72 10.31 -41.11
CA CYS H 230 35.87 9.62 -40.54
C CYS H 230 35.80 8.11 -40.66
N HIS H 231 34.59 7.54 -40.85
CA HIS H 231 34.37 6.11 -40.87
C HIS H 231 34.79 5.44 -39.56
N LYS H 232 34.80 6.19 -38.47
CA LYS H 232 35.09 5.63 -37.16
C LYS H 232 34.38 6.47 -36.11
N ILE H 233 34.14 5.86 -34.95
CA ILE H 233 33.41 6.54 -33.88
C ILE H 233 34.22 7.74 -33.41
N LEU H 234 33.56 8.90 -33.33
CA LEU H 234 34.25 10.13 -32.94
C LEU H 234 34.67 10.07 -31.47
N PHE H 235 33.71 9.83 -30.57
CA PHE H 235 33.95 9.85 -29.14
C PHE H 235 33.61 8.46 -28.59
N PRO H 236 34.55 7.52 -28.65
CA PRO H 236 34.29 6.14 -28.16
C PRO H 236 34.64 5.95 -26.68
N GLY H 237 33.69 6.32 -25.83
CA GLY H 237 33.91 6.21 -24.40
C GLY H 237 33.91 4.76 -23.93
N ARG H 238 34.79 4.48 -22.97
CA ARG H 238 34.88 3.14 -22.40
C ARG H 238 33.84 2.92 -21.30
N ASP H 239 33.41 4.00 -20.64
CA ASP H 239 32.33 3.94 -19.67
C ASP H 239 31.62 5.29 -19.68
N TYR H 240 30.63 5.44 -18.79
CA TYR H 240 29.82 6.66 -18.81
C TYR H 240 30.68 7.89 -18.58
N ILE H 241 31.42 7.93 -17.46
CA ILE H 241 32.18 9.13 -17.12
C ILE H 241 33.39 9.29 -18.03
N ASP H 242 33.85 8.20 -18.65
CA ASP H 242 34.94 8.30 -19.62
C ASP H 242 34.49 8.96 -20.93
N GLN H 243 33.18 8.99 -21.20
CA GLN H 243 32.70 9.63 -22.41
C GLN H 243 33.04 11.12 -22.45
N TRP H 244 33.03 11.78 -21.28
CA TRP H 244 33.42 13.18 -21.23
C TRP H 244 34.89 13.36 -21.61
N ASN H 245 35.74 12.41 -21.20
CA ASN H 245 37.15 12.48 -21.56
C ASN H 245 37.34 12.45 -23.06
N LYS H 246 36.64 11.54 -23.75
CA LYS H 246 36.78 11.42 -25.20
C LYS H 246 36.32 12.68 -25.93
N VAL H 247 35.40 13.44 -25.33
CA VAL H 247 34.88 14.64 -25.98
C VAL H 247 35.89 15.79 -25.88
N ILE H 248 36.45 16.00 -24.69
CA ILE H 248 37.36 17.12 -24.49
C ILE H 248 38.71 16.83 -25.13
N GLU H 249 39.09 15.56 -25.25
CA GLU H 249 40.35 15.23 -25.92
C GLU H 249 40.36 15.68 -27.36
N GLN H 250 39.20 15.69 -28.01
CA GLN H 250 39.08 16.10 -29.41
C GLN H 250 38.68 17.56 -29.57
N LEU H 251 37.63 18.01 -28.88
CA LEU H 251 37.11 19.36 -29.06
C LEU H 251 37.78 20.39 -28.17
N GLY H 252 38.42 19.97 -27.08
CA GLY H 252 39.09 20.91 -26.21
C GLY H 252 38.27 21.21 -24.96
N THR H 253 38.99 21.50 -23.88
CA THR H 253 38.34 21.88 -22.62
C THR H 253 37.45 23.10 -22.84
N PRO H 254 36.21 23.08 -22.39
CA PRO H 254 35.30 24.19 -22.65
C PRO H 254 35.69 25.44 -21.87
N CYS H 255 35.13 26.56 -22.31
CA CYS H 255 35.45 27.86 -21.71
C CYS H 255 34.84 27.97 -20.31
N PRO H 256 35.41 28.83 -19.46
CA PRO H 256 34.81 29.02 -18.13
C PRO H 256 33.39 29.52 -18.17
N GLU H 257 33.01 30.22 -19.24
CA GLU H 257 31.62 30.64 -19.43
C GLU H 257 30.68 29.44 -19.36
N PHE H 258 31.10 28.31 -19.93
CA PHE H 258 30.30 27.10 -19.89
C PHE H 258 30.30 26.46 -18.50
N MET H 259 31.49 26.35 -17.89
CA MET H 259 31.65 25.56 -16.68
C MET H 259 30.95 26.14 -15.45
N LYS H 260 30.61 27.44 -15.45
CA LYS H 260 29.89 27.98 -14.31
C LYS H 260 28.49 27.38 -14.15
N LYS H 261 27.93 26.79 -15.21
CA LYS H 261 26.59 26.23 -15.12
C LYS H 261 26.54 24.93 -14.34
N LEU H 262 27.69 24.34 -14.00
CA LEU H 262 27.68 23.02 -13.38
C LEU H 262 27.48 23.14 -11.87
N GLN H 263 26.90 22.09 -11.29
CA GLN H 263 26.78 22.00 -9.85
C GLN H 263 28.17 21.84 -9.24
N PRO H 264 28.34 22.21 -7.97
CA PRO H 264 29.70 22.23 -7.38
C PRO H 264 30.49 20.95 -7.57
N THR H 265 29.94 19.79 -7.22
CA THR H 265 30.70 18.55 -7.30
C THR H 265 31.09 18.20 -8.73
N VAL H 266 30.16 18.33 -9.67
CA VAL H 266 30.47 18.05 -11.07
C VAL H 266 31.47 19.07 -11.61
N ARG H 267 31.32 20.34 -11.19
CA ARG H 267 32.25 21.38 -11.65
C ARG H 267 33.68 21.06 -11.22
N THR H 268 33.87 20.67 -9.96
CA THR H 268 35.20 20.33 -9.46
C THR H 268 35.85 19.26 -10.32
N TYR H 269 35.09 18.24 -10.72
CA TYR H 269 35.62 17.18 -11.57
C TYR H 269 36.04 17.75 -12.93
N VAL H 270 35.15 18.50 -13.58
CA VAL H 270 35.42 18.99 -14.92
C VAL H 270 36.54 20.02 -14.93
N GLU H 271 36.59 20.87 -13.91
CA GLU H 271 37.64 21.89 -13.85
C GLU H 271 39.01 21.25 -13.71
N ASN H 272 39.13 20.22 -12.89
CA ASN H 272 40.41 19.56 -12.64
C ASN H 272 40.67 18.40 -13.58
N ARG H 273 39.93 18.30 -14.69
CA ARG H 273 40.26 17.36 -15.73
C ARG H 273 41.54 17.81 -16.43
N PRO H 274 42.28 16.89 -17.04
CA PRO H 274 43.44 17.29 -17.84
C PRO H 274 43.04 18.25 -18.95
N LYS H 275 43.76 19.36 -19.04
CA LYS H 275 43.44 20.39 -20.02
C LYS H 275 43.84 19.94 -21.42
N TYR H 276 42.89 20.08 -22.36
CA TYR H 276 43.12 19.78 -23.76
C TYR H 276 42.80 21.01 -24.59
N ALA H 277 43.69 21.37 -25.51
CA ALA H 277 43.44 22.49 -26.40
C ALA H 277 42.52 22.12 -27.56
N GLY H 278 42.35 20.82 -27.82
CA GLY H 278 41.53 20.37 -28.92
C GLY H 278 42.22 20.56 -30.25
N TYR H 279 41.50 20.24 -31.31
CA TYR H 279 42.02 20.34 -32.66
C TYR H 279 41.07 21.18 -33.51
N SER H 280 41.63 22.00 -34.38
CA SER H 280 40.79 22.73 -35.33
C SER H 280 40.08 21.74 -36.24
N PHE H 281 38.92 22.15 -36.74
CA PHE H 281 38.13 21.22 -37.54
C PHE H 281 38.80 20.88 -38.86
N GLU H 282 39.74 21.71 -39.32
CA GLU H 282 40.56 21.33 -40.46
C GLU H 282 41.51 20.20 -40.08
N LYS H 283 41.97 20.19 -38.83
CA LYS H 283 42.81 19.12 -38.34
C LYS H 283 42.00 17.89 -37.96
N LEU H 284 40.77 18.07 -37.48
CA LEU H 284 39.90 16.94 -37.19
C LEU H 284 39.40 16.28 -38.47
N PHE H 285 38.92 17.08 -39.42
CA PHE H 285 38.34 16.59 -40.67
C PHE H 285 39.12 17.18 -41.84
N PRO H 286 40.26 16.59 -42.20
CA PRO H 286 40.99 17.08 -43.38
C PRO H 286 40.21 16.81 -44.65
N ASP H 287 40.64 17.48 -45.72
CA ASP H 287 39.95 17.33 -47.01
C ASP H 287 40.05 15.90 -47.53
N VAL H 288 41.10 15.16 -47.14
CA VAL H 288 41.30 13.81 -47.67
C VAL H 288 40.18 12.87 -47.20
N LEU H 289 39.57 13.16 -46.05
CA LEU H 289 38.52 12.31 -45.53
C LEU H 289 37.18 12.54 -46.23
N PHE H 290 37.04 13.68 -46.96
CA PHE H 290 35.83 14.02 -47.71
C PHE H 290 35.95 13.55 -49.16
N PRO H 291 34.82 13.28 -49.81
CA PRO H 291 34.85 12.98 -51.25
C PRO H 291 35.22 14.22 -52.05
N ALA H 292 35.41 14.02 -53.35
CA ALA H 292 35.73 15.14 -54.23
C ALA H 292 34.61 16.17 -54.21
N ASP H 293 34.99 17.44 -54.24
CA ASP H 293 34.02 18.53 -54.18
C ASP H 293 33.04 18.41 -55.34
N SER H 294 31.75 18.25 -55.01
CA SER H 294 30.72 18.08 -56.02
C SER H 294 30.67 19.29 -56.96
N GLU H 295 30.06 19.07 -58.12
CA GLU H 295 29.89 20.13 -59.11
C GLU H 295 29.03 21.27 -58.61
N HIS H 296 28.30 21.09 -57.52
CA HIS H 296 27.49 22.16 -56.95
C HIS H 296 28.35 23.02 -56.03
N ASN H 297 28.11 24.34 -56.07
CA ASN H 297 28.94 25.27 -55.33
C ASN H 297 28.77 25.13 -53.82
N LYS H 298 27.58 24.75 -53.36
CA LYS H 298 27.34 24.64 -51.92
C LYS H 298 27.89 23.37 -51.31
N LEU H 299 28.09 22.32 -52.10
CA LEU H 299 28.52 21.01 -51.58
C LEU H 299 30.04 20.89 -51.66
N LYS H 300 30.70 21.66 -50.81
CA LYS H 300 32.15 21.67 -50.72
C LYS H 300 32.60 20.95 -49.44
N ALA H 301 33.85 20.48 -49.45
CA ALA H 301 34.41 19.86 -48.25
C ALA H 301 34.54 20.87 -47.12
N SER H 302 34.79 22.13 -47.45
CA SER H 302 34.89 23.17 -46.42
C SER H 302 33.52 23.52 -45.86
N GLN H 303 32.47 23.39 -46.68
CA GLN H 303 31.13 23.70 -46.20
C GLN H 303 30.62 22.64 -45.24
N ALA H 304 30.86 21.36 -45.54
CA ALA H 304 30.50 20.29 -44.62
C ALA H 304 31.26 20.41 -43.31
N ARG H 305 32.54 20.77 -43.38
CA ARG H 305 33.34 20.98 -42.17
C ARG H 305 32.82 22.17 -41.37
N ASP H 306 32.29 23.20 -42.03
CA ASP H 306 31.74 24.33 -41.31
C ASP H 306 30.49 23.94 -40.53
N LEU H 307 29.66 23.07 -41.10
CA LEU H 307 28.46 22.61 -40.40
C LEU H 307 28.84 21.79 -39.18
N LEU H 308 29.89 20.97 -39.29
CA LEU H 308 30.36 20.21 -38.15
C LEU H 308 30.85 21.13 -37.03
N SER H 309 31.52 22.22 -37.40
CA SER H 309 32.04 23.15 -36.41
C SER H 309 30.94 23.86 -35.62
N LYS H 310 29.70 23.85 -36.13
CA LYS H 310 28.58 24.46 -35.43
C LYS H 310 27.72 23.45 -34.68
N MET H 311 27.81 22.18 -35.02
CA MET H 311 27.05 21.14 -34.34
C MET H 311 27.82 20.54 -33.16
N LEU H 312 29.06 20.12 -33.40
CA LEU H 312 29.89 19.55 -32.35
C LEU H 312 30.44 20.68 -31.49
N VAL H 313 29.57 21.20 -30.64
CA VAL H 313 29.90 22.29 -29.72
C VAL H 313 29.45 21.88 -28.32
N ILE H 314 30.37 21.94 -27.36
CA ILE H 314 30.07 21.46 -26.02
C ILE H 314 29.04 22.35 -25.35
N ASP H 315 29.18 23.67 -25.48
CA ASP H 315 28.24 24.61 -24.89
C ASP H 315 26.98 24.67 -25.76
N ALA H 316 25.87 24.15 -25.25
CA ALA H 316 24.63 24.16 -26.01
C ALA H 316 24.16 25.57 -26.34
N SER H 317 24.53 26.56 -25.50
CA SER H 317 24.15 27.94 -25.78
C SER H 317 24.79 28.45 -27.07
N LYS H 318 25.99 28.00 -27.39
CA LYS H 318 26.67 28.40 -28.63
C LYS H 318 26.45 27.40 -29.76
N ARG H 319 25.74 26.30 -29.52
CA ARG H 319 25.48 25.33 -30.56
C ARG H 319 24.37 25.85 -31.48
N ILE H 320 24.47 25.49 -32.76
CA ILE H 320 23.47 25.91 -33.73
C ILE H 320 22.17 25.13 -33.49
N SER H 321 21.07 25.72 -33.94
CA SER H 321 19.75 25.13 -33.71
C SER H 321 19.33 24.25 -34.89
N VAL H 322 18.18 23.59 -34.74
CA VAL H 322 17.65 22.75 -35.82
C VAL H 322 17.27 23.61 -37.01
N ASP H 323 16.57 24.73 -36.76
CA ASP H 323 16.11 25.58 -37.85
C ASP H 323 17.28 26.26 -38.55
N GLU H 324 18.29 26.66 -37.79
CA GLU H 324 19.47 27.28 -38.37
C GLU H 324 20.30 26.30 -39.19
N ALA H 325 20.30 25.03 -38.78
CA ALA H 325 21.01 24.01 -39.56
C ALA H 325 20.32 23.74 -40.89
N LEU H 326 18.99 23.77 -40.91
CA LEU H 326 18.25 23.59 -42.15
C LEU H 326 18.49 24.73 -43.14
N GLN H 327 18.88 25.90 -42.66
CA GLN H 327 19.22 27.03 -43.52
C GLN H 327 20.72 27.10 -43.83
N HIS H 328 21.52 26.18 -43.30
CA HIS H 328 22.94 26.17 -43.61
C HIS H 328 23.13 25.84 -45.09
N PRO H 329 24.09 26.48 -45.77
CA PRO H 329 24.26 26.25 -47.21
C PRO H 329 24.48 24.78 -47.58
N TYR H 330 25.12 24.00 -46.70
CA TYR H 330 25.35 22.59 -47.01
C TYR H 330 24.06 21.78 -46.98
N ILE H 331 23.05 22.24 -46.25
CA ILE H 331 21.78 21.53 -46.15
C ILE H 331 20.69 22.21 -46.97
N ASN H 332 20.72 23.55 -47.04
CA ASN H 332 19.68 24.34 -47.69
C ASN H 332 19.52 24.00 -49.17
N VAL H 333 20.39 23.17 -49.74
CA VAL H 333 20.29 22.83 -51.16
C VAL H 333 18.95 22.17 -51.47
N TRP H 334 18.48 21.29 -50.57
CA TRP H 334 17.28 20.50 -50.81
C TRP H 334 16.06 21.04 -50.09
N TYR H 335 16.10 22.28 -49.61
CA TYR H 335 15.05 22.76 -48.72
C TYR H 335 13.72 22.84 -49.46
N ASP H 336 12.72 22.16 -48.91
CA ASP H 336 11.35 22.20 -49.40
C ASP H 336 10.48 22.50 -48.20
N PRO H 337 9.72 23.61 -48.20
CA PRO H 337 8.96 23.97 -46.99
C PRO H 337 7.91 22.94 -46.60
N SER H 338 7.40 22.15 -47.56
CA SER H 338 6.42 21.13 -47.22
C SER H 338 7.03 19.99 -46.41
N GLU H 339 8.34 19.81 -46.45
CA GLU H 339 9.00 18.75 -45.70
C GLU H 339 9.56 19.22 -44.37
N ALA H 340 10.08 20.44 -44.31
CA ALA H 340 10.64 20.97 -43.07
C ALA H 340 9.56 21.66 -42.24
N GLU H 341 8.76 22.53 -42.86
CA GLU H 341 7.70 23.28 -42.18
C GLU H 341 6.37 22.55 -42.25
N ALA H 342 6.36 21.24 -42.04
CA ALA H 342 5.12 20.49 -42.06
C ALA H 342 4.27 20.85 -40.84
N PRO H 343 2.95 20.73 -40.94
CA PRO H 343 2.08 21.05 -39.80
C PRO H 343 2.39 20.17 -38.61
N PRO H 344 2.49 20.76 -37.42
CA PRO H 344 2.89 19.98 -36.25
C PRO H 344 1.86 18.93 -35.93
N PRO H 345 2.28 17.79 -35.38
CA PRO H 345 1.32 16.74 -35.05
C PRO H 345 0.48 17.12 -33.84
N LYS H 346 -0.77 16.66 -33.86
CA LYS H 346 -1.72 16.93 -32.79
C LYS H 346 -1.72 15.71 -31.87
N ILE H 347 -1.19 15.88 -30.66
CA ILE H 347 -1.10 14.80 -29.68
C ILE H 347 -2.37 14.80 -28.84
N PRO H 348 -3.11 13.69 -28.76
CA PRO H 348 -4.35 13.70 -28.00
C PRO H 348 -4.14 13.84 -26.50
N ASP H 349 -3.12 13.19 -25.95
CA ASP H 349 -2.89 13.15 -24.51
C ASP H 349 -1.99 14.31 -24.11
N LYS H 350 -2.54 15.24 -23.32
CA LYS H 350 -1.74 16.36 -22.82
C LYS H 350 -0.80 15.93 -21.69
N GLN H 351 -1.10 14.83 -21.02
CA GLN H 351 -0.22 14.27 -19.98
C GLN H 351 0.54 13.06 -20.50
N LEU H 352 1.19 13.23 -21.65
CA LEU H 352 1.81 12.10 -22.33
C LEU H 352 2.99 11.54 -21.54
N ASP H 353 3.92 12.39 -21.13
CA ASP H 353 5.11 11.93 -20.42
C ASP H 353 5.01 12.05 -18.91
N GLU H 354 4.05 12.83 -18.40
CA GLU H 354 3.96 13.11 -16.98
C GLU H 354 3.15 12.07 -16.20
N ARG H 355 2.33 11.27 -16.88
CA ARG H 355 1.44 10.36 -16.16
C ARG H 355 2.21 9.18 -15.60
N GLU H 356 1.86 8.78 -14.38
CA GLU H 356 2.45 7.61 -13.73
C GLU H 356 1.33 6.71 -13.25
N HIS H 357 1.45 5.41 -13.50
CA HIS H 357 0.40 4.46 -13.21
C HIS H 357 0.98 3.16 -12.67
N THR H 358 0.11 2.31 -12.15
CA THR H 358 0.49 0.96 -11.78
C THR H 358 0.43 0.04 -12.99
N ILE H 359 0.92 -1.19 -12.82
CA ILE H 359 1.02 -2.12 -13.93
C ILE H 359 -0.36 -2.48 -14.48
N GLU H 360 -1.37 -2.56 -13.60
CA GLU H 360 -2.72 -2.83 -14.09
C GLU H 360 -3.31 -1.63 -14.81
N GLU H 361 -2.91 -0.42 -14.41
CA GLU H 361 -3.37 0.77 -15.10
C GLU H 361 -2.68 0.93 -16.46
N TRP H 362 -1.39 0.60 -16.53
CA TRP H 362 -0.70 0.62 -17.82
C TRP H 362 -1.24 -0.45 -18.75
N LYS H 363 -1.55 -1.63 -18.19
CA LYS H 363 -2.10 -2.72 -19.00
C LYS H 363 -3.39 -2.30 -19.68
N GLU H 364 -4.30 -1.68 -18.92
CA GLU H 364 -5.56 -1.21 -19.50
C GLU H 364 -5.33 -0.01 -20.41
N LEU H 365 -4.42 0.89 -20.03
CA LEU H 365 -4.18 2.07 -20.84
C LEU H 365 -3.57 1.72 -22.19
N ILE H 366 -2.63 0.78 -22.21
CA ILE H 366 -2.03 0.34 -23.47
C ILE H 366 -3.03 -0.48 -24.28
N TYR H 367 -3.80 -1.34 -23.60
CA TYR H 367 -4.79 -2.16 -24.28
C TYR H 367 -5.80 -1.29 -25.04
N LYS H 368 -6.20 -0.16 -24.46
CA LYS H 368 -7.13 0.72 -25.16
C LYS H 368 -6.49 1.32 -26.40
N GLU H 369 -5.19 1.63 -26.34
CA GLU H 369 -4.49 2.15 -27.50
C GLU H 369 -4.40 1.10 -28.60
N VAL H 370 -4.21 -0.17 -28.22
CA VAL H 370 -4.16 -1.24 -29.20
C VAL H 370 -5.53 -1.47 -29.83
N MET H 371 -6.59 -1.35 -29.04
CA MET H 371 -7.95 -1.67 -29.45
C MET H 371 -8.69 -0.50 -30.09
N ASP H 372 -8.08 0.69 -30.16
CA ASP H 372 -8.75 1.85 -30.73
C ASP H 372 -7.85 2.57 -31.72
N PRO I 2 20.01 21.59 -57.87
CA PRO I 2 20.10 20.22 -58.38
C PRO I 2 18.94 19.35 -57.90
N LYS I 3 18.90 18.10 -58.35
CA LYS I 3 17.85 17.17 -57.97
C LYS I 3 18.38 16.17 -56.94
N ARG I 4 17.47 15.72 -56.08
CA ARG I 4 17.83 14.84 -54.98
C ARG I 4 18.33 13.50 -55.52
N PRO I 5 19.31 12.87 -54.87
CA PRO I 5 19.75 11.55 -55.31
C PRO I 5 18.60 10.55 -55.24
N THR I 6 18.57 9.64 -56.22
CA THR I 6 17.44 8.73 -56.36
C THR I 6 17.79 7.28 -56.08
N THR I 7 19.04 7.00 -55.69
CA THR I 7 19.47 5.64 -55.43
C THR I 7 20.54 5.69 -54.36
N LEU I 8 20.61 4.61 -53.58
CA LEU I 8 21.66 4.47 -52.59
C LEU I 8 22.48 3.22 -52.87
N ASN I 9 22.17 2.51 -53.96
CA ASN I 9 22.97 1.38 -54.40
C ASN I 9 24.18 1.90 -55.16
N LEU I 10 25.36 1.38 -54.83
CA LEU I 10 26.55 1.75 -55.58
C LEU I 10 26.64 0.84 -56.81
N PHE I 11 27.79 0.86 -57.48
CA PHE I 11 28.08 -0.09 -58.55
C PHE I 11 26.99 -0.14 -59.62
CA IVA J 1 19.47 25.66 -14.54
CB IVA J 1 20.29 26.24 -15.68
CG1 IVA J 1 19.58 27.42 -16.34
CG2 IVA J 1 21.69 26.64 -15.21
C IVA J 1 19.77 24.19 -14.40
O IVA J 1 19.96 23.50 -15.39
N VAL J 2 19.89 23.84 -13.08
CA VAL J 2 19.96 22.42 -12.72
C VAL J 2 18.90 22.08 -11.68
N VAL J 3 18.46 20.82 -11.71
CA VAL J 3 17.45 20.34 -10.77
C VAL J 3 17.86 18.94 -10.29
N STA J 4 19.17 18.85 -10.02
CA STA J 4 20.16 17.85 -9.64
CB STA J 4 19.94 17.55 -8.16
CG STA J 4 20.39 18.74 -7.31
CD1 STA J 4 19.18 19.54 -6.81
CD2 STA J 4 21.18 18.22 -6.11
CH STA J 4 19.89 16.59 -10.46
OH STA J 4 19.87 16.91 -11.82
CM STA J 4 20.95 15.52 -10.18
C STA J 4 20.79 14.37 -11.17
O STA J 4 19.94 14.45 -12.10
N ALA J 5 21.59 13.37 -11.65
CA ALA J 5 21.98 12.55 -12.81
C ALA J 5 22.83 11.36 -12.39
N STA J 6 23.40 10.38 -13.20
CA STA J 6 24.46 9.39 -13.04
CB STA J 6 24.45 8.25 -14.06
CG STA J 6 23.06 7.92 -14.61
CD1 STA J 6 23.23 6.82 -15.65
CD2 STA J 6 22.17 7.39 -13.49
CH STA J 6 25.83 10.04 -12.81
OH STA J 6 26.55 9.23 -11.92
CM STA J 6 26.68 10.22 -14.06
C STA J 6 28.06 10.66 -13.61
O STA J 6 28.51 11.79 -13.92
OXT STA J 6 28.77 9.88 -12.90
S SO4 K . 33.12 -6.24 -8.96
O1 SO4 K . 33.75 -5.01 -8.47
O2 SO4 K . 33.15 -6.24 -10.42
O3 SO4 K . 33.86 -7.39 -8.45
O4 SO4 K . 31.74 -6.30 -8.50
S SO4 L . -10.54 -30.45 -5.94
O1 SO4 L . -11.00 -30.36 -7.32
O2 SO4 L . -9.08 -30.50 -5.93
O3 SO4 L . -11.00 -29.29 -5.19
O4 SO4 L . -11.07 -31.66 -5.33
O5' ADN M . -31.54 -16.97 2.46
C5' ADN M . -31.76 -18.33 2.10
C4' ADN M . -33.09 -18.83 2.62
O4' ADN M . -33.74 -17.77 3.37
C3' ADN M . -34.11 -19.22 1.53
O3' ADN M . -34.00 -20.59 1.16
C2' ADN M . -35.45 -18.87 2.16
O2' ADN M . -35.87 -19.87 3.06
C1' ADN M . -35.08 -17.62 2.97
N9 ADN M . -35.20 -16.38 2.18
C8 ADN M . -34.17 -15.59 1.75
N7 ADN M . -34.68 -14.56 1.08
C5 ADN M . -36.03 -14.70 1.08
C6 ADN M . -37.02 -13.94 0.55
N6 ADN M . -37.09 -12.66 -0.26
N1 ADN M . -38.27 -14.30 0.69
C2 ADN M . -38.57 -15.43 1.37
N3 ADN M . -37.58 -16.19 1.90
C4 ADN M . -36.33 -15.83 1.77
S SO4 N . -6.29 -37.72 -28.67
O1 SO4 N . -6.28 -36.28 -28.42
O2 SO4 N . -6.37 -37.96 -30.10
O3 SO4 N . -5.07 -38.32 -28.15
O4 SO4 N . -7.44 -38.32 -28.00
S SO4 O . -56.47 -27.63 -9.15
O1 SO4 O . -55.47 -26.88 -9.91
O2 SO4 O . -57.80 -27.19 -9.52
O3 SO4 O . -56.26 -27.41 -7.72
O4 SO4 O . -56.33 -29.06 -9.45
S SO4 P . -17.14 -28.75 -2.47
O1 SO4 P . -17.13 -27.41 -3.05
O2 SO4 P . -17.43 -29.72 -3.51
O3 SO4 P . -15.83 -29.02 -1.89
O4 SO4 P . -18.15 -28.83 -1.43
S SO4 Q . -21.84 -25.30 0.71
O1 SO4 Q . -21.85 -23.88 1.05
O2 SO4 Q . -20.49 -25.70 0.31
O3 SO4 Q . -22.76 -25.55 -0.39
O4 SO4 Q . -22.25 -26.08 1.87
S SO4 R . -5.51 -5.07 0.66
O1 SO4 R . -6.03 -5.19 -0.70
O2 SO4 R . -4.88 -3.75 0.82
O3 SO4 R . -4.52 -6.11 0.91
O4 SO4 R . -6.60 -5.20 1.62
S SO4 S . -6.71 -34.35 9.93
O1 SO4 S . -7.05 -32.93 9.81
O2 SO4 S . -5.26 -34.50 9.91
O3 SO4 S . -7.29 -35.09 8.82
O4 SO4 S . -7.24 -34.86 11.18
S SO4 T . -23.56 -43.41 7.34
O1 SO4 T . -24.78 -43.13 6.58
O2 SO4 T . -22.42 -42.78 6.66
O3 SO4 T . -23.36 -44.85 7.42
O4 SO4 T . -23.70 -42.85 8.68
S SO4 U . -2.12 -36.14 17.26
O1 SO4 U . -3.31 -35.35 17.02
O2 SO4 U . -1.11 -35.82 16.25
O3 SO4 U . -2.45 -37.56 17.18
O4 SO4 U . -1.60 -35.85 18.59
S SO4 V . -27.92 -29.92 26.31
O1 SO4 V . -27.68 -29.12 25.10
O2 SO4 V . -27.13 -31.14 26.27
O3 SO4 V . -27.54 -29.13 27.49
O4 SO4 V . -29.35 -30.25 26.39
O5' ADN W . 0.79 32.95 17.69
C5' ADN W . 0.00 33.38 18.78
C4' ADN W . 0.73 34.42 19.62
O4' ADN W . 1.49 35.30 18.78
C3' ADN W . -0.14 35.31 20.51
O3' ADN W . 0.23 35.28 21.87
C2' ADN W . -0.08 36.71 19.87
O2' ADN W . 0.51 37.65 20.76
C1' ADN W . 0.83 36.54 18.66
N9 ADN W . 0.10 36.61 17.38
C8 ADN W . -0.13 35.63 16.45
N7 ADN W . -0.83 36.16 15.44
C5 ADN W . -1.03 37.47 15.72
C6 ADN W . -1.67 38.46 15.04
N6 ADN W . -2.42 38.56 13.74
N1 ADN W . -1.73 39.67 15.54
C2 ADN W . -1.14 39.93 16.74
N3 ADN W . -0.51 38.94 17.41
C4 ADN W . -0.45 37.73 16.92
S SO4 X . -1.75 18.49 29.70
O1 SO4 X . -1.56 19.86 29.27
O2 SO4 X . -2.52 17.77 28.69
O3 SO4 X . -0.46 17.84 29.88
O4 SO4 X . -2.49 18.47 30.96
S SO4 Y . -26.02 5.07 40.38
O1 SO4 Y . -27.04 5.64 39.51
O2 SO4 Y . -24.74 5.71 40.12
O3 SO4 Y . -26.41 5.28 41.77
O4 SO4 Y . -25.91 3.64 40.11
S SO4 Z . 0.27 23.24 26.17
O1 SO4 Z . 1.55 23.91 26.28
O2 SO4 Z . -0.28 23.44 24.84
O3 SO4 Z . 0.44 21.80 26.41
O4 SO4 Z . -0.65 23.77 27.17
S SO4 AA . 16.98 34.39 -1.80
O1 SO4 AA . 16.96 35.77 -2.27
O2 SO4 AA . 17.31 33.50 -2.90
O3 SO4 AA . 18.00 34.26 -0.75
O4 SO4 AA . 15.68 34.04 -1.25
S SO4 BA . 11.44 9.34 34.93
O1 SO4 BA . 11.42 8.65 33.64
O2 SO4 BA . 12.78 9.85 35.19
O3 SO4 BA . 11.06 8.41 35.99
O4 SO4 BA . 10.49 10.45 34.90
S SO4 CA . 47.89 27.25 -10.94
O1 SO4 CA . 47.20 28.32 -11.65
O2 SO4 CA . 49.20 27.02 -11.55
O3 SO4 CA . 48.05 27.61 -9.54
O4 SO4 CA . 47.10 26.01 -11.04
S SO4 DA . 8.47 26.17 43.65
O1 SO4 DA . 9.72 26.69 43.10
O2 SO4 DA . 7.36 26.99 43.18
O3 SO4 DA . 8.52 26.21 45.11
O4 SO4 DA . 8.27 24.79 43.21
S SO4 EA . 25.91 31.47 28.54
O1 SO4 EA . 24.88 31.46 27.52
O2 SO4 EA . 27.20 31.12 27.94
O3 SO4 EA . 25.58 30.50 29.58
O4 SO4 EA . 26.00 32.80 29.13
O5' ADN FA . 15.53 -2.34 -34.13
C5' ADN FA . 16.89 -2.73 -34.25
C4' ADN FA . 17.29 -2.86 -35.70
O4' ADN FA . 16.25 -3.56 -36.43
C3' ADN FA . 17.47 -1.55 -36.44
O3' ADN FA . 18.75 -0.97 -36.24
C2' ADN FA . 17.21 -1.95 -37.89
O2' ADN FA . 18.37 -2.55 -38.47
C1' ADN FA . 16.14 -3.02 -37.73
N9 ADN FA . 14.78 -2.49 -37.90
C8 ADN FA . 13.86 -2.22 -36.92
N7 ADN FA . 12.76 -1.75 -37.50
C5 ADN FA . 12.97 -1.72 -38.83
C6 ADN FA . 12.18 -1.34 -39.87
N6 ADN FA . 10.78 -0.79 -40.04
N1 ADN FA . 12.64 -1.42 -41.10
C2 ADN FA . 13.90 -1.87 -41.33
N3 ADN FA . 14.69 -2.25 -40.29
C4 ADN FA . 14.23 -2.18 -39.06
S SO4 GA . 26.30 3.96 -20.19
O1 SO4 GA . 25.32 4.78 -20.92
O2 SO4 GA . 27.63 4.52 -20.39
O3 SO4 GA . 26.26 2.59 -20.71
O4 SO4 GA . 25.97 3.96 -18.77
S SO4 HA . 30.93 31.49 -9.68
O1 SO4 HA . 30.55 32.90 -9.60
O2 SO4 HA . 32.35 31.38 -9.96
O3 SO4 HA . 30.16 30.84 -10.75
O4 SO4 HA . 30.63 30.84 -8.40
S SO4 IA . 31.92 29.68 -49.89
O1 SO4 IA . 32.64 30.92 -50.15
O2 SO4 IA . 31.33 29.20 -51.14
O3 SO4 IA . 32.83 28.67 -49.36
O4 SO4 IA . 30.86 29.93 -48.92
S SO4 JA . -0.69 -22.34 -34.35
O1 SO4 JA . -0.24 -20.98 -34.06
O2 SO4 JA . -0.22 -22.73 -35.67
O3 SO4 JA . -0.14 -23.25 -33.35
O4 SO4 JA . -2.15 -22.39 -34.32
S SO4 KA . 21.48 0.04 -49.10
O1 SO4 KA . 21.59 1.06 -50.14
O2 SO4 KA . 21.66 -1.28 -49.70
O3 SO4 KA . 22.53 0.25 -48.11
O4 SO4 KA . 20.17 0.12 -48.46
#